data_5LBA
#
_entry.id   5LBA
#
_cell.length_a   63.926
_cell.length_b   85.261
_cell.length_c   105.915
_cell.angle_alpha   109.90
_cell.angle_beta   90.02
_cell.angle_gamma   97.01
#
_symmetry.space_group_name_H-M   'P 1'
#
loop_
_entity.id
_entity.type
_entity.pdbx_description
1 polymer 'ATP-dependent DNA helicase Q5'
2 non-polymer 'MAGNESIUM ION'
3 non-polymer 'ZINC ION'
4 non-polymer "ADENOSINE-5'-DIPHOSPHATE"
5 non-polymer 'DIMETHYL SULFOXIDE'
6 non-polymer 1-cyclohexyl-3-[[(2~{R})-oxolan-2-yl]methyl]urea
7 water water
#
_entity_poly.entity_id   1
_entity_poly.type   'polypeptide(L)'
_entity_poly.pdbx_seq_one_letter_code
;SMDPERRVRSTLKKVFGFDSFKTPLQESATMAVVKGNKDVFVCMPTGAGKSLCYQLPALLAKGITIVVSPLIALIQDQVD
HLLTLKVRVSSLNSKLSAQERKELLADLEREKPQTKILYITPEMAASSSFQPTLNSLVSRHLLSYLVVDEAHCVSQWGHD
FRPDYLRLGALRSRLGHAPCVALTATATPQVQEDVFAALHLKKPVAIFKTPCFRANLFYDVQFKELISDPYGNLKDFCLK
ALGQEADKGLSGCGIVYCRTREACEQLAIELSCRGVNAKAYHAGLKASERTLVQNDWMEEKVPVIVATISFGMGVDKANV
RFVAHWNIAKSMAGYYQESGRAGRDGKPSWCRLYYSRNDRDQVSFLIRKEVAKLQEKRGNKASDKATIMAFDALVTFCEE
LGCRHAAIAKYFGDALPACAKGCDHCQNPTAVRRRLEALERSSSW
;
_entity_poly.pdbx_strand_id   B,A,C,D
#
loop_
_chem_comp.id
_chem_comp.type
_chem_comp.name
_chem_comp.formula
6SV non-polymer 1-cyclohexyl-3-[[(2~{R})-oxolan-2-yl]methyl]urea 'C12 H22 N2 O2'
ADP non-polymer ADENOSINE-5'-DIPHOSPHATE 'C10 H15 N5 O10 P2'
DMS non-polymer 'DIMETHYL SULFOXIDE' 'C2 H6 O S'
MG non-polymer 'MAGNESIUM ION' 'Mg 2'
ZN non-polymer 'ZINC ION' 'Zn 2'
#
# COMPACT_ATOMS: atom_id res chain seq x y z
N ASP A 3 16.58 -21.10 -13.14
CA ASP A 3 15.85 -21.11 -11.82
C ASP A 3 16.74 -21.55 -10.66
N PRO A 4 17.17 -20.59 -9.81
CA PRO A 4 17.78 -20.97 -8.54
C PRO A 4 16.78 -21.68 -7.61
N GLU A 5 15.52 -21.24 -7.62
CA GLU A 5 14.49 -21.85 -6.76
C GLU A 5 14.32 -23.37 -6.95
N ARG A 6 14.51 -23.86 -8.19
CA ARG A 6 14.52 -25.30 -8.45
C ARG A 6 15.67 -25.91 -7.66
N ARG A 7 16.87 -25.43 -7.92
CA ARG A 7 18.10 -25.97 -7.33
C ARG A 7 18.07 -25.98 -5.79
N VAL A 8 17.58 -24.86 -5.23
CA VAL A 8 17.43 -24.70 -3.79
C VAL A 8 16.43 -25.76 -3.29
N ARG A 9 15.27 -25.84 -3.94
CA ARG A 9 14.20 -26.73 -3.47
C ARG A 9 14.67 -28.18 -3.49
N SER A 10 15.36 -28.57 -4.57
CA SER A 10 15.93 -29.92 -4.69
C SER A 10 16.87 -30.24 -3.53
N THR A 11 17.87 -29.38 -3.30
CA THR A 11 18.91 -29.66 -2.32
C THR A 11 18.35 -29.67 -0.88
N LEU A 12 17.37 -28.81 -0.63
CA LEU A 12 16.67 -28.76 0.66
C LEU A 12 15.99 -30.09 1.01
N LYS A 13 15.49 -30.77 -0.03
CA LYS A 13 14.91 -32.11 0.09
C LYS A 13 16.00 -33.20 0.06
N LYS A 14 16.68 -33.31 -1.08
CA LYS A 14 17.63 -34.41 -1.35
C LYS A 14 18.81 -34.56 -0.35
N VAL A 15 19.30 -33.42 0.17
CA VAL A 15 20.39 -33.42 1.17
C VAL A 15 19.88 -33.17 2.59
N PHE A 16 19.03 -32.16 2.76
CA PHE A 16 18.59 -31.75 4.12
C PHE A 16 17.29 -32.41 4.60
N GLY A 17 16.49 -32.93 3.68
CA GLY A 17 15.26 -33.64 4.04
C GLY A 17 14.18 -32.75 4.61
N PHE A 18 14.07 -31.53 4.06
CA PHE A 18 12.99 -30.60 4.41
C PHE A 18 12.20 -30.32 3.13
N ASP A 19 10.88 -30.24 3.27
CA ASP A 19 9.99 -29.87 2.13
C ASP A 19 9.79 -28.35 2.05
N SER A 20 9.96 -27.67 3.19
CA SER A 20 9.74 -26.22 3.31
C SER A 20 10.84 -25.51 4.14
N PHE A 21 10.85 -24.16 4.08
CA PHE A 21 11.67 -23.32 4.98
C PHE A 21 10.89 -23.04 6.25
N LYS A 22 11.56 -22.96 7.41
CA LYS A 22 10.88 -22.69 8.69
C LYS A 22 10.11 -21.37 8.71
N THR A 23 10.67 -20.32 8.11
CA THR A 23 9.96 -19.04 7.84
C THR A 23 10.32 -18.54 6.43
N PRO A 24 9.49 -17.64 5.87
CA PRO A 24 9.92 -16.83 4.73
C PRO A 24 11.24 -16.08 4.96
N LEU A 25 11.47 -15.55 6.17
CA LEU A 25 12.75 -14.86 6.47
C LEU A 25 13.98 -15.76 6.28
N GLN A 26 13.90 -17.01 6.72
CA GLN A 26 14.95 -18.01 6.41
C GLN A 26 15.16 -18.21 4.91
N GLU A 27 14.06 -18.21 4.16
CA GLU A 27 14.07 -18.35 2.71
C GLU A 27 14.66 -17.13 2.00
N SER A 28 14.18 -15.94 2.36
CA SER A 28 14.71 -14.66 1.84
C SER A 28 16.23 -14.56 2.03
N ALA A 29 16.71 -14.97 3.21
CA ALA A 29 18.14 -14.88 3.53
C ALA A 29 18.94 -15.82 2.64
N THR A 30 18.45 -17.05 2.59
CA THR A 30 19.06 -18.13 1.83
C THR A 30 19.16 -17.81 0.35
N MET A 31 18.17 -17.15 -0.22
CA MET A 31 18.20 -16.77 -1.65
C MET A 31 19.27 -15.70 -1.93
N ALA A 32 19.31 -14.67 -1.09
CA ALA A 32 20.33 -13.61 -1.20
C ALA A 32 21.78 -14.12 -1.13
N VAL A 33 22.05 -15.11 -0.29
CA VAL A 33 23.37 -15.76 -0.21
C VAL A 33 23.67 -16.54 -1.51
N VAL A 34 22.68 -17.26 -2.03
CA VAL A 34 22.86 -17.99 -3.29
C VAL A 34 23.26 -17.00 -4.38
N LYS A 35 22.44 -15.94 -4.57
CA LYS A 35 22.69 -14.93 -5.61
C LYS A 35 24.13 -14.45 -5.66
N GLY A 36 24.80 -14.30 -4.52
CA GLY A 36 26.25 -14.09 -4.45
C GLY A 36 26.78 -12.73 -4.85
N ASN A 37 25.91 -11.74 -5.04
CA ASN A 37 26.35 -10.40 -5.42
C ASN A 37 26.69 -9.50 -4.23
N LYS A 38 25.97 -9.64 -3.10
CA LYS A 38 26.04 -8.69 -1.96
C LYS A 38 26.66 -9.32 -0.72
N ASP A 39 26.96 -8.50 0.29
CA ASP A 39 27.23 -9.03 1.66
C ASP A 39 25.95 -9.10 2.51
N VAL A 40 25.91 -10.07 3.43
CA VAL A 40 24.65 -10.41 4.13
C VAL A 40 24.82 -10.55 5.65
N PHE A 41 23.81 -10.04 6.36
CA PHE A 41 23.70 -10.11 7.82
C PHE A 41 22.39 -10.81 8.19
N VAL A 42 22.48 -11.87 8.96
CA VAL A 42 21.32 -12.68 9.31
C VAL A 42 21.25 -12.64 10.80
N CYS A 43 20.20 -11.99 11.30
CA CYS A 43 19.94 -11.86 12.73
C CYS A 43 18.57 -12.46 13.03
N MET A 44 18.58 -13.68 13.56
CA MET A 44 17.36 -14.39 13.93
C MET A 44 17.63 -15.14 15.22
N PRO A 45 16.57 -15.43 15.98
CA PRO A 45 16.78 -16.10 17.28
C PRO A 45 17.47 -17.45 17.18
N THR A 46 18.05 -17.88 18.29
CA THR A 46 18.64 -19.24 18.38
C THR A 46 17.55 -20.30 18.17
N GLY A 47 17.78 -21.26 17.30
CA GLY A 47 16.72 -22.22 16.92
C GLY A 47 16.03 -21.91 15.59
N ALA A 48 16.27 -20.71 15.05
CA ALA A 48 15.63 -20.32 13.81
C ALA A 48 16.18 -20.99 12.56
N GLY A 49 17.28 -21.72 12.65
CA GLY A 49 17.88 -22.29 11.43
C GLY A 49 18.72 -21.33 10.59
N LYS A 50 19.54 -20.53 11.27
CA LYS A 50 20.54 -19.70 10.62
C LYS A 50 21.57 -20.52 9.86
N SER A 51 21.98 -21.69 10.40
CA SER A 51 22.99 -22.56 9.74
C SER A 51 22.64 -22.85 8.30
N LEU A 52 21.35 -23.12 8.05
CA LEU A 52 20.90 -23.52 6.71
C LEU A 52 21.16 -22.43 5.69
N CYS A 53 21.07 -21.17 6.11
CA CYS A 53 21.26 -20.02 5.21
C CYS A 53 22.62 -19.89 4.53
N TYR A 54 23.67 -20.50 5.08
CA TYR A 54 24.95 -20.59 4.40
C TYR A 54 25.34 -22.02 3.98
N GLN A 55 25.00 -23.04 4.79
CA GLN A 55 25.32 -24.44 4.43
C GLN A 55 24.71 -24.93 3.12
N LEU A 56 23.50 -24.48 2.80
CA LEU A 56 22.84 -24.90 1.56
C LEU A 56 23.48 -24.26 0.35
N PRO A 57 23.62 -22.89 0.33
CA PRO A 57 24.26 -22.23 -0.80
C PRO A 57 25.68 -22.71 -1.08
N ALA A 58 26.45 -23.04 -0.05
CA ALA A 58 27.80 -23.59 -0.25
C ALA A 58 27.84 -24.80 -1.20
N LEU A 59 26.83 -25.67 -1.10
CA LEU A 59 26.72 -26.89 -1.92
C LEU A 59 26.37 -26.60 -3.41
N LEU A 60 25.60 -25.54 -3.65
CA LEU A 60 25.26 -25.08 -5.02
C LEU A 60 26.36 -24.27 -5.72
N ALA A 61 27.45 -23.96 -5.02
CA ALA A 61 28.53 -23.16 -5.54
C ALA A 61 29.62 -24.11 -6.05
N LYS A 62 30.52 -23.58 -6.88
CA LYS A 62 31.62 -24.37 -7.45
C LYS A 62 32.78 -24.69 -6.48
N GLY A 63 33.19 -23.70 -5.68
CA GLY A 63 34.38 -23.79 -4.83
C GLY A 63 34.09 -24.09 -3.38
N ILE A 64 35.03 -23.73 -2.51
CA ILE A 64 34.98 -24.04 -1.06
C ILE A 64 34.45 -22.86 -0.24
N THR A 65 33.63 -23.19 0.76
CA THR A 65 33.13 -22.23 1.73
C THR A 65 33.93 -22.45 3.03
N ILE A 66 34.49 -21.35 3.56
CA ILE A 66 35.18 -21.32 4.85
C ILE A 66 34.22 -20.73 5.86
N VAL A 67 34.10 -21.38 7.03
CA VAL A 67 33.11 -21.03 8.03
C VAL A 67 33.85 -20.90 9.34
N VAL A 68 33.72 -19.74 9.97
CA VAL A 68 34.41 -19.42 11.21
C VAL A 68 33.38 -19.54 12.33
N SER A 69 33.68 -20.41 13.29
CA SER A 69 32.84 -20.66 14.46
C SER A 69 33.74 -20.55 15.69
N PRO A 70 33.19 -20.09 16.85
CA PRO A 70 34.09 -19.76 17.97
C PRO A 70 34.77 -20.93 18.69
N LEU A 71 34.09 -22.08 18.80
CA LEU A 71 34.53 -23.21 19.63
C LEU A 71 34.53 -24.54 18.88
N ILE A 72 35.54 -25.37 19.18
CA ILE A 72 35.75 -26.68 18.56
C ILE A 72 34.58 -27.63 18.92
N ALA A 73 34.02 -27.44 20.13
CA ALA A 73 32.80 -28.13 20.58
C ALA A 73 31.57 -27.85 19.71
N LEU A 74 31.40 -26.61 19.27
CA LEU A 74 30.28 -26.26 18.35
C LEU A 74 30.61 -26.62 16.88
N ILE A 75 31.89 -26.53 16.49
CA ILE A 75 32.35 -27.05 15.20
C ILE A 75 32.04 -28.54 15.10
N GLN A 76 32.42 -29.32 16.11
CA GLN A 76 32.23 -30.78 16.10
C GLN A 76 30.74 -31.20 15.94
N ASP A 77 29.84 -30.55 16.68
CA ASP A 77 28.40 -30.81 16.52
C ASP A 77 27.95 -30.54 15.11
N GLN A 78 28.46 -29.48 14.50
CA GLN A 78 28.16 -29.14 13.11
C GLN A 78 28.72 -30.15 12.12
N VAL A 79 29.95 -30.58 12.36
CA VAL A 79 30.66 -31.53 11.48
C VAL A 79 29.94 -32.89 11.47
N ASP A 80 29.67 -33.42 12.66
CA ASP A 80 28.85 -34.64 12.86
C ASP A 80 27.42 -34.54 12.26
N HIS A 81 26.72 -33.44 12.50
CA HIS A 81 25.46 -33.18 11.78
C HIS A 81 25.61 -33.42 10.25
N LEU A 82 26.57 -32.73 9.64
CA LEU A 82 26.76 -32.78 8.20
C LEU A 82 27.33 -34.10 7.71
N LEU A 83 28.06 -34.82 8.57
CA LEU A 83 28.56 -36.17 8.23
C LEU A 83 27.42 -37.20 8.19
N THR A 84 26.41 -37.07 9.06
CA THR A 84 25.21 -37.93 8.99
C THR A 84 24.28 -37.61 7.81
N LEU A 85 24.51 -36.51 7.10
CA LEU A 85 23.77 -36.18 5.88
C LEU A 85 24.60 -36.41 4.60
N LYS A 86 25.69 -37.17 4.67
CA LYS A 86 26.54 -37.54 3.50
C LYS A 86 27.08 -36.32 2.70
N VAL A 87 27.65 -35.36 3.43
CA VAL A 87 28.22 -34.13 2.86
C VAL A 87 29.72 -34.09 3.13
N ARG A 88 30.47 -33.56 2.17
CA ARG A 88 31.91 -33.49 2.29
C ARG A 88 32.31 -32.24 3.11
N VAL A 89 32.57 -32.46 4.39
CA VAL A 89 32.86 -31.41 5.36
C VAL A 89 33.99 -31.86 6.31
N SER A 90 34.99 -31.01 6.48
CA SER A 90 36.09 -31.28 7.40
C SER A 90 36.32 -30.06 8.29
N SER A 91 37.15 -30.25 9.33
CA SER A 91 37.48 -29.24 10.33
C SER A 91 38.98 -29.22 10.53
N LEU A 92 39.54 -28.02 10.78
CA LEU A 92 41.00 -27.79 11.00
C LEU A 92 41.23 -27.08 12.35
N ASN A 93 41.88 -27.77 13.27
CA ASN A 93 42.04 -27.29 14.66
C ASN A 93 43.10 -28.06 15.46
N SER A 94 43.45 -27.52 16.63
CA SER A 94 44.43 -28.13 17.57
C SER A 94 44.13 -29.61 17.87
N LYS A 95 42.86 -29.93 18.10
CA LYS A 95 42.42 -31.29 18.46
C LYS A 95 42.67 -32.39 17.41
N LEU A 96 42.99 -32.01 16.17
CA LEU A 96 43.38 -32.98 15.16
C LEU A 96 44.82 -33.44 15.35
N SER A 97 45.12 -34.64 14.87
CA SER A 97 46.48 -35.17 14.83
C SER A 97 47.28 -34.51 13.73
N ALA A 98 48.59 -34.68 13.78
CA ALA A 98 49.51 -34.20 12.72
C ALA A 98 49.36 -35.03 11.43
N GLN A 99 48.89 -36.27 11.56
CA GLN A 99 48.66 -37.15 10.41
C GLN A 99 47.43 -36.70 9.61
N GLU A 100 46.30 -36.59 10.30
CA GLU A 100 45.03 -36.08 9.71
C GLU A 100 45.17 -34.67 9.13
N ARG A 101 45.84 -33.79 9.88
CA ARG A 101 46.18 -32.42 9.43
C ARG A 101 46.94 -32.41 8.08
N LYS A 102 47.83 -33.37 7.86
CA LYS A 102 48.57 -33.49 6.58
C LYS A 102 47.67 -33.96 5.44
N GLU A 103 46.76 -34.88 5.74
CA GLU A 103 45.80 -35.40 4.75
C GLU A 103 44.84 -34.31 4.25
N LEU A 104 44.36 -33.46 5.17
CA LEU A 104 43.45 -32.36 4.82
C LEU A 104 44.12 -31.27 4.01
N LEU A 105 45.32 -30.85 4.44
CA LEU A 105 46.10 -29.81 3.72
C LEU A 105 46.47 -30.27 2.33
N ALA A 106 46.75 -31.56 2.18
CA ALA A 106 46.92 -32.17 0.87
C ALA A 106 45.67 -31.98 0.02
N ASP A 107 44.50 -32.33 0.56
CA ASP A 107 43.21 -32.16 -0.16
C ASP A 107 43.00 -30.72 -0.66
N LEU A 108 43.35 -29.74 0.17
CA LEU A 108 43.18 -28.32 -0.20
C LEU A 108 44.15 -27.84 -1.29
N GLU A 109 45.33 -28.48 -1.39
CA GLU A 109 46.36 -28.13 -2.40
C GLU A 109 46.19 -28.79 -3.79
N ARG A 110 45.18 -29.65 -3.96
CA ARG A 110 44.75 -30.13 -5.29
C ARG A 110 43.97 -29.05 -6.04
N GLU A 111 43.68 -29.29 -7.32
CA GLU A 111 42.65 -28.51 -8.03
C GLU A 111 41.35 -29.31 -7.99
N LYS A 112 40.23 -28.61 -7.87
CA LYS A 112 38.94 -29.23 -7.52
C LYS A 112 39.04 -30.23 -6.34
N PRO A 113 39.34 -29.74 -5.10
CA PRO A 113 39.33 -30.59 -3.89
C PRO A 113 37.98 -31.25 -3.55
N GLN A 114 38.03 -32.37 -2.83
CA GLN A 114 36.82 -33.04 -2.34
C GLN A 114 36.08 -32.29 -1.21
N THR A 115 36.83 -31.70 -0.26
CA THR A 115 36.25 -30.87 0.82
C THR A 115 35.39 -29.73 0.26
N LYS A 116 34.16 -29.65 0.71
CA LYS A 116 33.23 -28.63 0.23
C LYS A 116 32.96 -27.51 1.24
N ILE A 117 33.05 -27.81 2.54
CA ILE A 117 32.81 -26.85 3.63
C ILE A 117 33.96 -27.07 4.63
N LEU A 118 34.65 -26.00 5.02
CA LEU A 118 35.79 -26.10 5.95
C LEU A 118 35.50 -25.28 7.19
N TYR A 119 35.30 -25.95 8.32
CA TYR A 119 35.09 -25.27 9.60
C TYR A 119 36.44 -24.98 10.19
N ILE A 120 36.58 -23.79 10.74
CA ILE A 120 37.86 -23.39 11.32
C ILE A 120 37.60 -22.39 12.44
N THR A 121 38.45 -22.40 13.45
CA THR A 121 38.36 -21.41 14.53
C THR A 121 39.02 -20.09 14.08
N PRO A 122 38.67 -18.95 14.76
CA PRO A 122 39.33 -17.65 14.44
C PRO A 122 40.83 -17.62 14.73
N GLU A 123 41.24 -18.25 15.82
CA GLU A 123 42.66 -18.52 16.08
C GLU A 123 43.36 -19.22 14.89
N MET A 124 42.79 -20.29 14.37
CA MET A 124 43.37 -21.02 13.21
C MET A 124 43.34 -20.23 11.89
N ALA A 125 42.30 -19.43 11.69
CA ALA A 125 42.20 -18.58 10.51
C ALA A 125 43.26 -17.48 10.48
N ALA A 126 43.62 -16.99 11.68
CA ALA A 126 44.68 -16.00 11.88
C ALA A 126 46.06 -16.59 12.23
N SER A 127 46.28 -17.88 11.96
CA SER A 127 47.56 -18.55 12.28
C SER A 127 48.58 -18.33 11.16
N SER A 128 49.85 -18.42 11.53
CA SER A 128 50.97 -18.33 10.59
C SER A 128 50.97 -19.59 9.76
N SER A 129 50.94 -20.72 10.46
CA SER A 129 50.92 -22.03 9.84
C SER A 129 49.78 -22.27 8.80
N PHE A 130 48.69 -21.47 8.84
CA PHE A 130 47.56 -21.60 7.85
C PHE A 130 47.68 -20.78 6.55
N GLN A 131 48.55 -19.77 6.53
CA GLN A 131 48.56 -18.76 5.43
C GLN A 131 48.91 -19.25 4.00
N PRO A 132 49.97 -20.07 3.83
CA PRO A 132 50.26 -20.68 2.50
C PRO A 132 49.05 -21.36 1.86
N THR A 133 48.37 -22.21 2.61
CA THR A 133 47.12 -22.86 2.18
C THR A 133 46.06 -21.84 1.78
N LEU A 134 45.84 -20.85 2.64
CA LEU A 134 44.80 -19.85 2.39
C LEU A 134 45.06 -19.02 1.13
N ASN A 135 46.31 -18.61 0.92
CA ASN A 135 46.69 -17.82 -0.28
C ASN A 135 46.68 -18.65 -1.54
N SER A 136 46.90 -19.96 -1.41
CA SER A 136 46.81 -20.89 -2.54
C SER A 136 45.37 -21.03 -3.01
N LEU A 137 44.44 -21.07 -2.05
CA LEU A 137 43.01 -21.00 -2.36
C LEU A 137 42.62 -19.66 -3.01
N VAL A 138 43.21 -18.57 -2.53
CA VAL A 138 43.02 -17.24 -3.15
C VAL A 138 43.60 -17.18 -4.58
N SER A 139 44.83 -17.70 -4.77
CA SER A 139 45.52 -17.71 -6.08
C SER A 139 44.62 -18.27 -7.19
N ARG A 140 44.10 -19.46 -6.91
CA ARG A 140 43.35 -20.24 -7.88
C ARG A 140 41.85 -19.97 -7.88
N HIS A 141 41.41 -18.89 -7.23
CA HIS A 141 40.01 -18.47 -7.25
C HIS A 141 39.07 -19.63 -6.89
N LEU A 142 39.37 -20.27 -5.76
CA LEU A 142 38.71 -21.50 -5.35
C LEU A 142 37.81 -21.31 -4.13
N LEU A 143 37.63 -20.06 -3.72
CA LEU A 143 36.87 -19.71 -2.54
C LEU A 143 35.57 -19.10 -3.00
N SER A 144 34.46 -19.76 -2.67
CA SER A 144 33.13 -19.29 -3.05
C SER A 144 32.53 -18.30 -2.06
N TYR A 145 32.77 -18.50 -0.75
CA TYR A 145 32.22 -17.66 0.31
C TYR A 145 33.15 -17.59 1.53
N LEU A 146 32.95 -16.58 2.37
CA LEU A 146 33.49 -16.55 3.73
C LEU A 146 32.33 -16.40 4.68
N VAL A 147 32.19 -17.29 5.66
CA VAL A 147 31.06 -17.23 6.60
C VAL A 147 31.61 -17.02 8.01
N VAL A 148 31.00 -16.06 8.73
CA VAL A 148 31.39 -15.74 10.11
C VAL A 148 30.14 -16.03 10.99
N ASP A 149 30.13 -17.19 11.63
CA ASP A 149 29.04 -17.57 12.54
C ASP A 149 29.31 -16.87 13.86
N GLU A 150 28.25 -16.70 14.64
CA GLU A 150 28.36 -16.08 15.95
C GLU A 150 29.10 -14.74 15.81
N ALA A 151 28.73 -13.94 14.80
CA ALA A 151 29.46 -12.71 14.45
C ALA A 151 29.55 -11.67 15.58
N HIS A 152 28.59 -11.70 16.52
CA HIS A 152 28.62 -10.82 17.69
C HIS A 152 29.93 -10.92 18.52
N CYS A 153 30.67 -12.03 18.38
CA CYS A 153 31.95 -12.15 19.11
C CYS A 153 32.96 -11.03 18.82
N VAL A 154 32.79 -10.28 17.72
CA VAL A 154 33.60 -9.08 17.46
C VAL A 154 33.37 -7.91 18.46
N SER A 155 32.24 -7.92 19.18
CA SER A 155 31.77 -6.74 19.91
C SER A 155 32.01 -6.80 21.39
N GLN A 156 32.49 -5.70 21.97
CA GLN A 156 32.52 -5.49 23.45
C GLN A 156 31.12 -5.43 24.09
N TRP A 157 30.11 -5.05 23.29
CA TRP A 157 28.72 -4.92 23.74
C TRP A 157 27.95 -6.21 23.62
N GLY A 158 28.56 -7.24 23.05
CA GLY A 158 27.86 -8.47 22.71
C GLY A 158 27.90 -9.58 23.75
N HIS A 159 28.51 -9.35 24.91
CA HIS A 159 28.54 -10.35 26.00
C HIS A 159 29.23 -11.71 25.67
N ASP A 160 30.12 -11.74 24.69
CA ASP A 160 31.07 -12.86 24.46
C ASP A 160 32.27 -12.41 23.51
N PHE A 161 32.97 -11.34 23.94
CA PHE A 161 34.11 -10.81 23.20
C PHE A 161 35.22 -11.84 23.03
N ARG A 162 35.86 -11.84 21.87
CA ARG A 162 36.99 -12.74 21.58
C ARG A 162 37.95 -11.97 20.69
N PRO A 163 39.13 -11.62 21.21
CA PRO A 163 40.10 -10.81 20.42
C PRO A 163 40.40 -11.30 18.99
N ASP A 164 40.51 -12.60 18.81
CA ASP A 164 40.82 -13.19 17.52
C ASP A 164 39.80 -12.87 16.43
N TYR A 165 38.55 -12.53 16.80
CA TYR A 165 37.50 -12.16 15.82
C TYR A 165 37.82 -10.83 15.10
N LEU A 166 38.60 -9.96 15.75
CA LEU A 166 39.05 -8.72 15.12
C LEU A 166 40.07 -8.92 13.96
N ARG A 167 40.73 -10.08 13.90
CA ARG A 167 41.60 -10.47 12.77
C ARG A 167 40.82 -10.73 11.49
N LEU A 168 39.54 -11.02 11.62
CA LEU A 168 38.80 -11.53 10.47
C LEU A 168 38.45 -10.46 9.46
N GLY A 169 38.51 -9.21 9.89
CA GLY A 169 38.39 -8.04 9.00
C GLY A 169 39.35 -8.00 7.80
N ALA A 170 40.66 -8.04 8.08
CA ALA A 170 41.73 -8.00 7.05
C ALA A 170 41.64 -9.20 6.12
N LEU A 171 41.31 -10.35 6.72
CA LEU A 171 41.08 -11.57 5.98
C LEU A 171 40.00 -11.31 4.93
N ARG A 172 38.96 -10.59 5.35
CA ARG A 172 37.81 -10.31 4.51
C ARG A 172 38.14 -9.49 3.26
N SER A 173 38.88 -8.41 3.44
CA SER A 173 39.30 -7.58 2.28
C SER A 173 40.23 -8.32 1.30
N ARG A 174 41.00 -9.32 1.79
CA ARG A 174 41.83 -10.18 0.92
C ARG A 174 41.05 -11.15 0.04
N LEU A 175 39.83 -11.47 0.42
CA LEU A 175 39.01 -12.41 -0.33
C LEU A 175 37.92 -11.63 -1.03
N GLY A 176 38.27 -10.44 -1.53
CA GLY A 176 37.30 -9.44 -2.01
C GLY A 176 36.39 -9.90 -3.13
N HIS A 177 36.93 -10.78 -3.97
CA HIS A 177 36.18 -11.53 -4.99
C HIS A 177 34.94 -12.30 -4.47
N ALA A 178 35.00 -12.79 -3.22
CA ALA A 178 33.95 -13.65 -2.61
C ALA A 178 33.06 -12.91 -1.59
N PRO A 179 31.74 -13.20 -1.61
CA PRO A 179 30.84 -12.57 -0.64
C PRO A 179 31.01 -13.07 0.79
N CYS A 180 30.63 -12.24 1.76
CA CYS A 180 30.70 -12.58 3.19
C CYS A 180 29.35 -12.59 3.88
N VAL A 181 29.11 -13.63 4.68
CA VAL A 181 27.85 -13.76 5.44
C VAL A 181 28.19 -13.73 6.91
N ALA A 182 27.53 -12.83 7.65
CA ALA A 182 27.71 -12.76 9.11
C ALA A 182 26.38 -13.08 9.82
N LEU A 183 26.41 -13.98 10.80
CA LEU A 183 25.19 -14.52 11.42
C LEU A 183 25.24 -14.52 12.93
N THR A 184 24.18 -14.06 13.56
CA THR A 184 24.12 -14.01 15.03
C THR A 184 22.67 -14.01 15.52
N ALA A 185 22.45 -14.37 16.78
CA ALA A 185 21.18 -14.09 17.46
C ALA A 185 21.12 -12.78 18.25
N THR A 186 22.25 -12.16 18.61
CA THR A 186 22.25 -10.89 19.39
C THR A 186 21.83 -9.77 18.45
N ALA A 187 20.91 -8.91 18.88
CA ALA A 187 20.09 -8.08 17.96
C ALA A 187 20.11 -6.59 18.31
N THR A 188 21.08 -6.18 19.11
CA THR A 188 21.24 -4.79 19.49
C THR A 188 21.91 -4.01 18.34
N PRO A 189 21.57 -2.72 18.14
CA PRO A 189 22.17 -1.93 17.06
C PRO A 189 23.68 -1.77 17.16
N GLN A 190 24.20 -1.65 18.38
CA GLN A 190 25.62 -1.43 18.55
C GLN A 190 26.40 -2.67 18.14
N VAL A 191 25.88 -3.85 18.49
CA VAL A 191 26.53 -5.07 18.05
C VAL A 191 26.49 -5.14 16.51
N GLN A 192 25.39 -4.75 15.88
CA GLN A 192 25.35 -4.72 14.41
C GLN A 192 26.37 -3.69 13.79
N GLU A 193 26.48 -2.50 14.38
CA GLU A 193 27.53 -1.53 13.98
C GLU A 193 28.92 -2.15 14.13
N ASP A 194 29.17 -2.75 15.29
CA ASP A 194 30.46 -3.40 15.49
C ASP A 194 30.76 -4.51 14.45
N VAL A 195 29.78 -5.33 14.13
CA VAL A 195 29.96 -6.38 13.10
C VAL A 195 30.34 -5.78 11.74
N PHE A 196 29.66 -4.70 11.33
CA PHE A 196 29.83 -4.14 10.00
C PHE A 196 31.23 -3.56 9.82
N ALA A 197 31.73 -2.86 10.83
CA ALA A 197 33.09 -2.26 10.77
C ALA A 197 34.17 -3.30 11.01
N ALA A 198 34.04 -4.12 12.05
CA ALA A 198 35.03 -5.16 12.37
C ALA A 198 35.30 -6.17 11.24
N LEU A 199 34.27 -6.52 10.47
CA LEU A 199 34.39 -7.46 9.35
C LEU A 199 34.58 -6.82 7.98
N HIS A 200 34.80 -5.50 7.91
CA HIS A 200 34.94 -4.77 6.63
C HIS A 200 33.86 -5.23 5.63
N LEU A 201 32.61 -5.29 6.04
CA LEU A 201 31.54 -5.64 5.07
C LEU A 201 31.30 -4.56 4.00
N LYS A 202 30.85 -4.99 2.82
CA LYS A 202 30.69 -4.13 1.65
C LYS A 202 29.30 -3.60 1.59
N LYS A 203 29.20 -2.28 1.36
CA LYS A 203 27.92 -1.58 1.40
C LYS A 203 27.10 -1.86 0.16
N PRO A 204 25.90 -1.28 0.14
CA PRO A 204 24.74 -1.89 0.90
C PRO A 204 24.75 -3.36 1.34
N VAL A 205 24.62 -3.57 2.64
CA VAL A 205 24.51 -4.90 3.23
C VAL A 205 23.05 -5.34 3.10
N ALA A 206 22.80 -6.54 2.63
CA ALA A 206 21.47 -7.16 2.71
C ALA A 206 21.21 -7.70 4.12
N ILE A 207 20.28 -7.07 4.82
CA ILE A 207 19.96 -7.39 6.22
C ILE A 207 18.67 -8.25 6.28
N PHE A 208 18.76 -9.35 7.02
CA PHE A 208 17.58 -10.19 7.36
C PHE A 208 17.44 -10.27 8.89
N LYS A 209 16.47 -9.51 9.39
CA LYS A 209 16.28 -9.27 10.79
C LYS A 209 14.83 -9.53 11.21
N THR A 210 14.65 -10.48 12.13
CA THR A 210 13.37 -10.75 12.79
C THR A 210 12.98 -9.53 13.64
N PRO A 211 11.81 -8.89 13.38
CA PRO A 211 11.38 -7.81 14.29
C PRO A 211 10.93 -8.38 15.66
N CYS A 212 11.17 -7.62 16.73
CA CYS A 212 10.96 -8.11 18.09
C CYS A 212 9.56 -7.69 18.67
N PHE A 213 8.77 -6.90 17.93
CA PHE A 213 7.35 -6.57 18.28
C PHE A 213 6.33 -7.70 18.09
N ARG A 214 5.60 -8.06 19.16
CA ARG A 214 4.50 -9.04 19.10
C ARG A 214 3.24 -8.33 19.56
N ALA A 215 2.28 -8.15 18.66
CA ALA A 215 1.06 -7.37 18.95
C ALA A 215 0.05 -8.05 19.90
N ASN A 216 0.18 -9.36 20.10
CA ASN A 216 -0.73 -10.10 20.95
C ASN A 216 -0.30 -10.15 22.41
N LEU A 217 0.71 -9.36 22.82
CA LEU A 217 1.18 -9.37 24.23
C LEU A 217 0.82 -8.06 24.93
N PHE A 218 0.15 -8.17 26.07
CA PHE A 218 -0.10 -6.96 26.87
C PHE A 218 1.02 -6.81 27.95
N TYR A 219 1.72 -5.66 27.93
CA TYR A 219 2.78 -5.34 28.91
C TYR A 219 2.29 -4.28 29.90
N ASP A 220 2.59 -4.53 31.17
CA ASP A 220 2.43 -3.52 32.20
C ASP A 220 3.51 -3.71 33.28
N VAL A 221 3.71 -2.67 34.10
CA VAL A 221 4.67 -2.64 35.16
C VAL A 221 4.02 -2.08 36.41
N GLN A 222 3.81 -2.91 37.43
CA GLN A 222 3.21 -2.48 38.70
C GLN A 222 4.30 -2.15 39.72
N PHE A 223 4.07 -1.18 40.58
CA PHE A 223 4.99 -0.80 41.66
C PHE A 223 4.55 -1.39 43.01
N LYS A 224 5.38 -2.28 43.57
CA LYS A 224 5.06 -2.98 44.84
C LYS A 224 4.92 -2.06 46.08
N GLU A 225 5.72 -1.01 46.15
CA GLU A 225 5.58 0.03 47.18
C GLU A 225 4.12 0.49 47.34
N LEU A 226 3.37 0.58 46.22
CA LEU A 226 1.94 1.05 46.21
C LEU A 226 0.82 0.01 46.45
N ILE A 227 1.12 -1.28 46.45
CA ILE A 227 0.06 -2.31 46.51
C ILE A 227 -0.20 -2.70 47.96
N SER A 228 -1.45 -2.59 48.39
CA SER A 228 -1.81 -2.91 49.78
C SER A 228 -1.71 -4.40 50.10
N ASP A 229 -2.14 -5.25 49.15
CA ASP A 229 -2.18 -6.70 49.34
C ASP A 229 -1.40 -7.47 48.23
N PRO A 230 -0.06 -7.48 48.33
CA PRO A 230 0.75 -7.94 47.20
C PRO A 230 0.41 -9.33 46.63
N TYR A 231 0.24 -10.30 47.51
CA TYR A 231 0.02 -11.67 47.08
C TYR A 231 -1.33 -11.81 46.46
N GLY A 232 -2.29 -11.01 46.90
CA GLY A 232 -3.65 -11.05 46.31
C GLY A 232 -3.81 -10.36 44.96
N ASN A 233 -3.02 -9.30 44.79
CA ASN A 233 -2.86 -8.62 43.51
C ASN A 233 -2.39 -9.57 42.42
N LEU A 234 -1.38 -10.39 42.77
CA LEU A 234 -0.86 -11.39 41.88
C LEU A 234 -1.88 -12.48 41.64
N LYS A 235 -2.60 -12.88 42.69
CA LYS A 235 -3.62 -13.96 42.62
C LYS A 235 -4.72 -13.71 41.60
N ASP A 236 -5.28 -12.51 41.68
CA ASP A 236 -6.29 -11.99 40.76
C ASP A 236 -5.75 -11.95 39.31
N PHE A 237 -4.54 -11.41 39.12
CA PHE A 237 -3.82 -11.38 37.80
C PHE A 237 -3.75 -12.77 37.15
N CYS A 238 -3.17 -13.73 37.85
CA CYS A 238 -3.12 -15.08 37.36
C CYS A 238 -4.50 -15.55 36.93
N LEU A 239 -5.52 -15.24 37.74
CA LEU A 239 -6.87 -15.80 37.52
C LEU A 239 -7.57 -15.16 36.35
N LYS A 240 -7.45 -13.83 36.26
CA LYS A 240 -8.01 -13.09 35.13
C LYS A 240 -7.42 -13.54 33.79
N ALA A 241 -6.11 -13.75 33.74
CA ALA A 241 -5.44 -14.31 32.55
C ALA A 241 -5.81 -15.76 32.21
N LEU A 242 -6.37 -16.49 33.17
CA LEU A 242 -6.80 -17.87 32.92
C LEU A 242 -8.31 -18.00 32.66
N GLY A 243 -9.05 -16.88 32.70
CA GLY A 243 -10.53 -16.89 32.66
C GLY A 243 -11.23 -16.35 31.42
N GLN A 244 -10.91 -16.87 30.23
CA GLN A 244 -11.66 -16.56 28.94
C GLN A 244 -11.57 -17.66 27.88
N LEU A 250 -11.52 -22.99 33.90
CA LEU A 250 -10.31 -22.21 33.63
C LEU A 250 -9.76 -22.56 32.25
N SER A 251 -8.73 -21.83 31.80
CA SER A 251 -8.15 -22.07 30.48
C SER A 251 -6.69 -21.56 30.36
N GLY A 252 -5.78 -22.47 29.95
CA GLY A 252 -4.37 -22.16 29.73
C GLY A 252 -3.46 -22.37 30.95
N CYS A 253 -2.20 -21.94 30.82
CA CYS A 253 -1.22 -21.96 31.93
C CYS A 253 -0.44 -20.63 32.07
N GLY A 254 0.34 -20.52 33.15
CA GLY A 254 1.12 -19.33 33.49
C GLY A 254 2.46 -19.58 34.16
N ILE A 255 3.33 -18.57 34.16
CA ILE A 255 4.67 -18.61 34.81
C ILE A 255 4.86 -17.40 35.75
N VAL A 256 5.38 -17.68 36.95
CA VAL A 256 5.82 -16.63 37.86
C VAL A 256 7.31 -16.84 38.03
N TYR A 257 8.11 -15.90 37.52
CA TYR A 257 9.55 -15.88 37.80
C TYR A 257 9.99 -15.02 39.04
N CYS A 258 10.98 -15.53 39.78
N CYS A 258 10.99 -15.52 39.77
CA CYS A 258 11.58 -14.81 40.89
CA CYS A 258 11.57 -14.82 40.91
C CYS A 258 13.02 -15.27 41.10
C CYS A 258 13.03 -15.26 41.09
N ARG A 259 13.77 -14.49 41.89
CA ARG A 259 15.22 -14.71 42.09
C ARG A 259 15.62 -15.79 43.14
N THR A 260 15.07 -15.77 44.36
CA THR A 260 15.49 -16.68 45.45
C THR A 260 14.61 -17.88 45.65
N ARG A 261 15.21 -18.92 46.26
CA ARG A 261 14.54 -20.19 46.52
C ARG A 261 13.45 -20.04 47.53
N GLU A 262 13.74 -19.23 48.53
CA GLU A 262 12.83 -19.00 49.63
C GLU A 262 11.55 -18.28 49.08
N ALA A 263 11.73 -17.19 48.34
CA ALA A 263 10.62 -16.45 47.69
C ALA A 263 9.81 -17.31 46.75
N CYS A 264 10.48 -18.23 46.05
N CYS A 264 10.48 -18.22 46.04
CA CYS A 264 9.81 -19.19 45.16
CA CYS A 264 9.82 -19.18 45.15
C CYS A 264 8.82 -20.06 45.90
C CYS A 264 8.83 -20.08 45.89
N GLU A 265 9.29 -20.62 47.02
CA GLU A 265 8.47 -21.48 47.91
C GLU A 265 7.33 -20.71 48.60
N GLN A 266 7.62 -19.53 49.16
CA GLN A 266 6.59 -18.70 49.77
C GLN A 266 5.55 -18.32 48.71
N LEU A 267 5.99 -17.98 47.50
CA LEU A 267 5.04 -17.61 46.46
C LEU A 267 4.03 -18.71 46.10
N ALA A 268 4.49 -19.94 45.99
CA ALA A 268 3.63 -21.08 45.62
C ALA A 268 2.66 -21.45 46.75
N ILE A 269 3.14 -21.34 47.99
CA ILE A 269 2.28 -21.49 49.15
C ILE A 269 1.17 -20.41 49.14
N GLU A 270 1.54 -19.14 48.95
CA GLU A 270 0.57 -18.04 49.10
C GLU A 270 -0.47 -18.04 47.97
N LEU A 271 -0.04 -18.36 46.76
CA LEU A 271 -0.96 -18.58 45.65
C LEU A 271 -1.93 -19.79 45.85
N SER A 272 -1.42 -20.95 46.25
CA SER A 272 -2.27 -22.13 46.51
C SER A 272 -3.25 -21.89 47.67
N CYS A 273 -2.77 -21.25 48.75
CA CYS A 273 -3.63 -20.90 49.91
C CYS A 273 -4.79 -19.96 49.58
N ARG A 274 -4.63 -19.14 48.52
CA ARG A 274 -5.58 -18.09 48.11
C ARG A 274 -6.34 -18.38 46.79
N GLY A 275 -6.53 -19.66 46.45
CA GLY A 275 -7.35 -20.06 45.29
C GLY A 275 -6.71 -20.11 43.90
N VAL A 276 -5.45 -20.53 43.81
CA VAL A 276 -4.82 -20.85 42.51
C VAL A 276 -3.67 -21.85 42.70
N ASN A 277 -3.82 -23.03 42.10
CA ASN A 277 -2.90 -24.12 42.35
C ASN A 277 -1.52 -23.78 41.75
N ALA A 278 -0.45 -23.93 42.53
CA ALA A 278 0.92 -23.57 42.12
C ALA A 278 2.00 -24.33 42.88
N LYS A 279 3.09 -24.68 42.18
CA LYS A 279 4.24 -25.46 42.73
C LYS A 279 5.58 -24.78 42.42
N ALA A 280 6.46 -24.72 43.42
CA ALA A 280 7.80 -24.12 43.28
C ALA A 280 8.66 -24.98 42.36
N TYR A 281 9.70 -24.36 41.77
CA TYR A 281 10.64 -25.06 40.86
C TYR A 281 12.03 -24.41 40.86
N HIS A 282 13.00 -25.06 41.49
CA HIS A 282 14.32 -24.49 41.66
C HIS A 282 15.42 -25.57 41.76
N ALA A 283 16.69 -25.15 41.65
CA ALA A 283 17.85 -26.06 41.68
C ALA A 283 18.08 -26.73 43.03
N GLY A 284 17.55 -26.17 44.11
CA GLY A 284 17.68 -26.76 45.44
C GLY A 284 17.03 -28.12 45.62
N LEU A 285 15.79 -28.25 45.18
CA LEU A 285 15.08 -29.51 45.31
C LEU A 285 15.70 -30.62 44.43
N LYS A 286 15.33 -31.88 44.71
CA LYS A 286 15.92 -33.06 44.04
C LYS A 286 15.43 -33.24 42.60
N ALA A 287 16.31 -33.78 41.75
CA ALA A 287 16.05 -33.98 40.33
C ALA A 287 14.81 -34.85 40.03
N SER A 288 14.44 -35.77 40.93
CA SER A 288 13.19 -36.53 40.77
C SER A 288 11.97 -35.60 40.92
N GLU A 289 12.00 -34.74 41.93
CA GLU A 289 10.90 -33.79 42.21
C GLU A 289 10.83 -32.63 41.19
N ARG A 290 11.96 -32.33 40.56
CA ARG A 290 12.07 -31.33 39.50
C ARG A 290 11.24 -31.73 38.30
N THR A 291 11.43 -32.99 37.90
CA THR A 291 10.80 -33.56 36.73
C THR A 291 9.29 -33.83 36.91
N LEU A 292 8.85 -34.01 38.16
CA LEU A 292 7.41 -34.21 38.44
C LEU A 292 6.68 -32.91 38.26
N VAL A 293 7.24 -31.83 38.81
CA VAL A 293 6.70 -30.48 38.64
C VAL A 293 6.72 -30.10 37.15
N GLN A 294 7.80 -30.39 36.45
CA GLN A 294 7.86 -30.17 35.02
C GLN A 294 6.72 -30.85 34.30
N ASN A 295 6.59 -32.16 34.52
CA ASN A 295 5.57 -32.98 33.83
C ASN A 295 4.16 -32.57 34.21
N ASP A 296 3.98 -32.21 35.50
CA ASP A 296 2.69 -31.69 36.01
C ASP A 296 2.23 -30.38 35.35
N TRP A 297 3.16 -29.55 34.91
CA TRP A 297 2.84 -28.27 34.29
C TRP A 297 2.62 -28.45 32.78
N MET A 298 3.39 -29.36 32.16
CA MET A 298 3.28 -29.67 30.72
C MET A 298 1.95 -30.31 30.31
N GLU A 299 1.51 -31.31 31.09
CA GLU A 299 0.25 -32.02 30.85
C GLU A 299 -0.98 -31.34 31.52
N GLU A 300 -0.74 -30.28 32.29
CA GLU A 300 -1.79 -29.39 32.86
C GLU A 300 -2.62 -29.98 34.04
N LYS A 301 -1.96 -30.76 34.89
CA LYS A 301 -2.48 -31.07 36.23
C LYS A 301 -2.41 -29.79 37.12
N VAL A 302 -1.24 -29.13 37.14
CA VAL A 302 -0.99 -27.88 37.90
C VAL A 302 -0.81 -26.71 36.90
N PRO A 303 -1.66 -25.65 36.99
CA PRO A 303 -1.69 -24.55 36.00
C PRO A 303 -0.61 -23.44 36.12
N VAL A 304 -0.02 -23.28 37.30
CA VAL A 304 0.98 -22.23 37.58
C VAL A 304 2.21 -22.90 38.21
N ILE A 305 3.37 -22.55 37.66
CA ILE A 305 4.69 -23.00 38.14
C ILE A 305 5.45 -21.72 38.57
N VAL A 306 6.07 -21.75 39.75
CA VAL A 306 6.88 -20.62 40.26
C VAL A 306 8.35 -21.06 40.20
N ALA A 307 9.18 -20.30 39.49
CA ALA A 307 10.50 -20.78 39.13
C ALA A 307 11.61 -19.77 39.34
N THR A 308 12.79 -20.31 39.50
CA THR A 308 14.05 -19.57 39.42
C THR A 308 14.76 -19.72 38.04
N ILE A 309 14.57 -20.87 37.39
CA ILE A 309 15.43 -21.35 36.27
C ILE A 309 14.59 -22.09 35.24
N SER A 310 15.12 -22.17 34.04
CA SER A 310 14.40 -22.78 32.92
C SER A 310 14.31 -24.31 33.03
N PHE A 311 13.50 -24.93 32.18
CA PHE A 311 13.45 -26.39 32.10
C PHE A 311 14.67 -26.93 31.37
N GLY A 312 14.83 -26.51 30.11
CA GLY A 312 15.87 -27.04 29.21
C GLY A 312 15.29 -28.05 28.22
N ASP A 316 9.15 -26.46 24.56
CA ASP A 316 8.27 -25.38 24.11
C ASP A 316 6.90 -25.50 24.79
N LYS A 317 6.03 -24.49 24.65
CA LYS A 317 4.73 -24.49 25.34
C LYS A 317 3.82 -23.42 24.79
N ALA A 318 2.76 -23.83 24.10
CA ALA A 318 2.01 -22.93 23.20
C ALA A 318 1.00 -21.96 23.86
N ASN A 319 0.44 -22.36 25.02
CA ASN A 319 -0.73 -21.66 25.64
C ASN A 319 -0.43 -20.98 27.00
N VAL A 320 0.78 -20.45 27.14
CA VAL A 320 1.17 -19.72 28.34
C VAL A 320 0.40 -18.41 28.25
N ARG A 321 -0.62 -18.26 29.10
CA ARG A 321 -1.50 -17.07 29.08
C ARG A 321 -0.92 -15.89 29.89
N PHE A 322 0.07 -16.19 30.75
CA PHE A 322 0.80 -15.14 31.43
C PHE A 322 2.21 -15.53 31.81
N VAL A 323 3.06 -14.50 31.82
CA VAL A 323 4.35 -14.57 32.46
C VAL A 323 4.44 -13.38 33.36
N ALA A 324 4.59 -13.63 34.66
CA ALA A 324 4.75 -12.56 35.65
C ALA A 324 6.16 -12.59 36.21
N HIS A 325 6.80 -11.42 36.27
CA HIS A 325 8.05 -11.29 37.02
C HIS A 325 7.83 -10.70 38.42
N TRP A 326 8.11 -11.52 39.44
CA TRP A 326 8.02 -11.03 40.83
C TRP A 326 9.18 -10.10 41.21
N ASN A 327 10.38 -10.38 40.68
CA ASN A 327 11.57 -9.54 40.86
C ASN A 327 12.09 -9.14 39.51
N ILE A 328 12.53 -7.89 39.40
CA ILE A 328 13.16 -7.37 38.18
C ILE A 328 14.28 -8.31 37.76
N ALA A 329 14.41 -8.54 36.45
CA ALA A 329 15.43 -9.42 35.88
C ALA A 329 16.79 -8.73 35.81
N LYS A 330 17.82 -9.48 35.45
CA LYS A 330 19.20 -8.93 35.36
C LYS A 330 19.50 -8.08 34.11
N SER A 331 18.64 -8.14 33.10
CA SER A 331 18.91 -7.46 31.85
C SER A 331 17.68 -7.34 31.00
N MET A 332 17.63 -6.33 30.13
CA MET A 332 16.56 -6.21 29.15
C MET A 332 16.48 -7.48 28.25
N ALA A 333 17.62 -7.98 27.77
CA ALA A 333 17.60 -9.19 26.95
C ALA A 333 17.04 -10.36 27.73
N GLY A 334 17.32 -10.34 29.03
CA GLY A 334 16.84 -11.33 29.97
C GLY A 334 15.34 -11.29 30.03
N TYR A 335 14.79 -10.12 30.25
CA TYR A 335 13.36 -9.96 30.42
C TYR A 335 12.59 -10.28 29.12
N TYR A 336 13.14 -9.82 28.00
CA TYR A 336 12.52 -10.04 26.68
C TYR A 336 12.41 -11.53 26.37
N GLN A 337 13.50 -12.29 26.55
CA GLN A 337 13.47 -13.76 26.49
C GLN A 337 12.42 -14.42 27.37
N GLU A 338 12.41 -14.04 28.66
CA GLU A 338 11.61 -14.69 29.72
C GLU A 338 10.13 -14.46 29.52
N SER A 339 9.76 -13.20 29.33
CA SER A 339 8.38 -12.81 29.12
C SER A 339 7.85 -13.37 27.82
N GLY A 340 8.73 -13.41 26.82
CA GLY A 340 8.39 -13.86 25.50
C GLY A 340 8.12 -15.36 25.37
N ARG A 341 8.19 -16.10 26.50
CA ARG A 341 7.60 -17.45 26.57
C ARG A 341 6.05 -17.40 26.64
N ALA A 342 5.47 -16.22 26.88
CA ALA A 342 4.03 -15.98 26.85
C ALA A 342 3.45 -15.90 25.41
N GLY A 343 2.32 -16.56 25.18
CA GLY A 343 1.50 -16.35 23.97
C GLY A 343 2.01 -16.83 22.62
N ARG A 344 2.72 -17.97 22.62
CA ARG A 344 3.24 -18.57 21.39
C ARG A 344 2.14 -18.98 20.37
N ASP A 345 0.99 -19.43 20.85
CA ASP A 345 -0.18 -19.76 20.01
C ASP A 345 -0.78 -18.58 19.21
N GLY A 346 -0.44 -17.33 19.57
CA GLY A 346 -0.94 -16.13 18.91
C GLY A 346 -2.13 -15.48 19.62
N LYS A 347 -2.69 -16.17 20.62
CA LYS A 347 -3.85 -15.66 21.37
C LYS A 347 -3.40 -14.69 22.48
N PRO A 348 -4.27 -13.72 22.84
CA PRO A 348 -3.85 -12.72 23.84
C PRO A 348 -3.22 -13.34 25.10
N SER A 349 -2.04 -12.81 25.49
CA SER A 349 -1.36 -13.16 26.74
C SER A 349 -1.03 -11.88 27.50
N TRP A 350 -0.68 -12.04 28.79
CA TRP A 350 -0.29 -10.89 29.64
C TRP A 350 1.12 -11.05 30.19
N CYS A 351 1.93 -10.01 30.05
CA CYS A 351 3.29 -9.98 30.61
C CYS A 351 3.37 -8.84 31.65
N ARG A 352 3.59 -9.20 32.91
CA ARG A 352 3.71 -8.23 34.00
C ARG A 352 5.05 -8.35 34.75
N LEU A 353 5.55 -7.17 35.09
CA LEU A 353 6.79 -6.98 35.81
C LEU A 353 6.51 -6.23 37.14
N TYR A 354 6.71 -6.93 38.27
CA TYR A 354 6.57 -6.29 39.59
C TYR A 354 7.89 -5.71 39.94
N TYR A 355 7.98 -4.39 39.84
CA TYR A 355 9.15 -3.63 40.15
C TYR A 355 9.04 -3.01 41.54
N SER A 356 10.18 -2.90 42.23
CA SER A 356 10.31 -2.03 43.39
C SER A 356 11.73 -1.53 43.43
N ARG A 357 11.92 -0.37 44.04
CA ARG A 357 13.26 0.21 44.16
C ARG A 357 14.21 -0.59 45.08
N ASN A 358 13.67 -1.22 46.12
CA ASN A 358 14.47 -2.09 46.99
C ASN A 358 14.90 -3.29 46.17
N ASP A 359 13.97 -3.93 45.46
CA ASP A 359 14.28 -5.01 44.53
C ASP A 359 15.32 -4.61 43.51
N ARG A 360 15.20 -3.42 42.93
CA ARG A 360 16.20 -2.95 41.96
C ARG A 360 17.62 -2.85 42.58
N ASP A 361 17.68 -2.34 43.81
CA ASP A 361 18.96 -2.21 44.53
C ASP A 361 19.61 -3.58 44.79
N GLN A 362 18.79 -4.56 45.16
CA GLN A 362 19.28 -5.92 45.44
C GLN A 362 19.89 -6.57 44.19
N VAL A 363 19.19 -6.50 43.07
CA VAL A 363 19.69 -7.03 41.81
C VAL A 363 20.90 -6.21 41.36
N SER A 364 20.87 -4.88 41.60
CA SER A 364 22.00 -4.03 41.22
C SER A 364 23.30 -4.32 41.97
N PHE A 365 23.19 -4.47 43.27
CA PHE A 365 24.28 -4.91 44.18
C PHE A 365 24.85 -6.26 43.76
N LEU A 366 23.99 -7.25 43.48
CA LEU A 366 24.47 -8.57 43.07
C LEU A 366 25.30 -8.46 41.82
N ILE A 367 24.79 -7.78 40.78
CA ILE A 367 25.55 -7.66 39.49
C ILE A 367 26.97 -7.16 39.75
N ARG A 368 27.09 -6.08 40.50
CA ARG A 368 28.39 -5.44 40.71
C ARG A 368 29.39 -6.30 41.52
N LYS A 369 28.88 -7.00 42.52
CA LYS A 369 29.63 -8.01 43.26
C LYS A 369 30.12 -9.14 42.34
N GLU A 370 29.32 -9.54 41.35
CA GLU A 370 29.76 -10.50 40.36
C GLU A 370 30.84 -9.89 39.47
N VAL A 371 30.70 -8.62 39.09
CA VAL A 371 31.71 -7.99 38.22
C VAL A 371 33.07 -7.84 38.93
N ALA A 372 33.04 -7.55 40.24
CA ALA A 372 34.24 -7.48 41.08
C ALA A 372 35.00 -8.81 41.08
N LYS A 373 34.28 -9.92 41.16
CA LYS A 373 34.91 -11.22 41.10
C LYS A 373 35.69 -11.41 39.83
N LEU A 374 35.10 -11.01 38.70
CA LEU A 374 35.74 -11.19 37.41
C LEU A 374 36.94 -10.29 37.28
N GLN A 375 36.89 -9.11 37.88
CA GLN A 375 38.04 -8.20 37.96
C GLN A 375 39.20 -8.80 38.78
N GLU A 376 38.93 -9.15 40.03
CA GLU A 376 39.89 -9.90 40.85
C GLU A 376 40.62 -10.95 39.99
N LYS A 377 39.85 -11.76 39.24
CA LYS A 377 40.40 -12.85 38.44
C LYS A 377 41.21 -12.41 37.23
N ARG A 378 40.68 -11.51 36.38
CA ARG A 378 41.34 -11.19 35.08
C ARG A 378 41.57 -9.72 34.73
N GLY A 379 41.45 -8.83 35.73
CA GLY A 379 41.71 -7.42 35.54
C GLY A 379 40.50 -6.74 34.91
N ASN A 380 40.62 -5.43 34.65
CA ASN A 380 39.53 -4.62 34.07
C ASN A 380 39.29 -4.96 32.61
N LYS A 381 38.02 -4.98 32.23
CA LYS A 381 37.63 -5.15 30.84
C LYS A 381 36.54 -4.16 30.43
N ALA A 382 36.71 -3.57 29.24
CA ALA A 382 35.69 -2.71 28.62
C ALA A 382 34.32 -3.37 28.62
N SER A 383 34.26 -4.67 28.38
CA SER A 383 32.99 -5.38 28.34
C SER A 383 32.11 -5.34 29.61
N ASP A 384 32.70 -5.15 30.79
CA ASP A 384 31.91 -5.03 32.06
C ASP A 384 30.93 -3.87 32.08
N LYS A 385 31.14 -2.83 31.26
CA LYS A 385 30.17 -1.72 31.15
C LYS A 385 28.87 -2.14 30.43
N ALA A 386 29.01 -3.08 29.49
CA ALA A 386 27.90 -3.71 28.77
C ALA A 386 26.96 -4.46 29.72
N THR A 387 27.56 -5.12 30.73
CA THR A 387 26.79 -5.78 31.77
C THR A 387 25.92 -4.81 32.54
N ILE A 388 26.49 -3.66 32.87
CA ILE A 388 25.80 -2.65 33.68
C ILE A 388 24.67 -1.99 32.85
N MET A 389 24.99 -1.65 31.60
CA MET A 389 24.08 -0.91 30.74
C MET A 389 22.83 -1.75 30.46
N ALA A 390 23.04 -3.05 30.30
CA ALA A 390 21.96 -4.00 30.02
C ALA A 390 20.95 -4.06 31.15
N PHE A 391 21.42 -3.99 32.38
CA PHE A 391 20.54 -3.87 33.51
C PHE A 391 19.85 -2.51 33.51
N ASP A 392 20.60 -1.46 33.25
CA ASP A 392 20.05 -0.10 33.31
C ASP A 392 18.92 0.15 32.30
N ALA A 393 19.06 -0.39 31.08
CA ALA A 393 17.96 -0.32 30.09
C ALA A 393 16.61 -0.82 30.61
N LEU A 394 16.61 -1.83 31.48
CA LEU A 394 15.39 -2.42 32.05
C LEU A 394 14.90 -1.64 33.26
N VAL A 395 15.79 -0.90 33.91
CA VAL A 395 15.37 -0.03 35.00
C VAL A 395 14.57 1.15 34.38
N THR A 396 15.14 1.80 33.37
CA THR A 396 14.52 2.88 32.57
C THR A 396 13.12 2.49 32.04
N PHE A 397 13.03 1.28 31.52
CA PHE A 397 11.78 0.63 31.11
C PHE A 397 10.78 0.63 32.21
N CYS A 398 11.20 0.38 33.44
CA CYS A 398 10.30 0.35 34.59
C CYS A 398 9.88 1.76 35.08
N GLU A 399 10.76 2.76 35.00
CA GLU A 399 10.48 4.08 35.59
C GLU A 399 9.94 5.16 34.64
N GLU A 400 10.00 4.91 33.32
CA GLU A 400 9.63 5.89 32.26
C GLU A 400 8.17 5.84 31.76
N LEU A 401 7.65 7.02 31.43
CA LEU A 401 6.31 7.19 30.85
C LEU A 401 6.39 7.01 29.35
N GLY A 402 5.90 5.90 28.85
CA GLY A 402 6.22 5.56 27.47
C GLY A 402 5.60 4.23 27.15
N CYS A 403 5.38 3.99 25.86
CA CYS A 403 4.86 2.70 25.39
C CYS A 403 5.91 1.63 25.78
N ARG A 404 5.43 0.48 26.27
CA ARG A 404 6.26 -0.66 26.65
C ARG A 404 6.88 -1.31 25.43
N HIS A 405 6.10 -1.57 24.40
CA HIS A 405 6.65 -2.27 23.21
C HIS A 405 7.72 -1.43 22.47
N ALA A 406 7.53 -0.11 22.46
CA ALA A 406 8.46 0.79 21.82
C ALA A 406 9.82 0.80 22.54
N ALA A 407 9.82 0.88 23.87
CA ALA A 407 11.07 0.78 24.67
C ALA A 407 11.87 -0.50 24.36
N ILE A 408 11.15 -1.60 24.15
CA ILE A 408 11.74 -2.86 23.73
C ILE A 408 12.32 -2.68 22.33
N ALA A 409 11.54 -2.05 21.44
CA ALA A 409 11.93 -1.78 20.05
C ALA A 409 13.14 -0.87 19.94
N LYS A 410 13.12 0.21 20.68
CA LYS A 410 14.27 1.08 20.75
C LYS A 410 15.53 0.28 21.09
N TYR A 411 15.45 -0.65 22.06
CA TYR A 411 16.60 -1.46 22.48
C TYR A 411 17.23 -2.33 21.39
N PHE A 412 16.39 -2.99 20.60
CA PHE A 412 16.82 -3.87 19.48
C PHE A 412 16.88 -3.16 18.09
N GLY A 413 16.78 -1.81 18.11
CA GLY A 413 16.89 -0.98 16.92
C GLY A 413 15.80 -1.16 15.88
N ASP A 414 14.55 -1.23 16.31
CA ASP A 414 13.37 -1.41 15.44
C ASP A 414 12.61 -0.11 15.42
N ALA A 415 11.82 0.09 14.38
CA ALA A 415 10.93 1.27 14.26
C ALA A 415 9.71 1.19 15.15
N LEU A 416 9.06 2.36 15.35
CA LEU A 416 7.90 2.53 16.24
C LEU A 416 6.85 1.52 15.84
N PRO A 417 6.53 0.53 16.71
CA PRO A 417 5.44 -0.42 16.39
C PRO A 417 4.07 0.14 16.77
N ALA A 418 3.04 -0.29 16.03
CA ALA A 418 1.61 0.08 16.26
C ALA A 418 1.02 -0.67 17.49
N CYS A 419 1.01 0.01 18.65
CA CYS A 419 0.46 -0.53 19.88
C CYS A 419 -1.06 -0.39 19.81
N ALA A 420 -1.73 -1.53 19.69
CA ALA A 420 -3.20 -1.57 19.61
C ALA A 420 -3.84 -1.29 20.99
N LYS A 421 -3.46 -0.18 21.64
CA LYS A 421 -3.63 -0.02 23.11
C LYS A 421 -3.10 -1.25 23.89
N GLY A 422 -1.99 -1.85 23.42
CA GLY A 422 -1.45 -3.14 23.91
C GLY A 422 -0.46 -2.99 25.04
N CYS A 423 -0.59 -1.91 25.79
CA CYS A 423 0.25 -1.70 26.92
C CYS A 423 -0.43 -0.73 27.91
N ASP A 424 -0.04 -0.78 29.19
CA ASP A 424 -0.64 0.10 30.15
C ASP A 424 -0.50 1.57 29.80
N HIS A 425 0.61 1.98 29.22
CA HIS A 425 0.81 3.39 28.93
C HIS A 425 -0.16 3.88 27.86
N CYS A 426 -0.23 3.14 26.76
CA CYS A 426 -1.01 3.53 25.60
C CYS A 426 -2.51 3.40 25.84
N GLN A 427 -2.89 2.41 26.66
CA GLN A 427 -4.28 2.22 27.02
C GLN A 427 -4.78 3.32 27.93
N ASN A 428 -3.94 3.79 28.85
CA ASN A 428 -4.31 4.93 29.69
C ASN A 428 -3.07 5.65 30.25
N PRO A 429 -2.50 6.60 29.46
CA PRO A 429 -1.31 7.39 29.85
C PRO A 429 -1.37 8.03 31.23
N THR A 430 -2.54 8.52 31.61
CA THR A 430 -2.74 9.17 32.92
C THR A 430 -2.76 8.20 34.14
N ALA A 431 -3.35 7.01 34.00
CA ALA A 431 -3.24 5.99 35.04
C ALA A 431 -1.79 5.83 35.45
N VAL A 432 -0.96 5.60 34.44
CA VAL A 432 0.44 5.33 34.66
C VAL A 432 1.13 6.55 35.32
N ARG A 433 0.81 7.76 34.87
N ARG A 433 0.82 7.77 34.86
CA ARG A 433 1.40 9.00 35.42
CA ARG A 433 1.40 9.00 35.41
C ARG A 433 1.10 9.15 36.91
C ARG A 433 1.10 9.15 36.91
N ARG A 434 -0.18 8.99 37.25
CA ARG A 434 -0.66 9.01 38.65
C ARG A 434 0.10 7.99 39.53
N ARG A 435 0.36 6.80 39.00
CA ARG A 435 1.15 5.76 39.71
C ARG A 435 2.61 6.21 39.88
N LEU A 436 3.23 6.81 38.85
CA LEU A 436 4.62 7.29 38.96
C LEU A 436 4.80 8.53 39.89
N GLU A 437 3.75 9.36 40.00
CA GLU A 437 3.70 10.46 40.99
C GLU A 437 3.63 9.97 42.44
N ALA A 438 2.86 8.90 42.68
CA ALA A 438 2.66 8.31 44.01
C ALA A 438 3.88 7.50 44.45
N LEU A 439 4.59 6.88 43.50
CA LEU A 439 5.92 6.28 43.74
C LEU A 439 6.81 7.32 44.43
N GLU A 440 6.95 8.49 43.81
CA GLU A 440 7.76 9.64 44.36
C GLU A 440 7.24 10.21 45.70
N ARG A 441 5.93 10.21 45.91
CA ARG A 441 5.33 10.59 47.20
C ARG A 441 5.62 9.58 48.33
N SER A 442 5.75 8.29 48.00
CA SER A 442 6.02 7.26 49.01
C SER A 442 7.21 7.64 49.92
N SER A 443 8.33 7.99 49.30
CA SER A 443 9.52 8.46 50.00
C SER A 443 9.59 9.97 50.12
N SER A 444 8.46 10.65 50.33
CA SER A 444 8.49 12.10 50.52
C SER A 444 8.65 12.44 52.00
N ASP B 3 23.36 -6.87 -55.47
CA ASP B 3 23.67 -7.57 -54.17
C ASP B 3 22.40 -7.99 -53.42
N PRO B 4 21.76 -9.11 -53.86
CA PRO B 4 20.52 -9.57 -53.21
C PRO B 4 20.71 -10.05 -51.75
N GLU B 5 21.88 -10.60 -51.39
CA GLU B 5 22.12 -11.07 -50.01
C GLU B 5 22.04 -9.92 -48.99
N ARG B 6 22.65 -8.78 -49.33
CA ARG B 6 22.63 -7.57 -48.48
C ARG B 6 21.22 -7.09 -48.18
N ARG B 7 20.33 -7.12 -49.18
CA ARG B 7 18.94 -6.72 -49.01
C ARG B 7 18.16 -7.64 -48.06
N VAL B 8 18.45 -8.94 -48.14
CA VAL B 8 17.86 -9.91 -47.22
C VAL B 8 18.25 -9.59 -45.77
N ARG B 9 19.55 -9.39 -45.57
CA ARG B 9 20.12 -9.13 -44.25
C ARG B 9 19.47 -7.90 -43.61
N SER B 10 19.37 -6.81 -44.39
CA SER B 10 18.77 -5.54 -43.90
C SER B 10 17.32 -5.69 -43.46
N THR B 11 16.51 -6.29 -44.34
CA THR B 11 15.09 -6.60 -44.05
C THR B 11 14.95 -7.55 -42.86
N LEU B 12 15.84 -8.53 -42.78
CA LEU B 12 15.84 -9.44 -41.62
C LEU B 12 16.02 -8.70 -40.27
N LYS B 13 16.78 -7.61 -40.28
CA LYS B 13 17.06 -6.78 -39.10
C LYS B 13 16.00 -5.69 -38.89
N LYS B 14 15.82 -4.86 -39.91
CA LYS B 14 14.96 -3.67 -39.81
C LYS B 14 13.47 -4.01 -39.63
N VAL B 15 12.99 -5.07 -40.29
CA VAL B 15 11.55 -5.42 -40.27
C VAL B 15 11.23 -6.56 -39.32
N PHE B 16 11.99 -7.64 -39.37
CA PHE B 16 11.69 -8.82 -38.55
C PHE B 16 12.45 -8.87 -37.24
N GLY B 17 13.51 -8.05 -37.12
CA GLY B 17 14.23 -7.86 -35.85
C GLY B 17 15.09 -9.04 -35.42
N PHE B 18 15.77 -9.63 -36.40
CA PHE B 18 16.61 -10.81 -36.19
C PHE B 18 17.97 -10.54 -36.84
N ASP B 19 19.01 -11.10 -36.24
CA ASP B 19 20.41 -10.91 -36.67
C ASP B 19 20.90 -11.98 -37.63
N SER B 20 20.24 -13.13 -37.53
CA SER B 20 20.60 -14.35 -38.23
C SER B 20 19.34 -15.20 -38.53
N PHE B 21 19.49 -16.12 -39.47
CA PHE B 21 18.47 -17.15 -39.72
C PHE B 21 18.59 -18.22 -38.64
N LYS B 22 17.49 -18.94 -38.38
CA LYS B 22 17.46 -20.02 -37.39
C LYS B 22 18.44 -21.13 -37.74
N THR B 23 18.39 -21.55 -39.00
CA THR B 23 19.23 -22.62 -39.51
C THR B 23 19.78 -22.22 -40.88
N PRO B 24 20.91 -22.85 -41.28
CA PRO B 24 21.33 -22.68 -42.68
C PRO B 24 20.26 -23.13 -43.70
N LEU B 25 19.37 -24.07 -43.30
CA LEU B 25 18.30 -24.54 -44.19
C LEU B 25 17.21 -23.48 -44.40
N GLN B 26 16.79 -22.80 -43.32
CA GLN B 26 15.97 -21.59 -43.47
C GLN B 26 16.60 -20.54 -44.40
N GLU B 27 17.87 -20.25 -44.23
CA GLU B 27 18.56 -19.24 -45.03
C GLU B 27 18.56 -19.61 -46.51
N SER B 28 18.99 -20.83 -46.81
CA SER B 28 19.03 -21.33 -48.19
C SER B 28 17.64 -21.26 -48.87
N ALA B 29 16.60 -21.70 -48.16
CA ALA B 29 15.21 -21.63 -48.68
C ALA B 29 14.80 -20.21 -49.04
N THR B 30 14.95 -19.32 -48.08
CA THR B 30 14.62 -17.91 -48.27
C THR B 30 15.36 -17.30 -49.44
N MET B 31 16.62 -17.68 -49.65
CA MET B 31 17.40 -17.16 -50.79
C MET B 31 16.86 -17.66 -52.14
N ALA B 32 16.58 -18.95 -52.22
CA ALA B 32 16.11 -19.51 -53.49
C ALA B 32 14.73 -18.95 -53.88
N VAL B 33 13.89 -18.62 -52.88
CA VAL B 33 12.62 -17.91 -53.11
C VAL B 33 12.91 -16.53 -53.67
N VAL B 34 13.89 -15.83 -53.08
CA VAL B 34 14.26 -14.45 -53.51
C VAL B 34 14.75 -14.39 -54.95
N LYS B 35 15.72 -15.25 -55.25
CA LYS B 35 16.28 -15.35 -56.58
C LYS B 35 15.21 -15.32 -57.70
N GLY B 36 14.04 -15.95 -57.49
CA GLY B 36 12.93 -15.94 -58.48
C GLY B 36 13.01 -16.91 -59.66
N ASN B 37 14.12 -17.60 -59.88
CA ASN B 37 14.22 -18.49 -61.07
C ASN B 37 13.40 -19.80 -61.01
N LYS B 38 13.21 -20.37 -59.82
CA LYS B 38 12.71 -21.74 -59.65
C LYS B 38 11.45 -21.84 -58.77
N ASP B 39 10.80 -22.99 -58.85
CA ASP B 39 9.69 -23.35 -57.91
C ASP B 39 10.28 -24.03 -56.68
N VAL B 40 9.61 -23.85 -55.54
CA VAL B 40 10.25 -24.17 -54.28
C VAL B 40 9.34 -24.99 -53.35
N PHE B 41 9.88 -26.08 -52.80
CA PHE B 41 9.21 -26.88 -51.79
C PHE B 41 10.01 -26.85 -50.50
N VAL B 42 9.34 -26.41 -49.42
CA VAL B 42 9.94 -26.31 -48.07
C VAL B 42 9.25 -27.29 -47.12
N CYS B 43 10.02 -28.25 -46.62
CA CYS B 43 9.54 -29.24 -45.68
C CYS B 43 10.42 -29.19 -44.45
N MET B 44 9.93 -28.50 -43.44
CA MET B 44 10.60 -28.32 -42.15
C MET B 44 9.55 -28.43 -41.06
N PRO B 45 9.98 -28.94 -39.91
CA PRO B 45 9.00 -29.20 -38.86
C PRO B 45 8.43 -27.92 -38.30
N THR B 46 7.35 -28.06 -37.55
CA THR B 46 6.64 -26.96 -36.97
C THR B 46 7.53 -26.15 -36.03
N GLY B 47 7.38 -24.84 -36.04
CA GLY B 47 8.22 -23.94 -35.27
C GLY B 47 9.61 -23.75 -35.82
N ALA B 48 9.91 -24.28 -37.00
CA ALA B 48 11.21 -24.07 -37.62
C ALA B 48 11.30 -22.73 -38.36
N GLY B 49 10.18 -22.02 -38.51
CA GLY B 49 10.21 -20.66 -39.09
C GLY B 49 9.91 -20.61 -40.57
N LYS B 50 8.93 -21.39 -41.02
CA LYS B 50 8.60 -21.49 -42.45
C LYS B 50 8.00 -20.21 -43.02
N SER B 51 7.23 -19.48 -42.23
CA SER B 51 6.62 -18.25 -42.73
C SER B 51 7.64 -17.22 -43.21
N LEU B 52 8.80 -17.16 -42.55
CA LEU B 52 9.80 -16.19 -42.97
C LEU B 52 10.29 -16.48 -44.40
N CYS B 53 10.32 -17.75 -44.79
CA CYS B 53 10.73 -18.14 -46.15
C CYS B 53 9.97 -17.52 -47.30
N TYR B 54 8.72 -17.16 -47.07
CA TYR B 54 7.94 -16.42 -48.05
C TYR B 54 7.53 -14.98 -47.65
N GLN B 55 7.38 -14.66 -46.36
CA GLN B 55 7.14 -13.25 -45.94
C GLN B 55 8.27 -12.30 -46.35
N LEU B 56 9.52 -12.64 -46.05
CA LEU B 56 10.66 -11.78 -46.36
C LEU B 56 10.81 -11.52 -47.86
N PRO B 57 10.86 -12.58 -48.71
CA PRO B 57 10.92 -12.29 -50.15
C PRO B 57 9.74 -11.46 -50.67
N ALA B 58 8.56 -11.61 -50.08
CA ALA B 58 7.38 -10.88 -50.55
C ALA B 58 7.56 -9.37 -50.38
N LEU B 59 8.34 -8.98 -49.37
CA LEU B 59 8.62 -7.58 -49.11
C LEU B 59 9.62 -7.01 -50.14
N LEU B 60 10.62 -7.80 -50.51
CA LEU B 60 11.61 -7.39 -51.50
C LEU B 60 11.12 -7.33 -52.95
N ALA B 61 10.02 -8.01 -53.29
CA ALA B 61 9.60 -8.02 -54.69
C ALA B 61 8.71 -6.80 -54.97
N LYS B 62 8.47 -6.55 -56.27
CA LYS B 62 7.66 -5.43 -56.73
C LYS B 62 6.15 -5.63 -56.60
N GLY B 63 5.68 -6.82 -56.96
CA GLY B 63 4.24 -7.13 -56.95
C GLY B 63 3.63 -7.52 -55.59
N ILE B 64 2.44 -8.11 -55.67
CA ILE B 64 1.71 -8.63 -54.53
C ILE B 64 2.06 -10.11 -54.36
N THR B 65 1.97 -10.60 -53.13
CA THR B 65 2.16 -12.00 -52.81
C THR B 65 0.85 -12.53 -52.22
N ILE B 66 0.17 -13.44 -52.93
CA ILE B 66 -1.02 -14.11 -52.43
C ILE B 66 -0.61 -15.38 -51.71
N VAL B 67 -1.07 -15.51 -50.46
CA VAL B 67 -0.78 -16.69 -49.60
C VAL B 67 -2.08 -17.43 -49.30
N VAL B 68 -2.13 -18.71 -49.68
CA VAL B 68 -3.30 -19.59 -49.44
C VAL B 68 -3.07 -20.35 -48.12
N SER B 69 -4.01 -20.28 -47.18
CA SER B 69 -3.91 -20.99 -45.88
C SER B 69 -5.24 -21.60 -45.45
N PRO B 70 -5.22 -22.76 -44.78
CA PRO B 70 -6.49 -23.49 -44.67
C PRO B 70 -7.51 -22.90 -43.70
N LEU B 71 -7.07 -22.18 -42.68
CA LEU B 71 -7.98 -21.73 -41.60
C LEU B 71 -7.99 -20.21 -41.44
N ILE B 72 -9.15 -19.67 -41.10
CA ILE B 72 -9.32 -18.24 -40.89
C ILE B 72 -8.66 -17.83 -39.55
N ALA B 73 -8.65 -18.75 -38.58
CA ALA B 73 -7.95 -18.54 -37.32
C ALA B 73 -6.47 -18.28 -37.56
N LEU B 74 -5.79 -19.23 -38.19
CA LEU B 74 -4.35 -19.11 -38.42
C LEU B 74 -3.98 -17.92 -39.33
N ILE B 75 -4.88 -17.52 -40.23
CA ILE B 75 -4.64 -16.36 -41.10
C ILE B 75 -4.51 -15.11 -40.26
N GLN B 76 -5.55 -14.80 -39.51
CA GLN B 76 -5.59 -13.60 -38.67
C GLN B 76 -4.41 -13.53 -37.66
N ASP B 77 -3.93 -14.69 -37.19
CA ASP B 77 -2.76 -14.78 -36.30
C ASP B 77 -1.51 -14.25 -37.01
N GLN B 78 -1.29 -14.69 -38.26
CA GLN B 78 -0.20 -14.19 -39.13
C GLN B 78 -0.34 -12.73 -39.60
N VAL B 79 -1.57 -12.25 -39.81
CA VAL B 79 -1.83 -10.85 -40.19
C VAL B 79 -1.52 -9.92 -39.02
N ASP B 80 -2.06 -10.21 -37.85
CA ASP B 80 -1.84 -9.39 -36.66
C ASP B 80 -0.36 -9.22 -36.36
N HIS B 81 0.34 -10.36 -36.35
CA HIS B 81 1.79 -10.40 -36.13
C HIS B 81 2.47 -9.45 -37.09
N LEU B 82 2.21 -9.62 -38.38
CA LEU B 82 2.82 -8.78 -39.41
C LEU B 82 2.44 -7.30 -39.30
N LEU B 83 1.22 -7.01 -38.84
CA LEU B 83 0.75 -5.63 -38.74
C LEU B 83 1.61 -4.83 -37.75
N THR B 84 1.94 -5.44 -36.60
CA THR B 84 2.80 -4.79 -35.61
C THR B 84 4.15 -4.40 -36.23
N LEU B 85 4.61 -5.20 -37.20
CA LEU B 85 5.85 -4.93 -37.93
C LEU B 85 5.70 -3.88 -39.07
N LYS B 86 4.62 -3.09 -39.06
CA LYS B 86 4.45 -1.98 -40.02
C LYS B 86 4.55 -2.45 -41.49
N VAL B 87 3.96 -3.63 -41.73
CA VAL B 87 3.93 -4.28 -43.04
C VAL B 87 2.53 -4.12 -43.59
N ARG B 88 2.44 -3.86 -44.88
CA ARG B 88 1.17 -3.71 -45.56
C ARG B 88 0.61 -5.09 -45.94
N VAL B 89 -0.15 -5.66 -45.00
CA VAL B 89 -0.75 -6.98 -45.11
C VAL B 89 -2.26 -6.88 -44.91
N SER B 90 -3.02 -7.64 -45.70
CA SER B 90 -4.47 -7.76 -45.54
C SER B 90 -4.92 -9.21 -45.75
N SER B 91 -6.19 -9.47 -45.45
CA SER B 91 -6.79 -10.80 -45.68
C SER B 91 -8.20 -10.68 -46.24
N LEU B 92 -8.60 -11.64 -47.08
CA LEU B 92 -9.94 -11.65 -47.69
C LEU B 92 -10.68 -12.91 -47.24
N ASN B 93 -11.82 -12.71 -46.58
CA ASN B 93 -12.65 -13.81 -46.03
C ASN B 93 -14.05 -13.31 -45.63
N SER B 94 -14.95 -14.25 -45.27
CA SER B 94 -16.35 -13.92 -44.89
C SER B 94 -16.49 -12.90 -43.71
N LYS B 95 -15.53 -12.93 -42.79
CA LYS B 95 -15.54 -12.08 -41.58
C LYS B 95 -15.33 -10.57 -41.81
N LEU B 96 -15.12 -10.13 -43.05
CA LEU B 96 -15.06 -8.69 -43.35
C LEU B 96 -16.45 -8.13 -43.59
N SER B 97 -16.68 -6.91 -43.11
CA SER B 97 -17.90 -6.17 -43.42
C SER B 97 -17.92 -5.76 -44.90
N ALA B 98 -19.03 -5.14 -45.33
CA ALA B 98 -19.15 -4.62 -46.69
C ALA B 98 -18.24 -3.39 -46.93
N GLN B 99 -17.98 -2.64 -45.86
CA GLN B 99 -17.03 -1.52 -45.90
C GLN B 99 -15.60 -2.00 -46.19
N GLU B 100 -15.09 -2.89 -45.34
CA GLU B 100 -13.69 -3.37 -45.43
C GLU B 100 -13.45 -4.07 -46.76
N ARG B 101 -14.37 -4.94 -47.16
CA ARG B 101 -14.30 -5.66 -48.44
C ARG B 101 -14.17 -4.71 -49.60
N LYS B 102 -15.04 -3.70 -49.68
CA LYS B 102 -14.99 -2.72 -50.77
C LYS B 102 -13.71 -1.86 -50.68
N GLU B 103 -13.28 -1.57 -49.45
CA GLU B 103 -12.06 -0.78 -49.20
C GLU B 103 -10.80 -1.54 -49.67
N LEU B 104 -10.76 -2.85 -49.38
CA LEU B 104 -9.71 -3.75 -49.87
C LEU B 104 -9.74 -3.90 -51.40
N LEU B 105 -10.89 -4.32 -51.93
CA LEU B 105 -11.05 -4.55 -53.37
C LEU B 105 -10.74 -3.34 -54.22
N ALA B 106 -11.00 -2.15 -53.68
CA ALA B 106 -10.61 -0.89 -54.31
C ALA B 106 -9.08 -0.76 -54.37
N ASP B 107 -8.41 -1.05 -53.25
CA ASP B 107 -6.94 -1.05 -53.19
C ASP B 107 -6.34 -1.86 -54.33
N LEU B 108 -6.87 -3.05 -54.58
CA LEU B 108 -6.32 -3.98 -55.60
C LEU B 108 -6.58 -3.55 -57.06
N GLU B 109 -7.52 -2.62 -57.28
CA GLU B 109 -7.78 -2.04 -58.63
C GLU B 109 -6.91 -0.82 -59.04
N ARG B 110 -5.99 -0.40 -58.15
CA ARG B 110 -4.99 0.62 -58.49
C ARG B 110 -3.97 0.04 -59.46
N GLU B 111 -3.13 0.92 -60.02
CA GLU B 111 -1.96 0.46 -60.79
C GLU B 111 -0.72 0.39 -59.87
N LYS B 112 -0.88 0.83 -58.61
CA LYS B 112 0.07 0.57 -57.52
C LYS B 112 -0.73 0.41 -56.22
N PRO B 113 -1.17 -0.83 -55.90
CA PRO B 113 -1.87 -1.09 -54.63
C PRO B 113 -0.95 -1.04 -53.41
N GLN B 114 -1.50 -0.58 -52.29
CA GLN B 114 -0.81 -0.65 -51.01
C GLN B 114 -0.53 -2.08 -50.55
N THR B 115 -1.51 -2.97 -50.71
CA THR B 115 -1.39 -4.37 -50.24
C THR B 115 -0.15 -5.04 -50.81
N LYS B 116 0.70 -5.52 -49.90
CA LYS B 116 1.95 -6.21 -50.24
C LYS B 116 1.80 -7.75 -50.07
N ILE B 117 1.09 -8.16 -49.02
CA ILE B 117 0.80 -9.57 -48.71
C ILE B 117 -0.70 -9.78 -48.48
N LEU B 118 -1.33 -10.60 -49.34
CA LEU B 118 -2.79 -10.87 -49.28
C LEU B 118 -3.06 -12.29 -48.84
N TYR B 119 -3.64 -12.46 -47.64
CA TYR B 119 -4.02 -13.79 -47.13
C TYR B 119 -5.43 -14.13 -47.57
N ILE B 120 -5.66 -15.41 -47.84
CA ILE B 120 -6.90 -15.87 -48.46
C ILE B 120 -7.05 -17.38 -48.26
N THR B 121 -8.28 -17.83 -48.01
CA THR B 121 -8.57 -19.25 -47.86
C THR B 121 -8.68 -19.92 -49.23
N PRO B 122 -8.60 -21.26 -49.29
CA PRO B 122 -8.76 -21.94 -50.56
C PRO B 122 -10.17 -21.86 -51.12
N GLU B 123 -11.17 -21.72 -50.23
CA GLU B 123 -12.57 -21.49 -50.68
C GLU B 123 -12.77 -20.12 -51.32
N MET B 124 -12.12 -19.09 -50.79
CA MET B 124 -12.14 -17.72 -51.38
C MET B 124 -11.34 -17.62 -52.68
N ALA B 125 -10.19 -18.28 -52.71
CA ALA B 125 -9.33 -18.31 -53.91
C ALA B 125 -10.01 -19.03 -55.05
N ALA B 126 -10.84 -20.02 -54.75
CA ALA B 126 -11.64 -20.70 -55.76
C ALA B 126 -13.00 -20.06 -56.02
N SER B 127 -13.32 -18.97 -55.34
CA SER B 127 -14.68 -18.39 -55.40
C SER B 127 -15.00 -17.64 -56.70
N SER B 128 -16.25 -17.72 -57.14
CA SER B 128 -16.73 -17.02 -58.35
C SER B 128 -16.66 -15.49 -58.23
N SER B 129 -16.98 -14.98 -57.04
CA SER B 129 -16.99 -13.54 -56.75
C SER B 129 -15.60 -12.89 -56.74
N PHE B 130 -14.54 -13.69 -56.55
CA PHE B 130 -13.13 -13.23 -56.57
C PHE B 130 -12.46 -13.29 -57.96
N GLN B 131 -13.00 -14.04 -58.91
CA GLN B 131 -12.29 -14.26 -60.19
C GLN B 131 -11.96 -12.98 -60.97
N PRO B 132 -12.89 -11.99 -61.02
CA PRO B 132 -12.57 -10.71 -61.67
C PRO B 132 -11.40 -9.93 -61.04
N THR B 133 -11.26 -9.95 -59.72
CA THR B 133 -10.16 -9.25 -59.04
C THR B 133 -8.84 -9.93 -59.38
N LEU B 134 -8.89 -11.25 -59.48
CA LEU B 134 -7.69 -12.03 -59.72
C LEU B 134 -7.20 -11.87 -61.14
N ASN B 135 -8.16 -11.87 -62.07
CA ASN B 135 -7.91 -11.77 -63.52
C ASN B 135 -7.26 -10.44 -63.88
N SER B 136 -7.63 -9.39 -63.15
CA SER B 136 -7.01 -8.08 -63.27
C SER B 136 -5.53 -8.14 -62.86
N LEU B 137 -5.24 -8.78 -61.72
CA LEU B 137 -3.87 -8.90 -61.22
C LEU B 137 -2.94 -9.69 -62.18
N VAL B 138 -3.50 -10.74 -62.77
CA VAL B 138 -2.76 -11.59 -63.69
C VAL B 138 -2.40 -10.83 -64.96
N SER B 139 -3.42 -10.28 -65.62
CA SER B 139 -3.28 -9.54 -66.90
C SER B 139 -2.17 -8.50 -66.90
N ARG B 140 -2.14 -7.71 -65.83
CA ARG B 140 -1.24 -6.55 -65.69
C ARG B 140 0.15 -6.87 -65.11
N HIS B 141 0.41 -8.14 -64.79
CA HIS B 141 1.70 -8.58 -64.23
C HIS B 141 1.96 -7.92 -62.87
N LEU B 142 1.01 -8.06 -61.95
CA LEU B 142 1.10 -7.47 -60.61
C LEU B 142 1.34 -8.49 -59.50
N LEU B 143 1.57 -9.74 -59.86
CA LEU B 143 1.74 -10.82 -58.92
C LEU B 143 3.18 -11.25 -58.91
N SER B 144 3.79 -11.26 -57.72
CA SER B 144 5.19 -11.66 -57.57
C SER B 144 5.33 -13.14 -57.24
N TYR B 145 4.52 -13.60 -56.29
CA TYR B 145 4.57 -14.96 -55.83
C TYR B 145 3.15 -15.47 -55.61
N LEU B 146 2.98 -16.77 -55.84
CA LEU B 146 1.90 -17.56 -55.29
C LEU B 146 2.49 -18.51 -54.22
N VAL B 147 1.95 -18.40 -53.00
CA VAL B 147 2.38 -19.22 -51.85
C VAL B 147 1.20 -20.09 -51.46
N VAL B 148 1.49 -21.36 -51.23
CA VAL B 148 0.50 -22.33 -50.76
C VAL B 148 1.06 -22.92 -49.47
N ASP B 149 0.54 -22.42 -48.35
CA ASP B 149 0.95 -22.86 -47.01
C ASP B 149 0.17 -24.13 -46.69
N GLU B 150 0.73 -24.98 -45.82
CA GLU B 150 0.06 -26.18 -45.34
C GLU B 150 -0.33 -27.05 -46.52
N ALA B 151 0.57 -27.17 -47.49
CA ALA B 151 0.31 -27.80 -48.81
C ALA B 151 -0.06 -29.28 -48.73
N HIS B 152 0.27 -29.95 -47.63
CA HIS B 152 -0.18 -31.33 -47.36
C HIS B 152 -1.69 -31.49 -47.56
N CYS B 153 -2.43 -30.39 -47.46
CA CYS B 153 -3.89 -30.44 -47.61
C CYS B 153 -4.39 -30.92 -48.99
N VAL B 154 -3.53 -30.92 -50.00
CA VAL B 154 -3.86 -31.50 -51.32
C VAL B 154 -3.98 -33.03 -51.33
N SER B 155 -3.44 -33.70 -50.31
CA SER B 155 -3.16 -35.14 -50.35
C SER B 155 -4.12 -35.97 -49.53
N GLN B 156 -4.56 -37.08 -50.12
CA GLN B 156 -5.37 -38.05 -49.41
C GLN B 156 -4.52 -38.86 -48.42
N TRP B 157 -3.20 -38.87 -48.59
CA TRP B 157 -2.30 -39.54 -47.65
C TRP B 157 -1.83 -38.64 -46.52
N GLY B 158 -2.37 -37.43 -46.38
CA GLY B 158 -2.06 -36.55 -45.25
C GLY B 158 -3.16 -36.65 -44.22
N HIS B 159 -3.18 -35.72 -43.29
CA HIS B 159 -4.07 -35.84 -42.14
C HIS B 159 -5.19 -34.81 -42.12
N ASP B 160 -5.32 -34.00 -43.18
CA ASP B 160 -6.27 -32.87 -43.23
C ASP B 160 -6.64 -32.50 -44.72
N PHE B 161 -7.01 -33.51 -45.51
CA PHE B 161 -7.53 -33.29 -46.88
C PHE B 161 -8.61 -32.16 -47.03
N ARG B 162 -8.38 -31.22 -47.94
CA ARG B 162 -9.34 -30.16 -48.28
C ARG B 162 -9.56 -30.10 -49.83
N PRO B 163 -10.73 -30.54 -50.32
CA PRO B 163 -11.01 -30.58 -51.77
C PRO B 163 -10.59 -29.34 -52.55
N ASP B 164 -10.88 -28.18 -51.98
CA ASP B 164 -10.50 -26.88 -52.55
C ASP B 164 -9.02 -26.71 -52.88
N TYR B 165 -8.12 -27.36 -52.16
CA TYR B 165 -6.69 -27.24 -52.44
C TYR B 165 -6.32 -27.80 -53.83
N LEU B 166 -7.14 -28.71 -54.34
CA LEU B 166 -6.94 -29.26 -55.68
C LEU B 166 -7.16 -28.24 -56.83
N ARG B 167 -8.00 -27.21 -56.56
CA ARG B 167 -8.24 -26.08 -57.49
C ARG B 167 -6.97 -25.29 -57.79
N LEU B 168 -6.06 -25.24 -56.83
CA LEU B 168 -4.94 -24.29 -56.91
C LEU B 168 -3.95 -24.58 -58.06
N GLY B 169 -3.99 -25.82 -58.55
CA GLY B 169 -3.19 -26.24 -59.71
C GLY B 169 -3.34 -25.34 -60.92
N ALA B 170 -4.60 -25.20 -61.35
CA ALA B 170 -4.98 -24.43 -62.54
C ALA B 170 -4.49 -22.97 -62.43
N LEU B 171 -4.70 -22.40 -61.25
CA LEU B 171 -4.25 -21.05 -60.93
C LEU B 171 -2.74 -20.89 -61.21
N ARG B 172 -1.93 -21.80 -60.70
CA ARG B 172 -0.47 -21.75 -60.86
C ARG B 172 0.00 -21.73 -62.33
N SER B 173 -0.60 -22.60 -63.17
CA SER B 173 -0.28 -22.63 -64.60
C SER B 173 -0.65 -21.31 -65.35
N ARG B 174 -1.53 -20.50 -64.76
CA ARG B 174 -1.82 -19.12 -65.22
C ARG B 174 -0.78 -18.02 -64.84
N LEU B 175 -0.04 -18.20 -63.75
CA LEU B 175 0.95 -17.22 -63.32
C LEU B 175 2.33 -17.68 -63.73
N GLY B 176 2.51 -18.00 -65.02
CA GLY B 176 3.78 -18.59 -65.51
C GLY B 176 5.00 -17.69 -65.35
N HIS B 177 4.76 -16.39 -65.36
CA HIS B 177 5.71 -15.34 -64.93
C HIS B 177 6.23 -15.43 -63.46
N ALA B 178 5.41 -15.91 -62.52
CA ALA B 178 5.66 -15.81 -61.06
C ALA B 178 5.83 -17.17 -60.35
N PRO B 179 6.93 -17.36 -59.59
CA PRO B 179 7.17 -18.60 -58.82
C PRO B 179 6.12 -19.03 -57.76
N CYS B 180 5.88 -20.36 -57.66
CA CYS B 180 5.08 -20.96 -56.58
C CYS B 180 5.95 -21.55 -55.46
N VAL B 181 5.56 -21.29 -54.21
CA VAL B 181 6.24 -21.81 -53.00
C VAL B 181 5.23 -22.64 -52.20
N ALA B 182 5.59 -23.88 -51.86
CA ALA B 182 4.69 -24.78 -51.13
C ALA B 182 5.39 -25.17 -49.85
N LEU B 183 4.64 -25.18 -48.76
CA LEU B 183 5.23 -25.29 -47.43
C LEU B 183 4.39 -26.21 -46.58
N THR B 184 5.06 -27.13 -45.90
CA THR B 184 4.41 -28.13 -45.11
C THR B 184 5.36 -28.72 -44.13
N ALA B 185 4.79 -29.36 -43.12
CA ALA B 185 5.59 -30.11 -42.19
C ALA B 185 5.42 -31.62 -42.34
N THR B 186 4.38 -32.10 -43.02
CA THR B 186 4.24 -33.54 -43.31
C THR B 186 5.33 -33.98 -44.32
N ALA B 187 6.08 -35.04 -44.04
CA ALA B 187 7.36 -35.35 -44.73
C ALA B 187 7.36 -36.66 -45.54
N THR B 188 6.24 -37.37 -45.61
CA THR B 188 6.22 -38.62 -46.36
C THR B 188 6.35 -38.32 -47.85
N PRO B 189 7.01 -39.22 -48.62
CA PRO B 189 7.30 -38.97 -50.02
C PRO B 189 6.06 -39.01 -50.90
N GLN B 190 5.01 -39.71 -50.47
CA GLN B 190 3.77 -39.77 -51.22
C GLN B 190 3.00 -38.44 -51.12
N VAL B 191 3.08 -37.78 -49.98
CA VAL B 191 2.45 -36.44 -49.86
C VAL B 191 3.24 -35.45 -50.71
N GLN B 192 4.56 -35.62 -50.72
CA GLN B 192 5.43 -34.80 -51.52
C GLN B 192 5.07 -34.92 -52.99
N GLU B 193 4.94 -36.14 -53.49
CA GLU B 193 4.58 -36.38 -54.90
C GLU B 193 3.19 -35.79 -55.26
N ASP B 194 2.24 -36.01 -54.36
CA ASP B 194 0.93 -35.43 -54.47
C ASP B 194 1.00 -33.91 -54.57
N VAL B 195 1.85 -33.28 -53.77
CA VAL B 195 1.99 -31.82 -53.78
C VAL B 195 2.49 -31.32 -55.12
N PHE B 196 3.51 -31.99 -55.66
CA PHE B 196 4.14 -31.56 -56.91
C PHE B 196 3.15 -31.58 -58.09
N ALA B 197 2.27 -32.58 -58.10
CA ALA B 197 1.36 -32.84 -59.21
C ALA B 197 0.17 -31.95 -59.10
N ALA B 198 -0.43 -31.87 -57.90
CA ALA B 198 -1.65 -31.10 -57.70
C ALA B 198 -1.49 -29.57 -57.89
N LEU B 199 -0.34 -29.03 -57.59
CA LEU B 199 -0.04 -27.61 -57.77
C LEU B 199 0.61 -27.30 -59.12
N HIS B 200 0.83 -28.31 -59.98
CA HIS B 200 1.42 -28.12 -61.31
C HIS B 200 2.78 -27.45 -61.20
N LEU B 201 3.59 -27.83 -60.21
CA LEU B 201 4.90 -27.20 -60.01
C LEU B 201 5.85 -27.43 -61.19
N LYS B 202 6.75 -26.48 -61.44
CA LYS B 202 7.62 -26.54 -62.60
C LYS B 202 8.98 -27.11 -62.27
N LYS B 203 9.43 -28.04 -63.10
CA LYS B 203 10.62 -28.84 -62.81
C LYS B 203 11.89 -28.03 -62.95
N PRO B 204 13.03 -28.69 -62.73
CA PRO B 204 13.45 -29.05 -61.35
C PRO B 204 12.98 -28.17 -60.18
N VAL B 205 12.19 -28.76 -59.30
CA VAL B 205 11.72 -28.04 -58.13
C VAL B 205 12.91 -27.97 -57.21
N ALA B 206 13.06 -26.86 -56.51
CA ALA B 206 14.13 -26.74 -55.55
C ALA B 206 13.58 -27.14 -54.16
N ILE B 207 14.15 -28.22 -53.60
CA ILE B 207 13.66 -28.83 -52.36
C ILE B 207 14.54 -28.43 -51.15
N PHE B 208 13.88 -28.02 -50.06
CA PHE B 208 14.56 -27.81 -48.78
C PHE B 208 13.89 -28.66 -47.68
N LYS B 209 14.52 -29.79 -47.37
CA LYS B 209 13.94 -30.85 -46.52
C LYS B 209 14.83 -31.10 -45.32
N THR B 210 14.28 -30.98 -44.10
CA THR B 210 15.01 -31.27 -42.84
C THR B 210 15.04 -32.77 -42.66
N PRO B 211 16.23 -33.38 -42.64
CA PRO B 211 16.19 -34.83 -42.38
C PRO B 211 15.67 -35.10 -40.97
N CYS B 212 15.04 -36.24 -40.86
CA CYS B 212 14.35 -36.62 -39.66
C CYS B 212 15.33 -37.31 -38.68
N PHE B 213 16.53 -37.72 -39.16
CA PHE B 213 17.54 -38.46 -38.35
C PHE B 213 18.21 -37.65 -37.24
N ARG B 214 18.13 -38.18 -36.02
CA ARG B 214 18.78 -37.61 -34.84
C ARG B 214 19.76 -38.66 -34.32
N ALA B 215 21.04 -38.31 -34.27
CA ALA B 215 22.11 -39.24 -33.86
C ALA B 215 22.11 -39.54 -32.35
N ASN B 216 21.61 -38.59 -31.55
CA ASN B 216 21.55 -38.72 -30.09
C ASN B 216 20.37 -39.55 -29.51
N LEU B 217 19.71 -40.36 -30.32
CA LEU B 217 18.66 -41.27 -29.88
C LEU B 217 19.05 -42.73 -30.23
N PHE B 218 19.06 -43.56 -29.19
CA PHE B 218 19.17 -45.01 -29.35
C PHE B 218 17.75 -45.70 -29.43
N TYR B 219 17.51 -46.50 -30.48
CA TYR B 219 16.21 -47.19 -30.73
C TYR B 219 16.32 -48.69 -30.50
N ASP B 220 15.31 -49.27 -29.83
CA ASP B 220 15.15 -50.75 -29.85
C ASP B 220 13.71 -51.26 -29.64
N VAL B 221 13.48 -52.50 -30.04
CA VAL B 221 12.17 -53.13 -30.02
C VAL B 221 12.12 -54.50 -29.32
N GLN B 222 11.63 -54.51 -28.07
CA GLN B 222 11.57 -55.71 -27.23
C GLN B 222 10.19 -56.35 -27.24
N PHE B 223 10.16 -57.66 -27.29
CA PHE B 223 8.92 -58.41 -27.35
C PHE B 223 8.51 -58.83 -25.94
N LYS B 224 7.35 -58.36 -25.47
CA LYS B 224 6.91 -58.67 -24.08
C LYS B 224 6.62 -60.14 -23.81
N GLU B 225 6.22 -60.86 -24.85
CA GLU B 225 6.01 -62.32 -24.78
C GLU B 225 7.24 -63.09 -24.21
N LEU B 226 8.46 -62.74 -24.65
CA LEU B 226 9.69 -63.49 -24.28
C LEU B 226 10.35 -63.03 -22.99
N ILE B 227 9.75 -62.08 -22.29
CA ILE B 227 10.34 -61.50 -21.09
C ILE B 227 9.61 -62.16 -19.93
N SER B 228 10.36 -62.70 -18.98
CA SER B 228 9.75 -63.34 -17.80
C SER B 228 9.34 -62.32 -16.73
N ASP B 229 10.01 -61.17 -16.68
CA ASP B 229 9.72 -60.18 -15.65
C ASP B 229 9.49 -58.77 -16.24
N PRO B 230 8.33 -58.56 -16.90
CA PRO B 230 8.06 -57.31 -17.64
C PRO B 230 8.30 -56.01 -16.87
N TYR B 231 7.73 -55.89 -15.67
CA TYR B 231 7.77 -54.65 -14.89
C TYR B 231 9.14 -54.33 -14.35
N GLY B 232 9.97 -55.36 -14.22
CA GLY B 232 11.37 -55.20 -13.79
C GLY B 232 12.25 -54.82 -14.97
N ASN B 233 12.04 -55.51 -16.09
CA ASN B 233 12.64 -55.17 -17.37
C ASN B 233 12.53 -53.68 -17.71
N LEU B 234 11.37 -53.09 -17.50
CA LEU B 234 11.27 -51.65 -17.67
C LEU B 234 12.13 -50.97 -16.62
N LYS B 235 12.02 -51.42 -15.36
CA LYS B 235 12.76 -50.85 -14.22
C LYS B 235 14.27 -50.78 -14.44
N ASP B 236 14.84 -51.83 -15.01
CA ASP B 236 16.27 -51.85 -15.32
C ASP B 236 16.61 -50.77 -16.38
N PHE B 237 15.82 -50.77 -17.46
CA PHE B 237 15.90 -49.75 -18.53
C PHE B 237 15.80 -48.30 -18.05
N CYS B 238 14.81 -47.99 -17.22
CA CYS B 238 14.64 -46.62 -16.72
C CYS B 238 15.88 -46.17 -15.98
N LEU B 239 16.33 -46.98 -15.03
CA LEU B 239 17.43 -46.59 -14.14
C LEU B 239 18.72 -46.40 -14.93
N LYS B 240 19.11 -47.46 -15.63
CA LYS B 240 20.28 -47.45 -16.53
C LYS B 240 20.44 -46.15 -17.33
N ALA B 241 19.34 -45.67 -17.94
CA ALA B 241 19.35 -44.46 -18.76
C ALA B 241 19.45 -43.17 -17.96
N LEU B 242 19.06 -43.19 -16.68
CA LEU B 242 19.03 -41.96 -15.89
C LEU B 242 20.44 -41.55 -15.42
N GLY B 243 20.66 -40.23 -15.32
CA GLY B 243 21.93 -39.64 -14.93
C GLY B 243 21.71 -38.51 -13.95
N GLY B 252 19.04 -37.30 -15.76
CA GLY B 252 17.96 -36.72 -16.53
C GLY B 252 16.59 -37.21 -16.11
N CYS B 253 15.63 -37.19 -17.05
CA CYS B 253 14.24 -37.66 -16.82
C CYS B 253 13.77 -38.65 -17.91
N GLY B 254 12.57 -39.20 -17.73
CA GLY B 254 11.99 -40.16 -18.67
C GLY B 254 10.48 -40.08 -18.79
N ILE B 255 9.96 -40.78 -19.80
CA ILE B 255 8.52 -40.86 -20.08
C ILE B 255 8.14 -42.28 -20.51
N VAL B 256 7.05 -42.76 -19.90
CA VAL B 256 6.43 -44.04 -20.25
C VAL B 256 5.08 -43.73 -20.93
N TYR B 257 4.89 -44.27 -22.15
CA TYR B 257 3.60 -44.22 -22.87
C TYR B 257 2.86 -45.56 -22.83
N CYS B 258 1.54 -45.45 -22.77
CA CYS B 258 0.64 -46.59 -22.79
C CYS B 258 -0.78 -46.11 -23.06
N ARG B 259 -1.64 -47.03 -23.52
CA ARG B 259 -2.98 -46.70 -24.03
C ARG B 259 -4.02 -46.41 -22.94
N THR B 260 -4.33 -47.38 -22.08
CA THR B 260 -5.41 -47.26 -21.06
C THR B 260 -4.99 -46.65 -19.73
N ARG B 261 -5.96 -46.04 -19.05
CA ARG B 261 -5.74 -45.33 -17.79
C ARG B 261 -5.38 -46.31 -16.68
N GLU B 262 -6.07 -47.44 -16.69
CA GLU B 262 -5.85 -48.48 -15.70
C GLU B 262 -4.40 -49.07 -15.81
N ALA B 263 -3.91 -49.30 -17.02
CA ALA B 263 -2.49 -49.71 -17.22
C ALA B 263 -1.53 -48.61 -16.77
N CYS B 264 -1.91 -47.36 -17.03
CA CYS B 264 -1.10 -46.20 -16.69
C CYS B 264 -0.81 -46.17 -15.20
N GLU B 265 -1.87 -46.40 -14.41
CA GLU B 265 -1.80 -46.37 -12.95
C GLU B 265 -1.04 -47.57 -12.42
N GLN B 266 -1.34 -48.75 -12.98
CA GLN B 266 -0.57 -49.96 -12.70
C GLN B 266 0.92 -49.80 -12.99
N LEU B 267 1.26 -49.14 -14.09
CA LEU B 267 2.67 -48.97 -14.45
C LEU B 267 3.45 -48.14 -13.45
N ALA B 268 2.88 -47.02 -13.01
CA ALA B 268 3.52 -46.13 -11.99
C ALA B 268 3.79 -46.83 -10.65
N ILE B 269 2.78 -47.60 -10.20
CA ILE B 269 2.83 -48.41 -8.99
C ILE B 269 3.93 -49.49 -9.07
N GLU B 270 3.97 -50.25 -10.18
CA GLU B 270 4.95 -51.36 -10.31
C GLU B 270 6.40 -50.85 -10.34
N LEU B 271 6.59 -49.69 -10.99
CA LEU B 271 7.88 -49.00 -11.04
C LEU B 271 8.28 -48.47 -9.67
N SER B 272 7.40 -47.74 -9.01
CA SER B 272 7.69 -47.09 -7.70
C SER B 272 8.01 -48.09 -6.55
N CYS B 273 7.26 -49.19 -6.50
CA CYS B 273 7.56 -50.35 -5.62
C CYS B 273 8.91 -51.05 -5.86
N ARG B 274 9.44 -50.97 -7.09
CA ARG B 274 10.65 -51.71 -7.51
C ARG B 274 11.89 -50.82 -7.68
N GLY B 275 11.88 -49.63 -7.06
CA GLY B 275 13.05 -48.76 -7.02
C GLY B 275 13.24 -47.78 -8.19
N VAL B 276 12.15 -47.18 -8.66
CA VAL B 276 12.23 -46.06 -9.62
C VAL B 276 10.95 -45.21 -9.50
N ASN B 277 11.12 -43.95 -9.11
CA ASN B 277 9.99 -43.07 -8.78
C ASN B 277 9.23 -42.67 -10.06
N ALA B 278 7.90 -42.79 -10.05
CA ALA B 278 7.05 -42.62 -11.25
C ALA B 278 5.57 -42.37 -10.90
N LYS B 279 4.95 -41.38 -11.56
CA LYS B 279 3.57 -40.94 -11.30
C LYS B 279 2.71 -41.03 -12.57
N ALA B 280 1.38 -41.11 -12.39
CA ALA B 280 0.44 -41.37 -13.50
C ALA B 280 -0.20 -40.08 -14.03
N TYR B 281 -0.53 -40.08 -15.31
CA TYR B 281 -1.02 -38.87 -15.99
C TYR B 281 -2.07 -39.18 -17.07
N HIS B 282 -3.34 -38.96 -16.73
CA HIS B 282 -4.48 -39.25 -17.64
C HIS B 282 -5.73 -38.35 -17.47
N ALA B 283 -6.60 -38.35 -18.47
CA ALA B 283 -7.80 -37.51 -18.48
C ALA B 283 -8.94 -38.01 -17.55
N GLY B 284 -8.71 -39.13 -16.86
CA GLY B 284 -9.50 -39.53 -15.71
C GLY B 284 -9.10 -38.85 -14.40
N LEU B 285 -7.96 -38.16 -14.38
CA LEU B 285 -7.55 -37.32 -13.23
C LEU B 285 -8.26 -35.97 -13.18
N LYS B 286 -8.28 -35.36 -11.99
CA LYS B 286 -8.78 -34.00 -11.79
C LYS B 286 -7.77 -33.03 -12.36
N ALA B 287 -8.24 -31.94 -12.97
CA ALA B 287 -7.35 -30.93 -13.58
C ALA B 287 -6.23 -30.44 -12.64
N SER B 288 -6.60 -30.14 -11.38
CA SER B 288 -5.64 -29.78 -10.32
C SER B 288 -4.50 -30.79 -10.23
N GLU B 289 -4.87 -32.06 -10.15
CA GLU B 289 -3.90 -33.15 -9.99
C GLU B 289 -2.93 -33.27 -11.19
N ARG B 290 -3.43 -33.00 -12.40
CA ARG B 290 -2.63 -33.14 -13.62
C ARG B 290 -1.50 -32.11 -13.69
N THR B 291 -1.83 -30.87 -13.39
CA THR B 291 -0.86 -29.78 -13.47
C THR B 291 0.30 -29.92 -12.46
N LEU B 292 0.01 -30.48 -11.28
CA LEU B 292 1.05 -30.77 -10.26
C LEU B 292 1.97 -31.89 -10.71
N VAL B 293 1.40 -32.96 -11.26
CA VAL B 293 2.18 -34.07 -11.80
C VAL B 293 3.05 -33.60 -12.98
N GLN B 294 2.55 -32.64 -13.77
N GLN B 294 2.55 -32.63 -13.75
CA GLN B 294 3.35 -31.92 -14.77
CA GLN B 294 3.36 -31.94 -14.78
C GLN B 294 4.50 -31.16 -14.12
C GLN B 294 4.51 -31.16 -14.13
N ASN B 295 4.20 -30.41 -13.07
CA ASN B 295 5.21 -29.66 -12.29
C ASN B 295 6.22 -30.55 -11.56
N ASP B 296 5.78 -31.72 -11.09
CA ASP B 296 6.67 -32.74 -10.48
C ASP B 296 7.67 -33.28 -11.50
N TRP B 297 7.23 -33.41 -12.74
CA TRP B 297 8.09 -33.84 -13.83
C TRP B 297 8.98 -32.70 -14.34
N MET B 298 8.40 -31.49 -14.50
CA MET B 298 9.15 -30.30 -14.98
C MET B 298 10.24 -29.86 -13.98
N GLU B 299 9.83 -29.67 -12.74
CA GLU B 299 10.74 -29.28 -11.64
C GLU B 299 11.54 -30.49 -11.06
N GLU B 300 11.48 -31.66 -11.72
CA GLU B 300 12.36 -32.84 -11.45
C GLU B 300 12.29 -33.52 -10.07
N LYS B 301 11.24 -33.26 -9.29
CA LYS B 301 10.98 -34.00 -8.04
C LYS B 301 10.81 -35.49 -8.38
N VAL B 302 9.88 -35.75 -9.30
CA VAL B 302 9.65 -37.08 -9.89
C VAL B 302 10.33 -37.09 -11.28
N PRO B 303 11.27 -38.03 -11.51
CA PRO B 303 11.93 -38.14 -12.84
C PRO B 303 11.06 -38.76 -13.94
N VAL B 304 10.45 -39.92 -13.67
CA VAL B 304 9.64 -40.66 -14.65
C VAL B 304 8.18 -40.17 -14.59
N ILE B 305 7.49 -40.20 -15.73
CA ILE B 305 6.05 -39.93 -15.82
C ILE B 305 5.41 -40.96 -16.74
N VAL B 306 4.27 -41.49 -16.34
CA VAL B 306 3.58 -42.52 -17.10
C VAL B 306 2.30 -41.88 -17.60
N ALA B 307 2.16 -41.77 -18.94
CA ALA B 307 1.09 -40.97 -19.59
C ALA B 307 0.29 -41.67 -20.74
N THR B 308 -0.96 -41.23 -20.82
CA THR B 308 -1.93 -41.62 -21.85
C THR B 308 -2.03 -40.65 -23.04
N ILE B 309 -1.68 -39.39 -22.76
CA ILE B 309 -2.00 -38.24 -23.61
C ILE B 309 -0.94 -37.14 -23.47
N SER B 310 -1.05 -36.13 -24.33
CA SER B 310 0.01 -35.11 -24.48
C SER B 310 0.23 -34.20 -23.27
N PHE B 311 1.43 -33.62 -23.23
CA PHE B 311 1.91 -32.80 -22.11
C PHE B 311 1.62 -31.33 -22.32
N ASP B 316 8.21 -27.69 -24.54
CA ASP B 316 8.56 -29.10 -24.36
C ASP B 316 9.91 -29.21 -23.66
N LYS B 317 9.93 -29.88 -22.51
CA LYS B 317 11.14 -30.01 -21.67
C LYS B 317 12.33 -30.64 -22.39
N ALA B 318 13.50 -30.02 -22.22
CA ALA B 318 14.65 -30.27 -23.07
C ALA B 318 15.62 -31.34 -22.60
N ASN B 319 15.29 -32.10 -21.56
CA ASN B 319 16.25 -33.12 -21.02
C ASN B 319 15.65 -34.51 -20.69
N VAL B 320 14.87 -35.03 -21.64
CA VAL B 320 14.30 -36.37 -21.56
C VAL B 320 15.33 -37.41 -22.03
N ARG B 321 15.90 -38.17 -21.08
CA ARG B 321 16.91 -39.21 -21.39
C ARG B 321 16.34 -40.47 -21.99
N PHE B 322 15.07 -40.78 -21.71
CA PHE B 322 14.38 -41.90 -22.38
C PHE B 322 12.87 -41.70 -22.57
N VAL B 323 12.35 -42.36 -23.60
CA VAL B 323 10.91 -42.55 -23.80
C VAL B 323 10.70 -44.04 -24.12
N ALA B 324 9.77 -44.66 -23.41
CA ALA B 324 9.43 -46.04 -23.70
C ALA B 324 7.95 -46.15 -24.03
N HIS B 325 7.66 -46.97 -25.03
CA HIS B 325 6.27 -47.31 -25.38
C HIS B 325 5.91 -48.70 -24.87
N TRP B 326 5.05 -48.73 -23.84
CA TRP B 326 4.56 -50.00 -23.31
C TRP B 326 3.60 -50.62 -24.30
N ASN B 327 2.80 -49.78 -24.95
CA ASN B 327 1.93 -50.25 -26.01
C ASN B 327 2.31 -49.56 -27.27
N ILE B 328 2.36 -50.34 -28.35
CA ILE B 328 2.53 -49.80 -29.70
C ILE B 328 1.60 -48.62 -29.99
N ALA B 329 2.15 -47.63 -30.69
CA ALA B 329 1.42 -46.42 -31.05
C ALA B 329 0.43 -46.67 -32.19
N LYS B 330 -0.36 -45.68 -32.53
CA LYS B 330 -1.37 -45.78 -33.63
C LYS B 330 -0.82 -45.56 -35.06
N SER B 331 0.31 -44.86 -35.18
CA SER B 331 0.94 -44.64 -36.49
C SER B 331 2.46 -44.47 -36.37
N MET B 332 3.18 -44.76 -37.46
CA MET B 332 4.60 -44.43 -37.55
C MET B 332 4.85 -42.96 -37.21
N ALA B 333 4.09 -42.04 -37.81
CA ALA B 333 4.22 -40.58 -37.54
C ALA B 333 4.06 -40.24 -36.07
N GLY B 334 3.07 -40.88 -35.43
CA GLY B 334 2.86 -40.77 -33.99
C GLY B 334 4.06 -41.23 -33.16
N TYR B 335 4.59 -42.43 -33.44
CA TYR B 335 5.75 -42.96 -32.69
C TYR B 335 7.02 -42.08 -32.85
N TYR B 336 7.16 -41.43 -34.01
CA TYR B 336 8.32 -40.62 -34.31
C TYR B 336 8.20 -39.32 -33.53
N GLN B 337 7.01 -38.72 -33.48
CA GLN B 337 6.85 -37.50 -32.67
C GLN B 337 7.02 -37.80 -31.17
N GLU B 338 6.37 -38.85 -30.67
CA GLU B 338 6.31 -39.15 -29.22
C GLU B 338 7.66 -39.50 -28.64
N SER B 339 8.37 -40.37 -29.35
CA SER B 339 9.75 -40.70 -29.03
C SER B 339 10.69 -39.51 -29.25
N GLY B 340 10.45 -38.70 -30.26
CA GLY B 340 11.27 -37.51 -30.53
C GLY B 340 11.04 -36.35 -29.55
N ARG B 341 10.38 -36.63 -28.44
CA ARG B 341 10.43 -35.76 -27.27
C ARG B 341 11.67 -36.09 -26.42
N ALA B 342 12.37 -37.19 -26.76
CA ALA B 342 13.62 -37.64 -26.14
C ALA B 342 14.90 -36.98 -26.66
N GLY B 343 15.48 -36.10 -25.85
CA GLY B 343 16.88 -35.69 -26.05
C GLY B 343 17.08 -34.46 -26.91
N ARG B 344 16.36 -33.38 -26.60
CA ARG B 344 16.56 -32.08 -27.25
C ARG B 344 17.92 -31.44 -26.86
N ASP B 345 18.42 -31.77 -25.67
CA ASP B 345 19.71 -31.23 -25.19
C ASP B 345 20.92 -31.62 -26.06
N GLY B 346 20.93 -32.83 -26.61
CA GLY B 346 22.00 -33.29 -27.48
C GLY B 346 22.61 -34.62 -27.06
N LYS B 347 22.43 -35.01 -25.79
CA LYS B 347 23.10 -36.22 -25.20
C LYS B 347 22.46 -37.55 -25.66
N PRO B 348 23.24 -38.67 -25.69
CA PRO B 348 22.72 -39.98 -26.19
C PRO B 348 21.56 -40.60 -25.36
N SER B 349 20.33 -40.48 -25.85
CA SER B 349 19.11 -40.94 -25.14
C SER B 349 18.71 -42.33 -25.63
N TRP B 350 17.74 -42.95 -24.92
CA TRP B 350 17.22 -44.28 -25.32
C TRP B 350 15.74 -44.22 -25.64
N CYS B 351 15.34 -44.95 -26.68
CA CYS B 351 13.94 -44.95 -27.17
C CYS B 351 13.55 -46.40 -27.35
N ARG B 352 12.59 -46.87 -26.56
CA ARG B 352 12.20 -48.31 -26.60
C ARG B 352 10.73 -48.55 -26.83
N LEU B 353 10.46 -49.45 -27.78
CA LEU B 353 9.10 -49.85 -28.12
C LEU B 353 8.82 -51.27 -27.61
N TYR B 354 7.94 -51.39 -26.59
CA TYR B 354 7.53 -52.72 -26.11
C TYR B 354 6.39 -53.18 -26.96
N TYR B 355 6.67 -54.10 -27.88
CA TYR B 355 5.71 -54.61 -28.82
C TYR B 355 5.17 -55.96 -28.34
N SER B 356 3.92 -56.26 -28.65
CA SER B 356 3.40 -57.61 -28.54
C SER B 356 2.23 -57.78 -29.51
N ARG B 357 2.06 -59.01 -29.98
CA ARG B 357 1.00 -59.32 -30.91
C ARG B 357 -0.41 -59.12 -30.33
N ASN B 358 -0.59 -59.33 -29.02
CA ASN B 358 -1.90 -59.04 -28.41
C ASN B 358 -2.15 -57.55 -28.57
N ASP B 359 -1.16 -56.73 -28.19
CA ASP B 359 -1.29 -55.27 -28.25
C ASP B 359 -1.52 -54.74 -29.64
N ARG B 360 -0.79 -55.29 -30.61
CA ARG B 360 -0.97 -54.92 -31.98
C ARG B 360 -2.41 -55.18 -32.46
N ASP B 361 -2.97 -56.34 -32.09
CA ASP B 361 -4.33 -56.71 -32.47
C ASP B 361 -5.38 -55.78 -31.86
N GLN B 362 -5.19 -55.48 -30.58
CA GLN B 362 -6.05 -54.58 -29.81
C GLN B 362 -6.07 -53.16 -30.44
N VAL B 363 -4.92 -52.61 -30.83
CA VAL B 363 -4.83 -51.24 -31.39
C VAL B 363 -5.36 -51.20 -32.83
N SER B 364 -5.04 -52.22 -33.61
CA SER B 364 -5.67 -52.45 -34.93
C SER B 364 -7.21 -52.44 -34.93
N PHE B 365 -7.79 -53.26 -34.05
CA PHE B 365 -9.25 -53.34 -33.81
C PHE B 365 -9.86 -51.95 -33.57
N LEU B 366 -9.30 -51.22 -32.59
CA LEU B 366 -9.83 -49.89 -32.20
C LEU B 366 -9.76 -48.93 -33.35
N ILE B 367 -8.64 -48.92 -34.07
CA ILE B 367 -8.55 -48.11 -35.30
C ILE B 367 -9.73 -48.36 -36.22
N ARG B 368 -10.06 -49.64 -36.41
CA ARG B 368 -11.07 -50.01 -37.35
C ARG B 368 -12.51 -49.65 -36.87
N LYS B 369 -12.81 -49.85 -35.60
CA LYS B 369 -14.05 -49.27 -35.05
C LYS B 369 -14.14 -47.76 -35.26
N GLU B 370 -13.01 -47.05 -35.15
CA GLU B 370 -13.00 -45.62 -35.37
C GLU B 370 -13.24 -45.32 -36.81
N VAL B 371 -12.64 -46.07 -37.73
CA VAL B 371 -12.89 -45.88 -39.18
C VAL B 371 -14.39 -46.13 -39.51
N ALA B 372 -14.99 -47.20 -38.96
CA ALA B 372 -16.41 -47.50 -39.18
C ALA B 372 -17.33 -46.39 -38.69
N LYS B 373 -17.06 -45.80 -37.53
CA LYS B 373 -17.89 -44.70 -37.07
C LYS B 373 -17.82 -43.57 -38.07
N LEU B 374 -16.66 -43.33 -38.69
CA LEU B 374 -16.56 -42.22 -39.58
C LEU B 374 -17.29 -42.52 -40.85
N GLN B 375 -17.23 -43.77 -41.27
CA GLN B 375 -17.97 -44.18 -42.47
C GLN B 375 -19.50 -44.13 -42.33
N GLU B 376 -20.00 -44.41 -41.14
CA GLU B 376 -21.41 -44.21 -40.79
C GLU B 376 -21.82 -42.74 -40.95
N LYS B 377 -20.95 -41.83 -40.51
CA LYS B 377 -21.25 -40.41 -40.54
C LYS B 377 -21.20 -39.83 -41.96
N ARG B 378 -20.14 -40.09 -42.71
CA ARG B 378 -19.92 -39.41 -44.00
C ARG B 378 -19.58 -40.32 -45.16
N GLY B 379 -19.78 -41.63 -45.04
CA GLY B 379 -19.56 -42.54 -46.17
C GLY B 379 -18.09 -42.91 -46.40
N ASN B 380 -17.83 -43.60 -47.51
CA ASN B 380 -16.50 -44.10 -47.85
C ASN B 380 -15.59 -42.97 -48.33
N LYS B 381 -14.34 -43.02 -47.88
CA LYS B 381 -13.35 -42.06 -48.31
C LYS B 381 -12.03 -42.74 -48.59
N ALA B 382 -11.36 -42.30 -49.65
CA ALA B 382 -10.00 -42.72 -49.94
C ALA B 382 -9.10 -42.55 -48.72
N SER B 383 -9.23 -41.47 -47.96
CA SER B 383 -8.35 -41.32 -46.79
C SER B 383 -8.35 -42.45 -45.75
N ASP B 384 -9.38 -43.27 -45.65
CA ASP B 384 -9.38 -44.35 -44.61
C ASP B 384 -8.35 -45.46 -44.87
N LYS B 385 -7.87 -45.59 -46.11
CA LYS B 385 -6.78 -46.53 -46.42
C LYS B 385 -5.47 -46.03 -45.79
N ALA B 386 -5.26 -44.70 -45.88
CA ALA B 386 -4.12 -44.02 -45.28
C ALA B 386 -3.99 -44.32 -43.80
N THR B 387 -5.12 -44.31 -43.09
CA THR B 387 -5.10 -44.57 -41.66
C THR B 387 -4.63 -45.97 -41.28
N ILE B 388 -5.05 -46.95 -42.05
CA ILE B 388 -4.66 -48.33 -41.82
C ILE B 388 -3.15 -48.52 -42.10
N MET B 389 -2.67 -47.97 -43.23
CA MET B 389 -1.26 -48.07 -43.64
C MET B 389 -0.28 -47.37 -42.72
N ALA B 390 -0.69 -46.29 -42.12
CA ALA B 390 0.17 -45.61 -41.17
C ALA B 390 0.44 -46.47 -39.94
N PHE B 391 -0.57 -47.24 -39.48
CA PHE B 391 -0.38 -48.22 -38.42
C PHE B 391 0.48 -49.41 -38.88
N ASP B 392 0.09 -50.04 -39.97
CA ASP B 392 0.84 -51.18 -40.47
C ASP B 392 2.34 -50.91 -40.67
N ALA B 393 2.71 -49.70 -41.04
CA ALA B 393 4.13 -49.38 -41.23
C ALA B 393 4.92 -49.52 -39.93
N LEU B 394 4.31 -49.21 -38.78
CA LEU B 394 4.97 -49.35 -37.49
C LEU B 394 4.94 -50.82 -37.04
N VAL B 395 4.00 -51.60 -37.56
CA VAL B 395 3.97 -53.04 -37.27
C VAL B 395 5.20 -53.66 -37.97
N THR B 396 5.32 -53.42 -39.27
CA THR B 396 6.50 -53.80 -40.04
C THR B 396 7.83 -53.44 -39.36
N PHE B 397 7.93 -52.23 -38.82
CA PHE B 397 9.07 -51.73 -38.03
C PHE B 397 9.42 -52.62 -36.84
N CYS B 398 8.39 -53.08 -36.11
CA CYS B 398 8.60 -53.93 -34.93
C CYS B 398 9.06 -55.35 -35.28
N GLU B 399 8.58 -55.88 -36.39
CA GLU B 399 8.78 -57.27 -36.79
C GLU B 399 9.92 -57.56 -37.82
N GLU B 400 10.61 -56.50 -38.23
CA GLU B 400 11.58 -56.50 -39.34
C GLU B 400 12.99 -56.64 -38.77
N LEU B 401 13.82 -57.33 -39.55
CA LEU B 401 15.27 -57.37 -39.31
C LEU B 401 15.88 -56.25 -40.11
N GLY B 402 16.17 -55.15 -39.45
CA GLY B 402 16.73 -54.03 -40.14
C GLY B 402 17.10 -52.98 -39.15
N CYS B 403 17.93 -52.06 -39.61
CA CYS B 403 18.32 -50.88 -38.87
C CYS B 403 17.07 -50.04 -38.52
N ARG B 404 16.99 -49.47 -37.31
CA ARG B 404 15.80 -48.74 -36.87
C ARG B 404 15.70 -47.40 -37.58
N HIS B 405 16.77 -46.64 -37.58
CA HIS B 405 16.76 -45.29 -38.21
C HIS B 405 16.54 -45.37 -39.74
N ALA B 406 16.99 -46.45 -40.36
CA ALA B 406 16.75 -46.61 -41.77
C ALA B 406 15.27 -46.71 -42.04
N ALA B 407 14.61 -47.65 -41.36
CA ALA B 407 13.15 -47.83 -41.49
C ALA B 407 12.35 -46.51 -41.29
N ILE B 408 12.73 -45.65 -40.33
CA ILE B 408 12.13 -44.31 -40.15
C ILE B 408 12.41 -43.38 -41.36
N ALA B 409 13.66 -43.40 -41.82
CA ALA B 409 14.12 -42.58 -42.96
C ALA B 409 13.49 -43.00 -44.27
N LYS B 410 13.43 -44.31 -44.49
CA LYS B 410 12.62 -44.86 -45.56
C LYS B 410 11.17 -44.32 -45.55
N TYR B 411 10.57 -44.16 -44.34
CA TYR B 411 9.18 -43.72 -44.24
C TYR B 411 9.02 -42.30 -44.71
N PHE B 412 9.87 -41.41 -44.17
CA PHE B 412 9.86 -39.98 -44.51
C PHE B 412 10.68 -39.56 -45.77
N GLY B 413 11.04 -40.50 -46.63
CA GLY B 413 11.76 -40.18 -47.87
C GLY B 413 13.15 -39.59 -47.72
N ASP B 414 13.85 -39.96 -46.63
CA ASP B 414 15.28 -39.58 -46.38
C ASP B 414 16.24 -40.63 -46.96
N ALA B 415 17.48 -40.22 -47.13
CA ALA B 415 18.56 -41.15 -47.46
C ALA B 415 19.03 -41.94 -46.25
N LEU B 416 19.68 -43.08 -46.55
CA LEU B 416 20.33 -43.97 -45.56
C LEU B 416 21.22 -43.16 -44.60
N PRO B 417 20.83 -43.01 -43.29
CA PRO B 417 21.72 -42.32 -42.34
C PRO B 417 22.81 -43.24 -41.80
N ALA B 418 23.77 -42.62 -41.10
CA ALA B 418 24.92 -43.32 -40.51
C ALA B 418 24.60 -43.71 -39.06
N CYS B 419 24.65 -45.01 -38.79
CA CYS B 419 24.34 -45.58 -37.46
C CYS B 419 25.50 -45.40 -36.45
N ALA B 420 25.53 -44.29 -35.73
CA ALA B 420 26.63 -43.98 -34.80
C ALA B 420 26.49 -44.72 -33.45
N LYS B 421 26.44 -46.06 -33.49
CA LYS B 421 25.98 -46.91 -32.35
C LYS B 421 24.61 -46.47 -31.86
N GLY B 422 23.68 -46.23 -32.80
CA GLY B 422 22.40 -45.55 -32.54
C GLY B 422 21.18 -46.43 -32.49
N CYS B 423 21.30 -47.70 -32.91
CA CYS B 423 20.19 -48.65 -32.90
C CYS B 423 20.60 -50.09 -32.56
N ASP B 424 19.70 -50.84 -31.91
CA ASP B 424 19.95 -52.24 -31.49
C ASP B 424 20.39 -53.20 -32.58
N HIS B 425 19.86 -53.04 -33.78
CA HIS B 425 20.27 -53.87 -34.91
C HIS B 425 21.70 -53.52 -35.39
N CYS B 426 22.07 -52.24 -35.25
CA CYS B 426 23.35 -51.67 -35.69
C CYS B 426 24.45 -51.53 -34.55
N GLN B 427 24.01 -51.66 -33.28
CA GLN B 427 24.88 -51.78 -32.08
C GLN B 427 25.06 -53.25 -31.59
N ASN B 428 24.20 -54.17 -32.02
CA ASN B 428 24.28 -55.57 -31.64
C ASN B 428 23.37 -56.42 -32.56
N PRO B 429 23.78 -56.58 -33.83
CA PRO B 429 23.03 -57.32 -34.87
C PRO B 429 22.42 -58.66 -34.49
N THR B 430 23.11 -59.39 -33.64
CA THR B 430 22.72 -60.75 -33.27
C THR B 430 21.69 -60.82 -32.13
N ALA B 431 21.72 -59.80 -31.25
CA ALA B 431 20.77 -59.63 -30.14
C ALA B 431 19.32 -59.29 -30.58
N VAL B 432 19.07 -59.22 -31.89
CA VAL B 432 17.76 -59.07 -32.48
C VAL B 432 17.34 -60.36 -33.17
N ARG B 433 18.21 -61.02 -33.93
CA ARG B 433 17.80 -62.21 -34.69
C ARG B 433 17.33 -63.38 -33.81
N ARG B 434 17.94 -63.54 -32.62
CA ARG B 434 17.47 -64.55 -31.65
C ARG B 434 16.02 -64.29 -31.34
N ARG B 435 15.77 -63.07 -30.84
CA ARG B 435 14.47 -62.67 -30.31
C ARG B 435 13.37 -62.93 -31.36
N LEU B 436 13.61 -62.50 -32.61
CA LEU B 436 12.65 -62.74 -33.69
C LEU B 436 12.39 -64.24 -34.02
N GLU B 437 13.38 -65.12 -33.79
CA GLU B 437 13.19 -66.57 -33.94
C GLU B 437 12.25 -67.17 -32.86
N ALA B 438 12.31 -66.59 -31.66
CA ALA B 438 11.50 -67.02 -30.51
C ALA B 438 10.03 -66.61 -30.61
N LEU B 439 9.77 -65.45 -31.21
CA LEU B 439 8.40 -64.96 -31.45
C LEU B 439 7.57 -66.05 -32.16
N GLU B 440 8.04 -66.52 -33.32
CA GLU B 440 7.29 -67.51 -34.13
C GLU B 440 7.15 -68.91 -33.49
N ARG B 441 8.18 -69.36 -32.76
CA ARG B 441 8.10 -70.60 -31.96
C ARG B 441 7.13 -70.51 -30.76
N SER B 442 6.75 -69.29 -30.35
CA SER B 442 5.82 -69.13 -29.22
C SER B 442 4.41 -69.69 -29.53
N SER B 443 3.83 -69.29 -30.65
CA SER B 443 2.51 -69.80 -31.11
C SER B 443 2.59 -71.04 -32.03
N SER B 444 3.71 -71.76 -32.03
CA SER B 444 3.89 -72.95 -32.88
C SER B 444 3.06 -74.14 -32.37
N ASP C 3 -32.75 5.96 -21.02
CA ASP C 3 -33.68 5.87 -19.86
C ASP C 3 -33.05 5.03 -18.71
N PRO C 4 -32.44 5.70 -17.69
CA PRO C 4 -31.83 4.97 -16.57
C PRO C 4 -32.84 4.25 -15.68
N GLU C 5 -34.04 4.83 -15.54
CA GLU C 5 -35.05 4.32 -14.63
C GLU C 5 -35.48 2.88 -14.92
N ARG C 6 -35.43 2.48 -16.20
CA ARG C 6 -35.84 1.13 -16.61
C ARG C 6 -34.83 0.06 -16.18
N ARG C 7 -33.57 0.36 -16.41
CA ARG C 7 -32.48 -0.53 -16.01
C ARG C 7 -32.41 -0.73 -14.50
N VAL C 8 -32.61 0.36 -13.75
CA VAL C 8 -32.66 0.35 -12.29
C VAL C 8 -33.78 -0.57 -11.83
N ARG C 9 -34.98 -0.33 -12.38
CA ARG C 9 -36.19 -1.12 -12.14
C ARG C 9 -36.00 -2.60 -12.48
N SER C 10 -35.45 -2.87 -13.66
CA SER C 10 -35.05 -4.24 -14.08
C SER C 10 -34.16 -4.93 -13.02
N THR C 11 -33.02 -4.30 -12.70
CA THR C 11 -32.10 -4.81 -11.68
C THR C 11 -32.74 -4.87 -10.29
N LEU C 12 -33.61 -3.91 -9.95
CA LEU C 12 -34.28 -3.89 -8.63
C LEU C 12 -35.15 -5.13 -8.41
N LYS C 13 -35.74 -5.63 -9.48
CA LYS C 13 -36.59 -6.82 -9.46
C LYS C 13 -35.76 -8.09 -9.64
N LYS C 14 -35.06 -8.16 -10.76
CA LYS C 14 -34.34 -9.39 -11.21
C LYS C 14 -33.22 -9.87 -10.26
N VAL C 15 -32.49 -8.93 -9.63
CA VAL C 15 -31.36 -9.22 -8.74
C VAL C 15 -31.70 -9.14 -7.25
N PHE C 16 -32.48 -8.13 -6.83
CA PHE C 16 -32.83 -7.93 -5.40
C PHE C 16 -34.26 -8.35 -5.01
N GLY C 17 -35.11 -8.65 -5.99
CA GLY C 17 -36.44 -9.19 -5.72
C GLY C 17 -37.32 -8.20 -4.98
N PHE C 18 -37.33 -6.97 -5.48
CA PHE C 18 -38.17 -5.91 -4.94
C PHE C 18 -39.02 -5.32 -6.06
N ASP C 19 -40.29 -5.04 -5.74
CA ASP C 19 -41.22 -4.40 -6.67
C ASP C 19 -41.03 -2.89 -6.64
N SER C 20 -40.68 -2.36 -5.46
CA SER C 20 -40.55 -0.93 -5.24
C SER C 20 -39.40 -0.55 -4.28
N PHE C 21 -39.03 0.73 -4.29
CA PHE C 21 -38.21 1.30 -3.21
C PHE C 21 -39.05 1.51 -1.94
N LYS C 22 -38.41 1.39 -0.78
CA LYS C 22 -39.06 1.68 0.54
C LYS C 22 -39.70 3.08 0.69
N THR C 23 -39.06 4.08 0.08
CA THR C 23 -39.50 5.47 0.17
C THR C 23 -39.00 6.17 -1.07
N PRO C 24 -39.55 7.36 -1.39
CA PRO C 24 -39.00 8.12 -2.54
C PRO C 24 -37.55 8.62 -2.32
N LEU C 25 -37.16 8.79 -1.05
CA LEU C 25 -35.80 9.21 -0.69
C LEU C 25 -34.75 8.15 -0.99
N GLN C 26 -35.06 6.90 -0.66
CA GLN C 26 -34.25 5.77 -1.10
C GLN C 26 -34.04 5.79 -2.62
N GLU C 27 -35.12 5.93 -3.37
CA GLU C 27 -35.03 6.00 -4.83
C GLU C 27 -34.22 7.19 -5.30
N SER C 28 -34.46 8.38 -4.74
CA SER C 28 -33.75 9.58 -5.22
C SER C 28 -32.24 9.51 -4.95
N ALA C 29 -31.86 8.98 -3.78
CA ALA C 29 -30.46 8.71 -3.47
C ALA C 29 -29.88 7.73 -4.51
N THR C 30 -30.57 6.63 -4.74
CA THR C 30 -30.10 5.59 -5.70
C THR C 30 -29.88 6.14 -7.14
N MET C 31 -30.74 7.06 -7.60
CA MET C 31 -30.61 7.67 -8.93
C MET C 31 -29.39 8.60 -9.05
N ALA C 32 -29.10 9.35 -7.99
CA ALA C 32 -27.97 10.29 -7.98
C ALA C 32 -26.63 9.56 -8.00
N VAL C 33 -26.59 8.39 -7.36
CA VAL C 33 -25.41 7.53 -7.44
C VAL C 33 -25.24 7.03 -8.89
N VAL C 34 -26.31 6.52 -9.51
CA VAL C 34 -26.19 5.91 -10.85
C VAL C 34 -25.70 6.93 -11.89
N LYS C 35 -26.21 8.15 -11.80
CA LYS C 35 -25.78 9.23 -12.67
C LYS C 35 -24.25 9.45 -12.61
N GLY C 36 -23.62 9.22 -11.46
CA GLY C 36 -22.16 9.23 -11.34
C GLY C 36 -21.41 10.56 -11.47
N ASN C 37 -22.14 11.68 -11.35
CA ASN C 37 -21.61 13.03 -11.56
C ASN C 37 -21.17 13.79 -10.28
N LYS C 38 -21.69 13.39 -9.11
CA LYS C 38 -21.37 14.10 -7.86
C LYS C 38 -21.06 13.12 -6.81
N ASP C 39 -20.43 13.60 -5.75
CA ASP C 39 -20.44 12.92 -4.49
C ASP C 39 -21.80 13.00 -3.83
N VAL C 40 -22.02 12.09 -2.86
CA VAL C 40 -23.32 11.74 -2.33
C VAL C 40 -23.23 11.43 -0.82
N PHE C 41 -24.05 12.11 -0.04
CA PHE C 41 -24.14 11.88 1.41
C PHE C 41 -25.55 11.44 1.71
N VAL C 42 -25.71 10.19 2.15
CA VAL C 42 -27.02 9.60 2.50
C VAL C 42 -27.16 9.59 4.00
N CYS C 43 -28.14 10.32 4.55
CA CYS C 43 -28.44 10.29 6.00
C CYS C 43 -29.87 9.78 6.21
N MET C 44 -29.99 8.50 6.62
CA MET C 44 -31.29 7.90 6.89
C MET C 44 -31.16 6.98 8.05
N PRO C 45 -32.18 6.92 8.94
CA PRO C 45 -32.09 6.08 10.16
C PRO C 45 -31.79 4.60 9.90
N THR C 46 -31.27 3.92 10.91
CA THR C 46 -30.98 2.48 10.85
C THR C 46 -32.25 1.69 10.48
N GLY C 47 -32.07 0.73 9.57
CA GLY C 47 -33.17 -0.04 9.02
C GLY C 47 -33.88 0.59 7.84
N ALA C 48 -33.36 1.70 7.31
CA ALA C 48 -34.02 2.43 6.21
C ALA C 48 -33.69 1.99 4.77
N GLY C 49 -32.67 1.14 4.59
CA GLY C 49 -32.25 0.63 3.27
C GLY C 49 -31.10 1.37 2.58
N LYS C 50 -30.14 1.86 3.36
CA LYS C 50 -28.98 2.58 2.82
C LYS C 50 -28.13 1.66 1.92
N SER C 51 -27.91 0.40 2.32
CA SER C 51 -27.07 -0.51 1.50
C SER C 51 -27.44 -0.52 0.02
N LEU C 52 -28.74 -0.53 -0.27
CA LEU C 52 -29.22 -0.56 -1.66
C LEU C 52 -28.71 0.62 -2.49
N CYS C 53 -28.60 1.79 -1.87
CA CYS C 53 -28.18 3.01 -2.57
C CYS C 53 -26.79 2.96 -3.22
N TYR C 54 -25.95 1.98 -2.85
CA TYR C 54 -24.69 1.73 -3.59
C TYR C 54 -24.52 0.31 -4.19
N GLN C 55 -25.07 -0.71 -3.52
CA GLN C 55 -25.04 -2.09 -4.05
C GLN C 55 -25.67 -2.21 -5.42
N LEU C 56 -26.85 -1.61 -5.58
CA LEU C 56 -27.54 -1.63 -6.86
C LEU C 56 -26.76 -0.85 -7.93
N PRO C 57 -26.41 0.44 -7.70
CA PRO C 57 -25.59 1.12 -8.74
C PRO C 57 -24.21 0.53 -9.07
N ALA C 58 -23.61 -0.16 -8.10
CA ALA C 58 -22.38 -0.94 -8.33
C ALA C 58 -22.57 -1.97 -9.43
N LEU C 59 -23.70 -2.68 -9.40
CA LEU C 59 -24.00 -3.74 -10.36
C LEU C 59 -24.20 -3.26 -11.77
N LEU C 60 -24.65 -2.01 -11.94
CA LEU C 60 -24.88 -1.41 -13.27
C LEU C 60 -23.67 -0.74 -13.93
N ALA C 61 -22.59 -0.51 -13.17
CA ALA C 61 -21.42 0.18 -13.72
C ALA C 61 -20.49 -0.81 -14.39
N LYS C 62 -19.50 -0.31 -15.12
CA LYS C 62 -18.55 -1.16 -15.86
C LYS C 62 -17.46 -1.73 -14.98
N GLY C 63 -16.88 -0.90 -14.13
CA GLY C 63 -15.80 -1.29 -13.21
C GLY C 63 -16.22 -1.87 -11.86
N ILE C 64 -15.39 -1.65 -10.84
CA ILE C 64 -15.57 -2.21 -9.49
C ILE C 64 -15.95 -1.11 -8.49
N THR C 65 -16.62 -1.52 -7.42
CA THR C 65 -17.01 -0.65 -6.31
C THR C 65 -16.28 -1.10 -5.04
N ILE C 66 -15.47 -0.22 -4.46
CA ILE C 66 -14.79 -0.52 -3.18
C ILE C 66 -15.64 0.04 -2.05
N VAL C 67 -16.02 -0.81 -1.10
CA VAL C 67 -16.82 -0.41 0.07
C VAL C 67 -16.03 -0.51 1.37
N VAL C 68 -15.83 0.64 2.03
CA VAL C 68 -15.10 0.70 3.29
C VAL C 68 -16.11 0.49 4.39
N SER C 69 -15.85 -0.48 5.27
CA SER C 69 -16.68 -0.77 6.47
C SER C 69 -15.77 -0.98 7.70
N PRO C 70 -16.24 -0.64 8.93
CA PRO C 70 -15.32 -0.70 10.07
C PRO C 70 -14.95 -2.09 10.57
N LEU C 71 -15.94 -2.98 10.75
CA LEU C 71 -15.72 -4.35 11.27
C LEU C 71 -16.05 -5.46 10.26
N ILE C 72 -15.33 -6.58 10.38
CA ILE C 72 -15.48 -7.78 9.51
C ILE C 72 -16.80 -8.54 9.82
N ALA C 73 -17.22 -8.50 11.07
CA ALA C 73 -18.48 -9.08 11.53
C ALA C 73 -19.69 -8.59 10.73
N LEU C 74 -19.80 -7.28 10.59
CA LEU C 74 -20.91 -6.62 9.86
C LEU C 74 -20.74 -6.68 8.35
N ILE C 75 -19.50 -6.81 7.85
CA ILE C 75 -19.23 -7.06 6.42
C ILE C 75 -19.85 -8.40 6.03
N GLN C 76 -19.45 -9.44 6.74
CA GLN C 76 -19.85 -10.85 6.44
C GLN C 76 -21.36 -11.04 6.27
N ASP C 77 -22.17 -10.34 7.05
CA ASP C 77 -23.63 -10.41 6.90
C ASP C 77 -24.06 -10.00 5.47
N GLN C 78 -23.55 -8.86 5.00
CA GLN C 78 -23.90 -8.35 3.67
C GLN C 78 -23.22 -9.12 2.53
N VAL C 79 -22.04 -9.69 2.79
CA VAL C 79 -21.42 -10.62 1.84
C VAL C 79 -22.33 -11.86 1.67
N ASP C 80 -22.75 -12.45 2.79
CA ASP C 80 -23.63 -13.64 2.79
C ASP C 80 -24.88 -13.39 1.95
N HIS C 81 -25.54 -12.26 2.22
CA HIS C 81 -26.77 -11.91 1.49
C HIS C 81 -26.51 -11.69 -0.01
N LEU C 82 -25.41 -11.01 -0.35
CA LEU C 82 -25.11 -10.73 -1.76
C LEU C 82 -24.69 -11.96 -2.56
N LEU C 83 -24.09 -12.95 -1.89
CA LEU C 83 -23.75 -14.22 -2.53
C LEU C 83 -25.01 -14.98 -2.95
N THR C 84 -26.02 -15.00 -2.08
CA THR C 84 -27.33 -15.60 -2.39
C THR C 84 -28.01 -15.03 -3.65
N LEU C 85 -27.66 -13.81 -4.06
CA LEU C 85 -28.21 -13.20 -5.27
C LEU C 85 -27.31 -13.37 -6.50
N LYS C 86 -26.30 -14.24 -6.40
CA LYS C 86 -25.31 -14.49 -7.49
C LYS C 86 -24.52 -13.23 -7.90
N VAL C 87 -24.08 -12.44 -6.91
CA VAL C 87 -23.27 -11.23 -7.13
C VAL C 87 -21.83 -11.55 -6.78
N ARG C 88 -20.92 -11.28 -7.71
CA ARG C 88 -19.50 -11.57 -7.50
C ARG C 88 -18.88 -10.58 -6.47
N VAL C 89 -18.99 -10.93 -5.18
CA VAL C 89 -18.60 -10.08 -4.06
C VAL C 89 -17.51 -10.76 -3.22
N SER C 90 -16.49 -10.00 -2.80
CA SER C 90 -15.43 -10.51 -1.91
C SER C 90 -15.12 -9.49 -0.80
N SER C 91 -14.29 -9.89 0.18
CA SER C 91 -13.82 -9.00 1.26
C SER C 91 -12.31 -9.12 1.50
N LEU C 92 -11.66 -8.03 1.92
CA LEU C 92 -10.23 -8.01 2.25
C LEU C 92 -10.00 -7.49 3.68
N ASN C 93 -9.32 -8.27 4.53
CA ASN C 93 -9.07 -7.89 5.94
C ASN C 93 -7.82 -8.54 6.57
N SER C 94 -7.50 -8.13 7.81
CA SER C 94 -6.30 -8.60 8.58
C SER C 94 -6.28 -10.10 8.93
N LYS C 95 -7.42 -10.59 9.44
CA LYS C 95 -7.60 -12.01 9.80
C LYS C 95 -7.75 -12.97 8.59
N LEU C 96 -7.54 -12.47 7.37
CA LEU C 96 -7.67 -13.27 6.15
C LEU C 96 -6.28 -13.79 5.79
N SER C 97 -6.21 -15.06 5.40
CA SER C 97 -4.92 -15.76 5.21
C SER C 97 -4.14 -15.26 3.99
N ALA C 98 -2.81 -15.35 4.07
CA ALA C 98 -1.90 -14.86 3.02
C ALA C 98 -2.04 -15.60 1.67
N GLN C 99 -2.69 -16.77 1.67
CA GLN C 99 -3.04 -17.50 0.44
C GLN C 99 -4.11 -16.74 -0.38
N GLU C 100 -5.29 -16.58 0.22
CA GLU C 100 -6.49 -15.99 -0.43
C GLU C 100 -6.27 -14.54 -0.89
N ARG C 101 -5.48 -13.80 -0.11
CA ARG C 101 -5.00 -12.48 -0.49
C ARG C 101 -4.35 -12.43 -1.87
N LYS C 102 -3.47 -13.39 -2.18
CA LYS C 102 -2.77 -13.40 -3.48
C LYS C 102 -3.73 -13.68 -4.65
N GLU C 103 -4.77 -14.48 -4.40
CA GLU C 103 -5.78 -14.81 -5.43
C GLU C 103 -6.65 -13.61 -5.78
N LEU C 104 -7.10 -12.91 -4.74
CA LEU C 104 -7.85 -11.65 -4.89
C LEU C 104 -7.03 -10.62 -5.69
N LEU C 105 -5.77 -10.42 -5.29
CA LEU C 105 -4.85 -9.47 -5.94
C LEU C 105 -4.53 -9.84 -7.38
N ALA C 106 -4.45 -11.15 -7.66
CA ALA C 106 -4.33 -11.65 -9.03
C ALA C 106 -5.57 -11.28 -9.84
N ASP C 107 -6.76 -11.56 -9.30
CA ASP C 107 -8.01 -11.28 -10.00
C ASP C 107 -8.17 -9.80 -10.34
N LEU C 108 -7.81 -8.92 -9.42
CA LEU C 108 -7.92 -7.47 -9.66
C LEU C 108 -6.92 -6.98 -10.71
N GLU C 109 -5.77 -7.65 -10.80
CA GLU C 109 -4.78 -7.38 -11.86
C GLU C 109 -5.18 -7.96 -13.25
N ARG C 110 -6.17 -8.85 -13.30
CA ARG C 110 -6.70 -9.38 -14.58
C ARG C 110 -7.48 -8.31 -15.35
N GLU C 111 -7.50 -8.43 -16.69
CA GLU C 111 -8.45 -7.65 -17.52
C GLU C 111 -9.85 -8.27 -17.38
N LYS C 112 -10.86 -7.43 -17.20
CA LYS C 112 -12.22 -7.87 -16.84
C LYS C 112 -12.19 -8.84 -15.64
N PRO C 113 -11.94 -8.31 -14.43
CA PRO C 113 -11.94 -9.11 -13.20
C PRO C 113 -13.33 -9.54 -12.77
N GLN C 114 -13.45 -10.77 -12.27
CA GLN C 114 -14.74 -11.36 -11.91
C GLN C 114 -15.40 -10.64 -10.74
N THR C 115 -14.61 -10.20 -9.76
CA THR C 115 -15.13 -9.43 -8.60
C THR C 115 -15.75 -8.10 -9.09
N LYS C 116 -16.85 -7.71 -8.43
CA LYS C 116 -17.66 -6.52 -8.74
C LYS C 116 -17.85 -5.56 -7.54
N ILE C 117 -17.97 -6.12 -6.34
CA ILE C 117 -17.99 -5.36 -5.09
C ILE C 117 -16.89 -5.92 -4.16
N LEU C 118 -16.00 -5.06 -3.66
CA LEU C 118 -14.97 -5.47 -2.69
C LEU C 118 -15.16 -4.70 -1.39
N TYR C 119 -15.51 -5.42 -0.33
CA TYR C 119 -15.61 -4.87 1.02
C TYR C 119 -14.22 -4.93 1.68
N ILE C 120 -13.87 -3.94 2.48
CA ILE C 120 -12.49 -3.76 2.92
C ILE C 120 -12.42 -2.87 4.17
N THR C 121 -11.66 -3.30 5.16
CA THR C 121 -11.45 -2.50 6.37
C THR C 121 -10.51 -1.34 6.07
N PRO C 122 -10.58 -0.25 6.87
CA PRO C 122 -9.79 0.96 6.57
C PRO C 122 -8.27 0.80 6.70
N GLU C 123 -7.81 -0.08 7.59
CA GLU C 123 -6.36 -0.32 7.75
C GLU C 123 -5.75 -1.00 6.50
N MET C 124 -6.55 -1.86 5.85
CA MET C 124 -6.15 -2.50 4.60
C MET C 124 -6.21 -1.54 3.42
N ALA C 125 -7.29 -0.76 3.32
CA ALA C 125 -7.49 0.20 2.23
C ALA C 125 -6.44 1.31 2.18
N ALA C 126 -5.99 1.75 3.36
CA ALA C 126 -5.00 2.82 3.50
C ALA C 126 -3.53 2.32 3.52
N SER C 127 -3.33 1.01 3.39
CA SER C 127 -2.01 0.39 3.47
C SER C 127 -1.14 0.75 2.27
N SER C 128 0.17 0.84 2.47
CA SER C 128 1.09 1.07 1.35
C SER C 128 1.06 -0.14 0.39
N SER C 129 0.75 -1.32 0.92
CA SER C 129 0.64 -2.55 0.14
C SER C 129 -0.53 -2.59 -0.85
N PHE C 130 -1.62 -1.87 -0.58
CA PHE C 130 -2.83 -1.91 -1.44
C PHE C 130 -2.77 -0.93 -2.63
N GLN C 131 -1.81 0.00 -2.62
CA GLN C 131 -1.82 1.12 -3.57
C GLN C 131 -1.37 0.76 -5.00
N PRO C 132 -0.54 -0.29 -5.20
CA PRO C 132 -0.29 -0.74 -6.57
C PRO C 132 -1.54 -1.28 -7.22
N THR C 133 -2.27 -2.11 -6.47
CA THR C 133 -3.55 -2.65 -6.91
C THR C 133 -4.51 -1.52 -7.26
N LEU C 134 -4.56 -0.54 -6.37
CA LEU C 134 -5.46 0.61 -6.54
C LEU C 134 -5.09 1.47 -7.75
N ASN C 135 -3.80 1.70 -7.92
CA ASN C 135 -3.28 2.44 -9.09
C ASN C 135 -3.39 1.68 -10.42
N SER C 136 -3.30 0.36 -10.37
CA SER C 136 -3.58 -0.49 -11.55
C SER C 136 -5.04 -0.32 -12.02
N LEU C 137 -5.98 -0.35 -11.07
CA LEU C 137 -7.40 -0.11 -11.35
C LEU C 137 -7.70 1.25 -11.97
N VAL C 138 -6.98 2.28 -11.53
CA VAL C 138 -7.19 3.64 -12.01
C VAL C 138 -6.68 3.84 -13.45
N SER C 139 -5.50 3.28 -13.76
CA SER C 139 -4.92 3.40 -15.10
C SER C 139 -5.81 2.84 -16.21
N ARG C 140 -6.50 1.75 -15.89
CA ARG C 140 -7.36 1.04 -16.85
C ARG C 140 -8.85 1.44 -16.77
N HIS C 141 -9.18 2.46 -15.96
CA HIS C 141 -10.57 2.93 -15.77
C HIS C 141 -11.48 1.78 -15.33
N LEU C 142 -11.17 1.20 -14.17
CA LEU C 142 -11.94 0.07 -13.63
C LEU C 142 -12.54 0.36 -12.26
N LEU C 143 -12.34 1.55 -11.71
CA LEU C 143 -12.91 1.88 -10.41
C LEU C 143 -14.12 2.77 -10.67
N SER C 144 -15.29 2.28 -10.26
CA SER C 144 -16.57 2.93 -10.54
C SER C 144 -17.08 3.81 -9.38
N TYR C 145 -16.84 3.40 -8.14
CA TYR C 145 -17.30 4.07 -6.92
C TYR C 145 -16.43 3.72 -5.72
N LEU C 146 -16.24 4.69 -4.84
CA LEU C 146 -15.67 4.47 -3.52
C LEU C 146 -16.75 4.75 -2.50
N VAL C 147 -17.19 3.72 -1.77
CA VAL C 147 -18.26 3.87 -0.81
C VAL C 147 -17.64 3.88 0.57
N VAL C 148 -18.03 4.81 1.43
CA VAL C 148 -17.63 4.78 2.86
C VAL C 148 -18.88 4.61 3.75
N ASP C 149 -19.10 3.38 4.25
CA ASP C 149 -20.23 3.09 5.13
C ASP C 149 -19.89 3.53 6.54
N GLU C 150 -20.91 3.67 7.38
CA GLU C 150 -20.72 4.06 8.76
C GLU C 150 -19.81 5.28 8.87
N ALA C 151 -20.12 6.30 8.06
CA ALA C 151 -19.25 7.46 7.88
C ALA C 151 -19.11 8.37 9.12
N HIS C 152 -20.05 8.28 10.06
CA HIS C 152 -19.95 8.94 11.36
C HIS C 152 -18.66 8.57 12.11
N CYS C 153 -18.08 7.41 11.77
CA CYS C 153 -16.83 6.97 12.43
C CYS C 153 -15.62 7.93 12.31
N VAL C 154 -15.64 8.83 11.32
CA VAL C 154 -14.62 9.91 11.21
C VAL C 154 -14.65 10.89 12.40
N SER C 155 -15.83 11.07 13.01
CA SER C 155 -16.10 12.16 13.94
C SER C 155 -15.92 11.77 15.37
N GLN C 156 -15.21 12.60 16.14
CA GLN C 156 -15.11 12.36 17.60
C GLN C 156 -16.33 12.85 18.41
N TRP C 157 -17.27 13.51 17.72
CA TRP C 157 -18.57 13.88 18.29
C TRP C 157 -19.62 12.77 18.03
N GLY C 158 -19.29 11.77 17.20
CA GLY C 158 -20.14 10.59 17.05
C GLY C 158 -19.98 9.55 18.18
N HIS C 159 -20.85 8.56 18.17
CA HIS C 159 -20.82 7.51 19.17
C HIS C 159 -19.64 6.50 19.01
N ASP C 160 -18.99 6.44 17.84
CA ASP C 160 -17.98 5.40 17.53
C ASP C 160 -16.76 5.94 16.73
N PHE C 161 -15.90 6.73 17.38
CA PHE C 161 -14.72 7.30 16.72
C PHE C 161 -13.67 6.22 16.40
N ARG C 162 -13.18 6.20 15.17
CA ARG C 162 -12.11 5.29 14.76
C ARG C 162 -11.01 6.07 14.06
N PRO C 163 -9.86 6.25 14.70
CA PRO C 163 -8.75 6.98 14.06
C PRO C 163 -8.46 6.54 12.60
N ASP C 164 -8.47 5.23 12.34
CA ASP C 164 -8.36 4.63 10.98
C ASP C 164 -9.16 5.37 9.91
N TYR C 165 -10.39 5.77 10.23
CA TYR C 165 -11.27 6.48 9.27
C TYR C 165 -10.70 7.81 8.75
N LEU C 166 -9.84 8.45 9.55
CA LEU C 166 -9.15 9.69 9.14
C LEU C 166 -8.12 9.48 8.03
N ARG C 167 -7.57 8.29 7.91
CA ARG C 167 -6.70 7.97 6.75
C ARG C 167 -7.41 7.99 5.39
N LEU C 168 -8.74 7.89 5.38
CA LEU C 168 -9.52 7.70 4.14
C LEU C 168 -9.58 8.93 3.26
N GLY C 169 -9.28 10.09 3.82
CA GLY C 169 -9.35 11.34 3.08
C GLY C 169 -8.34 11.40 1.96
N ALA C 170 -7.08 11.12 2.30
CA ALA C 170 -6.01 11.18 1.30
C ALA C 170 -6.21 10.14 0.19
N LEU C 171 -6.75 9.00 0.58
CA LEU C 171 -7.19 7.95 -0.34
C LEU C 171 -8.14 8.52 -1.40
N ARG C 172 -9.22 9.15 -0.95
CA ARG C 172 -10.26 9.67 -1.85
C ARG C 172 -9.77 10.76 -2.78
N SER C 173 -8.79 11.51 -2.34
CA SER C 173 -8.17 12.51 -3.17
C SER C 173 -7.37 11.89 -4.30
N ARG C 174 -6.83 10.72 -4.09
CA ARG C 174 -6.13 10.01 -5.17
C ARG C 174 -7.07 9.26 -6.10
N LEU C 175 -8.31 9.06 -5.66
CA LEU C 175 -9.34 8.42 -6.49
C LEU C 175 -10.26 9.47 -7.09
N GLY C 176 -9.67 10.51 -7.66
CA GLY C 176 -10.40 11.72 -8.09
C GLY C 176 -11.37 11.51 -9.23
N HIS C 177 -10.94 10.72 -10.21
CA HIS C 177 -11.80 10.27 -11.33
C HIS C 177 -13.20 9.74 -10.93
N ALA C 178 -13.25 8.95 -9.84
CA ALA C 178 -14.43 8.19 -9.40
C ALA C 178 -15.16 8.87 -8.25
N PRO C 179 -16.48 8.74 -8.21
CA PRO C 179 -17.22 9.45 -7.21
C PRO C 179 -17.29 8.69 -5.90
N CYS C 180 -17.44 9.42 -4.80
CA CYS C 180 -17.43 8.85 -3.44
C CYS C 180 -18.85 8.95 -2.84
N VAL C 181 -19.27 7.88 -2.19
CA VAL C 181 -20.58 7.80 -1.54
C VAL C 181 -20.39 7.53 -0.06
N ALA C 182 -21.01 8.36 0.78
CA ALA C 182 -20.86 8.28 2.24
C ALA C 182 -22.22 8.11 2.89
N LEU C 183 -22.32 7.18 3.84
CA LEU C 183 -23.61 6.81 4.44
C LEU C 183 -23.53 6.68 5.96
N THR C 184 -24.53 7.26 6.62
CA THR C 184 -24.68 7.22 8.06
C THR C 184 -26.18 7.34 8.50
N ALA C 185 -26.42 7.03 9.77
CA ALA C 185 -27.68 7.28 10.48
C ALA C 185 -27.60 8.45 11.49
N THR C 186 -26.40 8.85 11.93
CA THR C 186 -26.22 10.08 12.74
C THR C 186 -26.55 11.37 11.95
N ALA C 187 -27.50 12.14 12.46
CA ALA C 187 -28.08 13.31 11.74
C ALA C 187 -27.75 14.70 12.32
N THR C 188 -26.82 14.78 13.30
CA THR C 188 -26.39 16.08 13.86
C THR C 188 -25.52 16.85 12.82
N PRO C 189 -25.52 18.18 12.84
CA PRO C 189 -24.80 18.92 11.78
C PRO C 189 -23.26 18.91 11.90
N GLN C 190 -22.71 18.74 13.10
CA GLN C 190 -21.27 18.65 13.24
C GLN C 190 -20.73 17.37 12.62
N VAL C 191 -21.45 16.26 12.73
CA VAL C 191 -20.98 15.00 12.13
C VAL C 191 -21.00 15.09 10.60
N GLN C 192 -22.01 15.75 10.05
CA GLN C 192 -22.10 16.03 8.61
C GLN C 192 -20.91 16.88 8.12
N GLU C 193 -20.47 17.81 8.95
CA GLU C 193 -19.35 18.68 8.61
C GLU C 193 -18.03 17.91 8.67
N ASP C 194 -17.93 17.05 9.67
CA ASP C 194 -16.77 16.18 9.82
C ASP C 194 -16.67 15.20 8.63
N VAL C 195 -17.73 14.47 8.31
CA VAL C 195 -17.72 13.56 7.17
C VAL C 195 -17.20 14.24 5.87
N PHE C 196 -17.69 15.44 5.60
CA PHE C 196 -17.35 16.18 4.37
C PHE C 196 -15.84 16.47 4.29
N ALA C 197 -15.29 16.98 5.37
CA ALA C 197 -13.92 17.39 5.44
C ALA C 197 -12.95 16.22 5.61
N ALA C 198 -13.27 15.31 6.53
CA ALA C 198 -12.48 14.09 6.71
C ALA C 198 -12.34 13.23 5.45
N LEU C 199 -13.36 13.21 4.59
CA LEU C 199 -13.33 12.44 3.33
C LEU C 199 -13.01 13.27 2.08
N HIS C 200 -12.77 14.58 2.27
CA HIS C 200 -12.41 15.47 1.19
C HIS C 200 -13.48 15.34 0.08
N LEU C 201 -14.77 15.29 0.43
CA LEU C 201 -15.80 15.18 -0.62
C LEU C 201 -15.75 16.41 -1.52
N LYS C 202 -16.13 16.25 -2.79
CA LYS C 202 -16.11 17.37 -3.77
C LYS C 202 -17.42 18.15 -3.72
N LYS C 203 -17.32 19.48 -3.81
CA LYS C 203 -18.55 20.32 -3.81
C LYS C 203 -19.42 20.15 -5.07
N PRO C 204 -20.52 20.88 -5.12
CA PRO C 204 -21.75 20.37 -4.46
C PRO C 204 -21.92 18.88 -4.18
N VAL C 205 -21.93 18.55 -2.88
CA VAL C 205 -22.38 17.24 -2.44
C VAL C 205 -23.88 17.15 -2.71
N ALA C 206 -24.31 16.03 -3.27
CA ALA C 206 -25.73 15.70 -3.37
C ALA C 206 -26.22 15.08 -2.07
N ILE C 207 -27.26 15.64 -1.47
CA ILE C 207 -27.66 15.20 -0.15
C ILE C 207 -29.01 14.51 -0.19
N PHE C 208 -29.13 13.42 0.57
CA PHE C 208 -30.36 12.68 0.70
C PHE C 208 -30.53 12.39 2.18
N LYS C 209 -31.37 13.21 2.82
CA LYS C 209 -31.51 13.27 4.27
C LYS C 209 -32.95 13.08 4.69
N THR C 210 -33.18 12.18 5.62
CA THR C 210 -34.50 11.95 6.17
C THR C 210 -34.94 13.16 7.02
N PRO C 211 -36.08 13.79 6.67
CA PRO C 211 -36.59 14.91 7.48
C PRO C 211 -37.16 14.43 8.80
N CYS C 212 -37.10 15.27 9.82
CA CYS C 212 -37.64 14.93 11.14
C CYS C 212 -38.97 15.61 11.50
N PHE C 213 -39.46 16.54 10.68
CA PHE C 213 -40.71 17.20 11.01
C PHE C 213 -41.88 16.22 10.82
N ARG C 214 -42.72 16.15 11.87
CA ARG C 214 -43.95 15.33 11.93
C ARG C 214 -45.08 16.25 12.48
N ALA C 215 -45.97 16.65 11.60
CA ALA C 215 -46.93 17.71 11.88
C ALA C 215 -47.96 17.30 12.94
N ASN C 216 -48.34 16.03 12.94
CA ASN C 216 -49.35 15.52 13.86
C ASN C 216 -48.99 15.46 15.36
N LEU C 217 -47.79 15.92 15.73
CA LEU C 217 -47.36 16.01 17.15
C LEU C 217 -47.24 17.46 17.63
N PHE C 218 -47.97 17.73 18.70
CA PHE C 218 -48.07 19.05 19.31
C PHE C 218 -47.19 19.05 20.51
N TYR C 219 -46.24 19.97 20.53
CA TYR C 219 -45.25 20.07 21.59
C TYR C 219 -45.54 21.30 22.40
N ASP C 220 -45.35 21.18 23.71
CA ASP C 220 -45.38 22.32 24.62
C ASP C 220 -44.50 22.07 25.83
N VAL C 221 -44.29 23.10 26.64
CA VAL C 221 -43.45 23.02 27.82
C VAL C 221 -44.09 23.75 28.97
N GLN C 222 -44.26 23.08 30.09
CA GLN C 222 -44.88 23.69 31.25
C GLN C 222 -43.88 23.83 32.36
N PHE C 223 -43.95 24.92 33.10
CA PHE C 223 -43.04 25.07 34.20
C PHE C 223 -43.76 24.65 35.49
N LYS C 224 -43.15 23.70 36.22
CA LYS C 224 -43.66 23.18 37.53
C LYS C 224 -43.72 24.23 38.63
N GLU C 225 -42.85 25.24 38.49
CA GLU C 225 -42.79 26.38 39.38
C GLU C 225 -44.08 27.17 39.34
N LEU C 226 -44.81 27.03 38.23
CA LEU C 226 -46.08 27.75 37.99
C LEU C 226 -47.36 26.91 38.19
N ILE C 227 -47.31 25.77 38.88
CA ILE C 227 -48.47 24.86 38.94
C ILE C 227 -48.75 24.43 40.36
N SER C 228 -49.73 25.04 41.01
CA SER C 228 -50.15 24.67 42.40
C SER C 228 -50.73 23.22 42.57
N ASP C 229 -51.16 22.59 41.47
CA ASP C 229 -51.76 21.26 41.42
C ASP C 229 -51.13 20.50 40.28
N PRO C 230 -49.97 19.87 40.49
CA PRO C 230 -49.31 19.09 39.44
C PRO C 230 -50.14 17.88 38.90
N TYR C 231 -50.54 17.01 39.83
CA TYR C 231 -51.24 15.74 39.48
C TYR C 231 -52.58 15.98 38.74
N GLY C 232 -53.26 17.05 39.15
CA GLY C 232 -54.42 17.54 38.43
C GLY C 232 -54.11 18.03 37.03
N ASN C 233 -52.98 18.76 36.87
CA ASN C 233 -52.51 19.19 35.53
C ASN C 233 -52.25 17.96 34.66
N LEU C 234 -51.48 17.02 35.20
CA LEU C 234 -51.10 15.81 34.45
C LEU C 234 -52.32 15.00 34.07
N LYS C 235 -53.23 14.79 35.04
CA LYS C 235 -54.47 14.05 34.80
C LYS C 235 -55.29 14.64 33.65
N ASP C 236 -55.54 15.96 33.72
CA ASP C 236 -56.28 16.68 32.65
C ASP C 236 -55.68 16.42 31.27
N PHE C 237 -54.34 16.49 31.19
CA PHE C 237 -53.61 16.30 29.94
C PHE C 237 -53.76 14.89 29.38
N CYS C 238 -53.60 13.87 30.24
CA CYS C 238 -53.80 12.48 29.81
C CYS C 238 -55.24 12.22 29.34
N LEU C 239 -56.22 12.76 30.08
CA LEU C 239 -57.63 12.58 29.72
C LEU C 239 -58.04 13.30 28.44
N LYS C 240 -57.67 14.56 28.32
CA LYS C 240 -57.90 15.32 27.07
C LYS C 240 -57.35 14.59 25.84
N ALA C 241 -56.17 13.95 25.98
CA ALA C 241 -55.50 13.28 24.85
C ALA C 241 -56.12 11.94 24.47
N LEU C 242 -56.74 11.28 25.45
CA LEU C 242 -57.50 10.06 25.21
C LEU C 242 -59.01 10.34 24.95
N GLY C 243 -59.36 11.56 24.53
CA GLY C 243 -60.74 11.92 24.20
C GLY C 243 -61.13 11.44 22.81
N GLN C 244 -61.53 12.37 21.95
CA GLN C 244 -62.03 12.11 20.57
C GLN C 244 -62.79 10.78 20.34
N SER C 251 -60.19 6.25 23.83
CA SER C 251 -59.40 5.61 22.78
C SER C 251 -57.88 5.93 22.82
N GLY C 252 -57.08 4.98 22.35
CA GLY C 252 -55.60 5.09 22.31
C GLY C 252 -54.92 4.82 23.64
N CYS C 253 -53.62 5.10 23.69
CA CYS C 253 -52.83 5.00 24.94
C CYS C 253 -51.86 6.18 25.11
N GLY C 254 -51.11 6.18 26.23
CA GLY C 254 -50.01 7.12 26.48
C GLY C 254 -48.87 6.58 27.34
N ILE C 255 -47.80 7.39 27.47
CA ILE C 255 -46.60 7.11 28.27
C ILE C 255 -46.28 8.33 29.17
N VAL C 256 -45.70 8.09 30.34
CA VAL C 256 -45.20 9.16 31.19
C VAL C 256 -43.75 8.81 31.58
N TYR C 257 -42.77 9.64 31.17
CA TYR C 257 -41.38 9.33 31.46
C TYR C 257 -40.99 10.07 32.75
N CYS C 258 -40.29 9.38 33.63
CA CYS C 258 -39.67 10.02 34.78
C CYS C 258 -38.30 9.44 34.95
N ARG C 259 -37.53 10.03 35.87
CA ARG C 259 -36.15 9.68 36.11
C ARG C 259 -36.03 8.59 37.15
N THR C 260 -36.54 8.84 38.35
CA THR C 260 -36.41 7.89 39.47
C THR C 260 -37.55 6.89 39.61
N ARG C 261 -37.21 5.74 40.22
CA ARG C 261 -38.16 4.65 40.52
C ARG C 261 -39.13 5.04 41.61
N GLU C 262 -38.67 5.89 42.53
CA GLU C 262 -39.50 6.39 43.64
C GLU C 262 -40.64 7.26 43.08
N ALA C 263 -40.27 8.18 42.18
CA ALA C 263 -41.22 9.02 41.45
C ALA C 263 -42.09 8.22 40.48
N CYS C 264 -41.55 7.12 39.95
CA CYS C 264 -42.28 6.27 39.01
C CYS C 264 -43.42 5.50 39.66
N GLU C 265 -43.24 5.12 40.93
CA GLU C 265 -44.28 4.39 41.63
C GLU C 265 -45.36 5.39 42.06
N GLN C 266 -44.90 6.48 42.67
CA GLN C 266 -45.79 7.54 43.23
C GLN C 266 -46.71 8.14 42.17
N LEU C 267 -46.16 8.45 40.99
CA LEU C 267 -46.95 8.92 39.83
C LEU C 267 -47.95 7.89 39.40
N ALA C 268 -47.56 6.62 39.41
CA ALA C 268 -48.49 5.54 39.06
C ALA C 268 -49.71 5.53 39.97
N ILE C 269 -49.49 5.59 41.28
CA ILE C 269 -50.62 5.59 42.22
C ILE C 269 -51.49 6.82 41.97
N GLU C 270 -50.88 8.01 41.94
CA GLU C 270 -51.62 9.30 41.97
C GLU C 270 -52.39 9.59 40.68
N LEU C 271 -52.02 8.94 39.57
CA LEU C 271 -52.88 8.97 38.37
C LEU C 271 -54.10 8.07 38.54
N SER C 272 -53.87 6.81 38.90
CA SER C 272 -54.95 5.82 39.14
C SER C 272 -55.93 6.36 40.20
N CYS C 273 -55.39 6.91 41.27
CA CYS C 273 -56.15 7.61 42.32
C CYS C 273 -57.30 8.48 41.77
N ARG C 274 -57.03 9.27 40.74
CA ARG C 274 -58.06 10.12 40.12
C ARG C 274 -58.42 9.74 38.66
N GLY C 275 -58.73 8.46 38.46
CA GLY C 275 -59.50 8.03 37.29
C GLY C 275 -58.81 7.80 35.94
N VAL C 276 -57.49 7.72 35.95
CA VAL C 276 -56.75 7.33 34.76
C VAL C 276 -55.86 6.15 35.16
N ASN C 277 -56.17 4.98 34.62
CA ASN C 277 -55.51 3.73 35.05
C ASN C 277 -54.07 3.64 34.55
N ALA C 278 -53.12 3.67 35.48
CA ALA C 278 -51.70 3.76 35.15
C ALA C 278 -50.83 2.74 35.92
N LYS C 279 -49.90 2.10 35.21
CA LYS C 279 -48.98 1.12 35.80
C LYS C 279 -47.53 1.56 35.73
N ALA C 280 -46.74 1.14 36.71
CA ALA C 280 -45.31 1.48 36.86
C ALA C 280 -44.40 0.49 36.15
N TYR C 281 -43.27 0.99 35.65
CA TYR C 281 -42.37 0.22 34.79
C TYR C 281 -40.93 0.69 34.92
N HIS C 282 -40.14 -0.02 35.70
CA HIS C 282 -38.71 0.30 35.91
C HIS C 282 -37.91 -0.99 36.06
N ALA C 283 -36.58 -0.88 36.06
CA ALA C 283 -35.72 -2.08 36.18
C ALA C 283 -35.64 -2.64 37.62
N GLY C 284 -36.07 -1.84 38.62
CA GLY C 284 -36.30 -2.30 39.99
C GLY C 284 -37.29 -3.46 40.12
N LEU C 285 -38.42 -3.42 39.39
CA LEU C 285 -39.43 -4.50 39.48
C LEU C 285 -38.88 -5.83 38.94
N LYS C 286 -39.37 -6.96 39.46
CA LYS C 286 -38.90 -8.30 39.03
C LYS C 286 -39.17 -8.51 37.52
N ALA C 287 -38.25 -9.19 36.83
CA ALA C 287 -38.29 -9.32 35.34
C ALA C 287 -39.46 -10.14 34.77
N SER C 288 -40.03 -11.02 35.59
CA SER C 288 -41.30 -11.69 35.26
C SER C 288 -42.46 -10.68 35.38
N GLU C 289 -42.47 -9.90 36.46
CA GLU C 289 -43.43 -8.78 36.70
C GLU C 289 -43.41 -7.69 35.62
N ARG C 290 -42.21 -7.37 35.15
CA ARG C 290 -41.97 -6.33 34.14
C ARG C 290 -42.66 -6.66 32.82
N THR C 291 -42.40 -7.86 32.32
CA THR C 291 -43.00 -8.34 31.05
C THR C 291 -44.54 -8.51 31.13
N LEU C 292 -45.06 -8.62 32.35
CA LEU C 292 -46.50 -8.62 32.64
C LEU C 292 -47.10 -7.26 32.30
N VAL C 293 -46.43 -6.19 32.72
CA VAL C 293 -46.91 -4.83 32.47
C VAL C 293 -46.83 -4.50 30.98
N GLN C 294 -45.73 -4.93 30.34
CA GLN C 294 -45.50 -4.72 28.91
C GLN C 294 -46.63 -5.30 28.04
N ASN C 295 -47.07 -6.52 28.36
CA ASN C 295 -48.22 -7.14 27.66
C ASN C 295 -49.56 -6.44 27.94
N ASP C 296 -49.84 -6.18 29.22
CA ASP C 296 -51.06 -5.49 29.63
C ASP C 296 -51.23 -4.15 28.90
N TRP C 297 -50.14 -3.38 28.80
CA TRP C 297 -50.13 -2.13 28.03
C TRP C 297 -50.34 -2.38 26.54
N MET C 298 -49.60 -3.34 25.98
CA MET C 298 -49.67 -3.60 24.53
C MET C 298 -51.04 -4.09 24.06
N GLU C 299 -51.71 -4.85 24.93
CA GLU C 299 -53.06 -5.38 24.66
C GLU C 299 -54.19 -4.38 25.02
N GLU C 300 -53.83 -3.16 25.43
CA GLU C 300 -54.77 -2.06 25.71
C GLU C 300 -55.64 -2.26 26.96
N LYS C 301 -55.19 -3.08 27.90
CA LYS C 301 -55.91 -3.34 29.17
C LYS C 301 -55.67 -2.25 30.22
N VAL C 302 -54.45 -1.71 30.21
CA VAL C 302 -54.10 -0.49 30.95
C VAL C 302 -53.68 0.57 29.91
N PRO C 303 -54.33 1.75 29.92
CA PRO C 303 -54.01 2.79 28.90
C PRO C 303 -52.71 3.62 29.11
N VAL C 304 -52.18 3.73 30.34
CA VAL C 304 -51.04 4.60 30.64
C VAL C 304 -49.92 3.84 31.38
N ILE C 305 -48.67 4.08 30.95
CA ILE C 305 -47.47 3.45 31.55
C ILE C 305 -46.50 4.52 32.06
N VAL C 306 -45.91 4.29 33.24
CA VAL C 306 -44.97 5.23 33.83
C VAL C 306 -43.56 4.65 33.83
N ALA C 307 -42.67 5.15 32.96
CA ALA C 307 -41.42 4.46 32.64
C ALA C 307 -40.12 5.20 32.95
N THR C 308 -39.13 4.43 33.42
CA THR C 308 -37.73 4.84 33.57
C THR C 308 -36.86 4.38 32.37
N ILE C 309 -37.34 3.36 31.63
CA ILE C 309 -36.58 2.79 30.49
C ILE C 309 -37.54 2.28 29.39
N SER C 310 -36.98 1.84 28.27
CA SER C 310 -37.74 1.12 27.19
C SER C 310 -38.27 -0.23 27.66
N ASP C 316 -43.09 -1.53 18.32
CA ASP C 316 -43.47 -0.13 18.62
C ASP C 316 -44.97 0.06 18.44
N LYS C 317 -45.64 0.68 19.41
CA LYS C 317 -47.10 0.81 19.39
C LYS C 317 -47.59 2.05 18.61
N ALA C 318 -48.62 1.81 17.80
CA ALA C 318 -48.97 2.68 16.68
C ALA C 318 -49.93 3.84 16.98
N ASN C 319 -50.63 3.80 18.12
CA ASN C 319 -51.69 4.79 18.45
C ASN C 319 -51.52 5.46 19.83
N VAL C 320 -50.27 5.81 20.15
CA VAL C 320 -49.92 6.52 21.39
C VAL C 320 -50.37 7.99 21.27
N ARG C 321 -51.44 8.35 21.95
CA ARG C 321 -52.01 9.69 21.83
C ARG C 321 -51.23 10.72 22.65
N PHE C 322 -50.43 10.31 23.64
CA PHE C 322 -49.58 11.28 24.34
C PHE C 322 -48.32 10.73 24.96
N VAL C 323 -47.26 11.55 24.98
CA VAL C 323 -46.06 11.30 25.77
C VAL C 323 -45.75 12.53 26.61
N ALA C 324 -45.81 12.39 27.92
CA ALA C 324 -45.45 13.45 28.88
C ALA C 324 -44.14 13.10 29.56
N HIS C 325 -43.25 14.08 29.74
CA HIS C 325 -41.99 13.84 30.46
C HIS C 325 -42.15 14.51 31.79
N TRP C 326 -42.29 13.75 32.86
CA TRP C 326 -42.40 14.34 34.18
C TRP C 326 -41.08 15.03 34.57
N ASN C 327 -39.95 14.53 34.04
CA ASN C 327 -38.61 15.10 34.25
C ASN C 327 -37.87 15.33 32.95
N ILE C 328 -37.06 16.39 32.89
CA ILE C 328 -36.26 16.68 31.71
C ILE C 328 -35.34 15.49 31.40
N ALA C 329 -35.22 15.13 30.11
CA ALA C 329 -34.43 13.99 29.70
C ALA C 329 -32.94 14.33 29.78
N LYS C 330 -32.05 13.36 29.55
CA LYS C 330 -30.59 13.58 29.68
C LYS C 330 -29.96 14.18 28.43
N SER C 331 -30.65 14.03 27.30
CA SER C 331 -30.23 14.67 26.04
C SER C 331 -31.40 14.97 25.14
N MET C 332 -31.17 15.92 24.23
CA MET C 332 -32.09 16.26 23.18
C MET C 332 -32.45 15.03 22.32
N ALA C 333 -31.44 14.29 21.87
CA ALA C 333 -31.69 13.12 21.06
C ALA C 333 -32.39 12.09 21.90
N GLY C 334 -32.16 12.11 23.20
CA GLY C 334 -32.94 11.30 24.13
C GLY C 334 -34.38 11.78 24.13
N TYR C 335 -34.59 13.09 24.17
CA TYR C 335 -35.93 13.62 24.13
C TYR C 335 -36.61 13.30 22.79
N TYR C 336 -35.88 13.44 21.71
CA TYR C 336 -36.46 13.39 20.38
C TYR C 336 -37.05 12.01 20.08
N GLN C 337 -36.28 10.94 20.30
CA GLN C 337 -36.75 9.56 20.09
C GLN C 337 -37.84 9.11 21.09
N GLU C 338 -37.70 9.48 22.36
CA GLU C 338 -38.71 9.18 23.38
C GLU C 338 -40.06 9.83 23.06
N SER C 339 -40.04 11.13 22.80
CA SER C 339 -41.28 11.87 22.45
C SER C 339 -41.86 11.43 21.09
N GLY C 340 -40.97 11.05 20.18
CA GLY C 340 -41.36 10.56 18.86
C GLY C 340 -42.04 9.19 18.77
N ARG C 341 -42.18 8.50 19.90
CA ARG C 341 -42.98 7.28 20.01
C ARG C 341 -44.47 7.59 19.91
N ALA C 342 -44.86 8.83 20.24
CA ALA C 342 -46.24 9.27 20.04
C ALA C 342 -46.61 9.36 18.56
N GLY C 343 -47.86 9.01 18.27
CA GLY C 343 -48.52 9.33 16.99
C GLY C 343 -47.89 8.84 15.69
N ARG C 344 -47.56 7.55 15.61
CA ARG C 344 -47.02 7.00 14.35
C ARG C 344 -48.08 6.55 13.32
N ASP C 345 -49.30 6.32 13.78
CA ASP C 345 -50.44 6.21 12.88
C ASP C 345 -50.68 7.45 12.00
N GLY C 346 -50.15 8.63 12.35
CA GLY C 346 -50.40 9.87 11.61
C GLY C 346 -51.52 10.75 12.17
N LYS C 347 -52.24 10.25 13.17
CA LYS C 347 -53.34 10.97 13.81
C LYS C 347 -52.83 11.98 14.85
N PRO C 348 -53.67 12.92 15.30
CA PRO C 348 -53.13 13.94 16.23
C PRO C 348 -52.65 13.35 17.55
N SER C 349 -51.47 13.80 18.02
CA SER C 349 -50.93 13.42 19.35
C SER C 349 -50.36 14.64 20.06
N TRP C 350 -49.94 14.47 21.30
CA TRP C 350 -49.43 15.54 22.12
C TRP C 350 -48.19 15.12 22.86
N CYS C 351 -47.14 15.96 22.80
CA CYS C 351 -45.88 15.77 23.54
C CYS C 351 -45.65 16.94 24.54
N ARG C 352 -45.52 16.65 25.83
CA ARG C 352 -45.34 17.69 26.85
C ARG C 352 -44.16 17.38 27.74
N LEU C 353 -43.34 18.42 27.95
CA LEU C 353 -42.21 18.35 28.80
C LEU C 353 -42.49 19.23 30.02
N TYR C 354 -42.50 18.64 31.20
CA TYR C 354 -42.59 19.41 32.45
C TYR C 354 -41.17 19.74 32.86
N TYR C 355 -40.83 21.01 32.86
CA TYR C 355 -39.48 21.45 33.17
C TYR C 355 -39.44 22.13 34.53
N SER C 356 -38.38 21.89 35.29
CA SER C 356 -38.09 22.71 36.45
C SER C 356 -36.61 23.00 36.50
N ARG C 357 -36.26 24.12 37.11
CA ARG C 357 -34.87 24.46 37.31
C ARG C 357 -34.21 23.57 38.38
N ASN C 358 -34.99 22.97 39.29
CA ASN C 358 -34.41 21.99 40.24
C ASN C 358 -34.07 20.67 39.51
N ASP C 359 -34.95 20.25 38.60
CA ASP C 359 -34.65 19.08 37.78
C ASP C 359 -33.44 19.35 36.90
N ARG C 360 -33.31 20.57 36.38
CA ARG C 360 -32.18 20.84 35.49
C ARG C 360 -30.90 20.68 36.27
N ASP C 361 -30.82 21.38 37.41
CA ASP C 361 -29.69 21.26 38.34
C ASP C 361 -29.33 19.80 38.73
N GLN C 362 -30.35 18.97 39.00
CA GLN C 362 -30.18 17.58 39.44
C GLN C 362 -29.67 16.68 38.33
N VAL C 363 -30.21 16.81 37.12
CA VAL C 363 -29.85 15.94 36.00
C VAL C 363 -28.45 16.27 35.49
N SER C 364 -28.18 17.55 35.31
CA SER C 364 -26.81 18.06 35.05
C SER C 364 -25.79 17.52 36.06
N PHE C 365 -26.15 17.54 37.34
CA PHE C 365 -25.26 17.05 38.41
C PHE C 365 -24.91 15.56 38.13
N LEU C 366 -25.92 14.72 37.87
CA LEU C 366 -25.74 13.28 37.67
C LEU C 366 -24.85 12.96 36.47
N ILE C 367 -25.13 13.60 35.33
CA ILE C 367 -24.29 13.48 34.14
C ILE C 367 -22.84 13.81 34.45
N ARG C 368 -22.61 14.94 35.13
CA ARG C 368 -21.23 15.37 35.44
C ARG C 368 -20.48 14.36 36.30
N LYS C 369 -21.18 13.77 37.28
CA LYS C 369 -20.63 12.68 38.07
C LYS C 369 -20.29 11.53 37.14
N GLU C 370 -21.27 11.08 36.37
CA GLU C 370 -21.06 9.95 35.47
C GLU C 370 -19.92 10.17 34.47
N VAL C 371 -19.68 11.41 34.04
CA VAL C 371 -18.55 11.70 33.14
C VAL C 371 -17.17 11.58 33.88
N ALA C 372 -17.11 12.03 35.13
CA ALA C 372 -15.89 11.85 35.97
C ALA C 372 -15.46 10.38 36.29
N LYS C 373 -16.44 9.51 36.56
CA LYS C 373 -16.26 8.04 36.58
C LYS C 373 -15.69 7.45 35.27
N LEU C 374 -16.08 8.00 34.14
CA LEU C 374 -15.51 7.61 32.84
C LEU C 374 -14.10 8.17 32.74
N GLN C 375 -13.96 9.48 32.96
CA GLN C 375 -12.65 10.12 32.89
C GLN C 375 -11.59 9.40 33.74
N GLU C 376 -11.94 9.11 34.99
CA GLU C 376 -11.14 8.25 35.85
C GLU C 376 -10.67 6.99 35.13
N LYS C 377 -11.58 6.26 34.48
CA LYS C 377 -11.30 4.90 33.96
C LYS C 377 -10.64 4.80 32.58
N ARG C 378 -10.67 5.84 31.74
CA ARG C 378 -9.92 5.83 30.44
C ARG C 378 -9.30 7.17 29.97
N GLY C 379 -9.30 8.19 30.85
CA GLY C 379 -8.76 9.52 30.51
C GLY C 379 -9.72 10.52 29.87
N ASN C 380 -9.18 11.64 29.42
CA ASN C 380 -9.97 12.69 28.80
C ASN C 380 -10.34 12.31 27.38
N LYS C 381 -11.61 12.52 27.04
CA LYS C 381 -12.09 12.41 25.69
C LYS C 381 -12.84 13.69 25.27
N ALA C 382 -12.86 13.88 23.95
CA ALA C 382 -13.58 14.96 23.32
C ALA C 382 -15.08 14.75 23.45
N SER C 383 -15.52 13.49 23.38
CA SER C 383 -16.92 13.13 23.61
C SER C 383 -17.48 13.57 24.97
N ASP C 384 -16.63 13.80 25.96
CA ASP C 384 -17.09 14.28 27.29
C ASP C 384 -17.85 15.59 27.21
N LYS C 385 -17.23 16.59 26.59
CA LYS C 385 -17.88 17.88 26.43
C LYS C 385 -19.17 17.75 25.61
N ALA C 386 -19.26 16.76 24.73
CA ALA C 386 -20.43 16.56 23.89
C ALA C 386 -21.66 16.06 24.67
N THR C 387 -21.41 15.23 25.69
CA THR C 387 -22.43 14.74 26.63
C THR C 387 -23.01 15.89 27.46
N ILE C 388 -22.16 16.81 27.90
CA ILE C 388 -22.61 18.03 28.60
C ILE C 388 -23.38 18.94 27.65
N MET C 389 -22.91 19.10 26.41
CA MET C 389 -23.56 20.00 25.48
C MET C 389 -24.92 19.48 24.99
N ALA C 390 -25.06 18.16 24.95
CA ALA C 390 -26.31 17.52 24.54
C ALA C 390 -27.46 17.72 25.55
N PHE C 391 -27.16 17.81 26.83
CA PHE C 391 -28.14 18.14 27.87
C PHE C 391 -28.49 19.60 27.79
N ASP C 392 -27.48 20.42 27.61
CA ASP C 392 -27.68 21.86 27.57
C ASP C 392 -28.59 22.25 26.42
N ALA C 393 -28.48 21.58 25.28
CA ALA C 393 -29.38 21.89 24.17
C ALA C 393 -30.82 21.74 24.57
N LEU C 394 -31.16 20.73 25.36
CA LEU C 394 -32.55 20.50 25.76
C LEU C 394 -33.03 21.53 26.79
N VAL C 395 -32.11 22.00 27.62
CA VAL C 395 -32.39 23.06 28.60
C VAL C 395 -32.72 24.31 27.81
N THR C 396 -31.92 24.52 26.76
CA THR C 396 -32.10 25.63 25.83
C THR C 396 -33.45 25.57 25.12
N PHE C 397 -33.90 24.37 24.76
CA PHE C 397 -35.21 24.15 24.18
C PHE C 397 -36.35 24.46 25.16
N CYS C 398 -36.13 24.27 26.45
CA CYS C 398 -37.13 24.53 27.49
C CYS C 398 -37.27 26.03 27.86
N GLU C 399 -36.16 26.77 27.89
CA GLU C 399 -36.18 28.18 28.32
C GLU C 399 -36.22 29.23 27.16
N GLU C 400 -36.40 28.75 25.93
CA GLU C 400 -36.25 29.53 24.70
C GLU C 400 -37.60 30.03 24.24
N LEU C 401 -37.59 31.20 23.64
CA LEU C 401 -38.74 31.71 22.92
C LEU C 401 -38.54 31.29 21.45
N GLY C 402 -39.22 30.22 21.06
CA GLY C 402 -39.27 29.83 19.66
C GLY C 402 -40.14 28.61 19.41
N CYS C 403 -40.34 28.29 18.15
CA CYS C 403 -41.04 27.06 17.70
C CYS C 403 -40.33 25.76 18.17
N ARG C 404 -41.06 24.88 18.85
CA ARG C 404 -40.51 23.65 19.39
C ARG C 404 -40.00 22.76 18.26
N HIS C 405 -40.80 22.65 17.21
CA HIS C 405 -40.44 21.81 16.08
C HIS C 405 -39.17 22.31 15.40
N ALA C 406 -39.13 23.60 15.08
CA ALA C 406 -37.94 24.26 14.45
C ALA C 406 -36.67 24.02 15.29
N ALA C 407 -36.82 24.15 16.61
CA ALA C 407 -35.71 23.92 17.50
C ALA C 407 -35.22 22.48 17.34
N ILE C 408 -36.12 21.52 17.45
CA ILE C 408 -35.74 20.11 17.31
C ILE C 408 -35.10 19.83 15.94
N ALA C 409 -35.60 20.46 14.90
CA ALA C 409 -35.04 20.26 13.56
C ALA C 409 -33.64 20.90 13.41
N LYS C 410 -33.43 22.05 14.04
CA LYS C 410 -32.18 22.80 13.95
C LYS C 410 -31.05 21.97 14.46
N TYR C 411 -31.31 21.26 15.56
CA TYR C 411 -30.36 20.34 16.18
C TYR C 411 -29.94 19.21 15.23
N PHE C 412 -30.85 18.71 14.39
CA PHE C 412 -30.46 17.75 13.33
C PHE C 412 -30.20 18.43 11.98
N GLY C 413 -29.83 19.72 12.01
CA GLY C 413 -29.19 20.39 10.90
C GLY C 413 -30.09 20.79 9.77
N ASP C 414 -31.29 21.23 10.12
CA ASP C 414 -32.33 21.51 9.17
C ASP C 414 -32.92 22.90 9.48
N ALA C 415 -33.00 23.75 8.45
CA ALA C 415 -33.48 25.15 8.57
C ALA C 415 -35.00 25.12 8.41
N LEU C 416 -35.67 24.65 9.45
CA LEU C 416 -37.11 24.30 9.36
C LEU C 416 -37.81 25.60 9.63
N PRO C 417 -38.87 25.88 8.86
CA PRO C 417 -39.73 27.06 9.14
C PRO C 417 -40.81 26.80 10.19
N ALA C 418 -41.38 27.86 10.75
CA ALA C 418 -42.35 27.76 11.85
C ALA C 418 -43.53 26.88 11.47
N CYS C 419 -44.05 26.12 12.44
CA CYS C 419 -45.05 25.09 12.20
C CYS C 419 -46.48 25.62 12.26
N ALA C 420 -46.68 26.85 12.78
CA ALA C 420 -47.97 27.60 12.81
C ALA C 420 -49.01 27.14 13.86
N LYS C 421 -49.41 25.86 13.76
CA LYS C 421 -50.33 25.25 14.74
C LYS C 421 -49.83 23.98 15.41
N GLY C 422 -48.55 23.65 15.35
CA GLY C 422 -48.02 22.36 15.88
C GLY C 422 -47.32 22.46 17.24
N CYS C 423 -47.31 23.63 17.85
CA CYS C 423 -46.56 23.86 19.07
C CYS C 423 -47.10 25.07 19.77
N ASP C 424 -46.87 25.16 21.07
CA ASP C 424 -47.30 26.30 21.91
C ASP C 424 -46.75 27.69 21.57
N HIS C 425 -45.49 27.81 21.18
CA HIS C 425 -45.00 29.14 20.77
C HIS C 425 -45.66 29.67 19.51
N CYS C 426 -45.78 28.81 18.50
CA CYS C 426 -46.47 29.17 17.27
C CYS C 426 -48.00 29.51 17.52
N GLN C 427 -48.68 28.75 18.38
CA GLN C 427 -50.07 28.98 18.71
C GLN C 427 -50.20 30.34 19.41
N ASN C 428 -49.42 30.60 20.47
CA ASN C 428 -49.61 31.86 21.22
C ASN C 428 -48.32 32.42 21.77
N PRO C 429 -47.58 33.16 20.94
CA PRO C 429 -46.23 33.57 21.31
C PRO C 429 -46.16 34.45 22.57
N THR C 430 -47.13 35.33 22.71
CA THR C 430 -47.17 36.22 23.85
C THR C 430 -47.46 35.46 25.14
N ALA C 431 -48.26 34.39 25.08
CA ALA C 431 -48.53 33.61 26.29
C ALA C 431 -47.25 32.91 26.77
N VAL C 432 -46.47 32.36 25.83
CA VAL C 432 -45.20 31.69 26.14
C VAL C 432 -44.22 32.67 26.83
N ARG C 433 -44.16 33.93 26.34
CA ARG C 433 -43.25 34.95 26.92
C ARG C 433 -43.69 35.28 28.36
N ARG C 434 -45.00 35.42 28.56
CA ARG C 434 -45.57 35.69 29.89
C ARG C 434 -45.14 34.61 30.89
N ARG C 435 -45.12 33.36 30.45
CA ARG C 435 -44.81 32.22 31.34
C ARG C 435 -43.35 32.19 31.79
N LEU C 436 -42.46 32.45 30.85
CA LEU C 436 -41.02 32.65 31.13
C LEU C 436 -40.81 33.86 32.07
N GLU C 437 -41.59 34.92 31.88
CA GLU C 437 -41.54 36.05 32.85
C GLU C 437 -41.91 35.65 34.28
N ALA C 438 -42.88 34.75 34.39
CA ALA C 438 -43.32 34.28 35.69
C ALA C 438 -42.31 33.31 36.30
N LEU C 439 -41.68 32.49 35.47
CA LEU C 439 -40.53 31.65 35.88
C LEU C 439 -39.37 32.44 36.54
N GLU C 440 -38.96 33.55 35.92
CA GLU C 440 -37.95 34.43 36.53
C GLU C 440 -38.52 35.01 37.80
N ARG C 441 -39.77 35.48 37.77
CA ARG C 441 -40.38 36.03 39.00
C ARG C 441 -40.46 35.02 40.15
N SER C 442 -40.58 33.74 39.80
CA SER C 442 -40.66 32.67 40.78
C SER C 442 -39.48 32.59 41.74
N SER C 443 -38.28 32.98 41.29
CA SER C 443 -37.04 32.90 42.10
C SER C 443 -36.48 34.26 42.44
N SER C 444 -37.38 35.20 42.69
CA SER C 444 -37.09 36.61 42.83
C SER C 444 -37.10 37.00 44.32
N TRP C 445 -36.66 38.21 44.64
CA TRP C 445 -36.79 38.75 46.02
C TRP C 445 -38.23 39.15 46.25
N ASP D 3 26.64 60.40 -15.13
CA ASP D 3 26.62 59.73 -13.79
C ASP D 3 25.32 60.09 -13.01
N PRO D 4 24.24 59.31 -13.22
CA PRO D 4 22.98 59.52 -12.46
C PRO D 4 23.11 59.33 -10.95
N GLU D 5 24.17 58.65 -10.50
CA GLU D 5 24.40 58.42 -9.07
C GLU D 5 24.54 59.70 -8.24
N ARG D 6 25.20 60.72 -8.78
CA ARG D 6 25.45 61.97 -8.04
C ARG D 6 24.15 62.74 -7.81
N ARG D 7 23.38 62.93 -8.89
CA ARG D 7 22.04 63.53 -8.82
C ARG D 7 21.13 62.80 -7.82
N VAL D 8 21.16 61.46 -7.82
CA VAL D 8 20.37 60.61 -6.91
C VAL D 8 20.82 60.76 -5.46
N ARG D 9 22.13 60.62 -5.25
CA ARG D 9 22.78 60.77 -3.96
C ARG D 9 22.41 62.07 -3.24
N SER D 10 22.54 63.19 -3.95
CA SER D 10 22.16 64.52 -3.40
C SER D 10 20.77 64.50 -2.80
N THR D 11 19.82 64.20 -3.68
CA THR D 11 18.40 64.21 -3.37
C THR D 11 18.04 63.21 -2.26
N LEU D 12 18.74 62.06 -2.19
CA LEU D 12 18.54 61.16 -1.06
C LEU D 12 18.83 61.91 0.24
N LYS D 13 19.95 62.62 0.29
CA LYS D 13 20.37 63.35 1.49
C LYS D 13 19.52 64.62 1.73
N LYS D 14 19.62 65.59 0.84
CA LYS D 14 19.05 66.92 1.07
C LYS D 14 17.51 66.98 1.19
N VAL D 15 16.82 66.07 0.50
CA VAL D 15 15.35 65.97 0.53
C VAL D 15 14.84 64.97 1.59
N PHE D 16 15.27 63.71 1.46
CA PHE D 16 14.80 62.62 2.35
C PHE D 16 15.55 62.46 3.68
N GLY D 17 16.79 62.96 3.74
CA GLY D 17 17.59 62.95 4.96
C GLY D 17 18.33 61.64 5.24
N PHE D 18 18.65 60.87 4.19
CA PHE D 18 19.32 59.58 4.36
C PHE D 18 20.75 59.64 3.84
N ASP D 19 21.64 58.92 4.52
CA ASP D 19 23.06 58.85 4.13
C ASP D 19 23.34 57.74 3.09
N SER D 20 22.54 56.68 3.12
CA SER D 20 22.64 55.58 2.17
C SER D 20 21.29 54.85 1.94
N PHE D 21 21.31 53.90 1.00
CA PHE D 21 20.17 53.00 0.75
C PHE D 21 20.16 51.93 1.83
N LYS D 22 18.97 51.43 2.18
CA LYS D 22 18.85 50.29 3.12
C LYS D 22 19.55 49.02 2.63
N THR D 23 19.39 48.69 1.34
CA THR D 23 20.07 47.52 0.74
C THR D 23 20.58 47.83 -0.67
N PRO D 24 21.55 47.04 -1.16
CA PRO D 24 21.96 47.24 -2.54
C PRO D 24 20.81 47.00 -3.50
N LEU D 25 19.82 46.18 -3.12
CA LEU D 25 18.63 45.95 -3.97
C LEU D 25 17.74 47.18 -4.06
N GLN D 26 17.52 47.88 -2.95
CA GLN D 26 16.79 49.14 -2.99
C GLN D 26 17.50 50.19 -3.88
N GLU D 27 18.84 50.22 -3.86
CA GLU D 27 19.61 51.06 -4.80
C GLU D 27 19.40 50.66 -6.27
N SER D 28 19.60 49.40 -6.57
CA SER D 28 19.46 48.92 -7.94
C SER D 28 18.09 49.26 -8.47
N ALA D 29 17.05 48.96 -7.69
CA ALA D 29 15.65 49.22 -8.08
C ALA D 29 15.43 50.70 -8.33
N THR D 30 15.85 51.53 -7.38
CA THR D 30 15.75 52.97 -7.53
C THR D 30 16.50 53.49 -8.76
N MET D 31 17.68 52.95 -9.05
CA MET D 31 18.45 53.38 -10.22
C MET D 31 17.79 52.99 -11.55
N ALA D 32 17.16 51.81 -11.59
CA ALA D 32 16.50 51.36 -12.82
C ALA D 32 15.16 52.08 -13.09
N VAL D 33 14.53 52.61 -12.04
CA VAL D 33 13.35 53.47 -12.23
C VAL D 33 13.78 54.80 -12.86
N VAL D 34 14.86 55.36 -12.35
CA VAL D 34 15.37 56.66 -12.78
C VAL D 34 15.69 56.63 -14.27
N LYS D 35 16.40 55.58 -14.69
CA LYS D 35 16.75 55.38 -16.08
C LYS D 35 15.53 55.56 -16.99
N GLY D 36 14.38 55.07 -16.54
CA GLY D 36 13.10 55.29 -17.20
C GLY D 36 12.86 54.52 -18.50
N ASN D 37 13.67 53.51 -18.79
CA ASN D 37 13.59 52.82 -20.09
C ASN D 37 12.76 51.51 -20.08
N LYS D 38 12.51 50.98 -18.87
CA LYS D 38 11.92 49.64 -18.70
C LYS D 38 10.77 49.71 -17.73
N ASP D 39 9.81 48.79 -17.86
CA ASP D 39 8.84 48.52 -16.81
C ASP D 39 9.53 47.77 -15.66
N VAL D 40 9.13 48.10 -14.41
CA VAL D 40 9.82 47.71 -13.16
C VAL D 40 8.86 47.03 -12.18
N PHE D 41 9.25 45.85 -11.68
CA PHE D 41 8.50 45.11 -10.65
C PHE D 41 9.37 45.00 -9.42
N VAL D 42 8.89 45.50 -8.28
CA VAL D 42 9.64 45.47 -7.01
C VAL D 42 8.97 44.50 -6.07
N CYS D 43 9.67 43.43 -5.67
CA CYS D 43 9.15 42.47 -4.69
C CYS D 43 10.06 42.49 -3.47
N MET D 44 9.63 43.16 -2.42
CA MET D 44 10.41 43.31 -1.21
C MET D 44 9.47 43.26 -0.03
N PRO D 45 9.91 42.67 1.11
CA PRO D 45 9.06 42.55 2.30
C PRO D 45 8.58 43.87 2.88
N THR D 46 7.50 43.84 3.67
CA THR D 46 7.03 45.02 4.38
C THR D 46 8.11 45.65 5.27
N GLY D 47 8.12 46.99 5.31
CA GLY D 47 9.14 47.75 6.00
C GLY D 47 10.49 47.84 5.29
N ALA D 48 10.58 47.42 4.02
CA ALA D 48 11.89 47.40 3.30
C ALA D 48 12.28 48.71 2.60
N GLY D 49 11.35 49.65 2.48
CA GLY D 49 11.60 50.91 1.77
C GLY D 49 11.23 50.87 0.30
N LYS D 50 10.13 50.21 -0.05
CA LYS D 50 9.62 50.24 -1.42
C LYS D 50 9.17 51.65 -1.90
N SER D 51 8.57 52.47 -1.03
CA SER D 51 8.06 53.81 -1.44
C SER D 51 9.08 54.72 -2.11
N LEU D 52 10.28 54.71 -1.55
CA LEU D 52 11.37 55.53 -2.02
C LEU D 52 11.73 55.15 -3.45
N CYS D 53 11.58 53.86 -3.79
CA CYS D 53 11.94 53.38 -5.12
C CYS D 53 11.20 54.16 -6.22
N TYR D 54 10.06 54.75 -5.91
CA TYR D 54 9.35 55.63 -6.88
C TYR D 54 9.27 57.11 -6.49
N GLN D 55 9.12 57.42 -5.19
CA GLN D 55 9.07 58.80 -4.68
C GLN D 55 10.29 59.58 -5.06
N LEU D 56 11.46 59.00 -4.89
CA LEU D 56 12.68 59.71 -5.20
C LEU D 56 12.86 59.94 -6.72
N PRO D 57 12.71 58.89 -7.56
CA PRO D 57 12.80 59.16 -9.01
C PRO D 57 11.79 60.16 -9.56
N ALA D 58 10.61 60.22 -8.95
CA ALA D 58 9.63 61.25 -9.27
C ALA D 58 10.26 62.64 -9.20
N LEU D 59 10.93 62.95 -8.07
CA LEU D 59 11.45 64.29 -7.84
C LEU D 59 12.51 64.73 -8.87
N LEU D 60 13.20 63.80 -9.50
CA LEU D 60 14.25 64.07 -10.47
C LEU D 60 13.74 64.22 -11.89
N ALA D 61 12.52 63.73 -12.17
CA ALA D 61 11.94 63.82 -13.52
C ALA D 61 11.22 65.16 -13.79
N LYS D 62 11.04 65.48 -15.07
CA LYS D 62 10.45 66.76 -15.48
C LYS D 62 8.94 66.81 -15.26
N GLY D 63 8.25 65.73 -15.64
CA GLY D 63 6.80 65.63 -15.46
C GLY D 63 6.27 65.12 -14.10
N ILE D 64 5.02 64.68 -14.13
CA ILE D 64 4.27 64.30 -12.94
C ILE D 64 4.17 62.78 -12.89
N THR D 65 4.17 62.26 -11.67
CA THR D 65 4.09 60.82 -11.43
C THR D 65 2.74 60.53 -10.78
N ILE D 66 1.93 59.70 -11.43
CA ILE D 66 0.64 59.27 -10.89
C ILE D 66 0.81 57.96 -10.11
N VAL D 67 0.48 57.98 -8.82
CA VAL D 67 0.65 56.84 -7.93
C VAL D 67 -0.68 56.33 -7.48
N VAL D 68 -0.99 55.07 -7.76
CA VAL D 68 -2.28 54.46 -7.44
C VAL D 68 -2.12 53.70 -6.11
N SER D 69 -3.05 53.88 -5.19
CA SER D 69 -3.06 53.16 -3.90
C SER D 69 -4.50 52.71 -3.55
N PRO D 70 -4.65 51.58 -2.81
CA PRO D 70 -5.98 51.03 -2.54
C PRO D 70 -6.91 51.88 -1.69
N LEU D 71 -6.40 52.41 -0.58
CA LEU D 71 -7.19 53.20 0.37
C LEU D 71 -6.63 54.60 0.65
N ILE D 72 -7.56 55.53 0.85
CA ILE D 72 -7.26 56.94 1.12
C ILE D 72 -6.53 57.10 2.47
N ALA D 73 -6.77 56.18 3.41
CA ALA D 73 -6.09 56.17 4.69
C ALA D 73 -4.58 56.15 4.53
N LEU D 74 -4.08 55.14 3.83
CA LEU D 74 -2.64 54.97 3.63
C LEU D 74 -2.05 56.00 2.64
N ILE D 75 -2.88 56.60 1.78
CA ILE D 75 -2.41 57.76 1.00
C ILE D 75 -1.99 58.85 1.98
N GLN D 76 -2.86 59.15 2.94
CA GLN D 76 -2.65 60.24 3.92
C GLN D 76 -1.38 60.04 4.75
N ASP D 77 -1.03 58.79 5.04
CA ASP D 77 0.26 58.49 5.68
C ASP D 77 1.43 59.02 4.81
N GLN D 78 1.39 58.69 3.52
CA GLN D 78 2.47 59.05 2.59
C GLN D 78 2.50 60.54 2.24
N VAL D 79 1.31 61.11 2.00
CA VAL D 79 1.14 62.55 1.73
C VAL D 79 1.70 63.37 2.89
N ASP D 80 1.21 63.11 4.11
CA ASP D 80 1.70 63.81 5.31
C ASP D 80 3.22 63.79 5.33
N HIS D 81 3.78 62.58 5.20
CA HIS D 81 5.23 62.40 5.18
C HIS D 81 5.90 63.30 4.13
N LEU D 82 5.43 63.22 2.89
CA LEU D 82 6.00 64.02 1.79
C LEU D 82 5.80 65.54 1.92
N LEU D 83 4.72 65.97 2.57
CA LEU D 83 4.48 67.40 2.80
C LEU D 83 5.57 67.96 3.71
N THR D 84 5.94 67.21 4.75
CA THR D 84 6.99 67.63 5.67
C THR D 84 8.39 67.67 5.04
N LEU D 85 8.56 67.14 3.83
CA LEU D 85 9.80 67.30 3.06
C LEU D 85 9.70 68.38 1.96
N LYS D 86 8.79 69.35 2.12
CA LYS D 86 8.58 70.44 1.14
C LYS D 86 8.37 70.00 -0.34
N VAL D 87 7.67 68.87 -0.53
CA VAL D 87 7.37 68.28 -1.85
C VAL D 87 5.90 68.57 -2.27
N ARG D 88 5.71 69.10 -3.47
CA ARG D 88 4.36 69.31 -4.00
C ARG D 88 3.68 67.97 -4.33
N VAL D 89 2.88 67.50 -3.37
CA VAL D 89 2.13 66.26 -3.47
C VAL D 89 0.64 66.58 -3.26
N SER D 90 -0.23 65.92 -4.03
CA SER D 90 -1.70 66.01 -3.81
C SER D 90 -2.26 64.59 -3.79
N SER D 91 -3.57 64.51 -3.57
CA SER D 91 -4.30 63.25 -3.69
C SER D 91 -5.71 63.50 -4.21
N LEU D 92 -6.17 62.65 -5.13
CA LEU D 92 -7.50 62.77 -5.72
C LEU D 92 -8.32 61.54 -5.35
N ASN D 93 -9.51 61.75 -4.81
CA ASN D 93 -10.37 60.64 -4.36
C ASN D 93 -11.86 61.01 -4.36
N SER D 94 -12.72 60.05 -4.02
CA SER D 94 -14.15 60.29 -3.85
C SER D 94 -14.42 61.42 -2.83
N LYS D 95 -13.95 61.25 -1.60
CA LYS D 95 -14.14 62.23 -0.51
C LYS D 95 -13.23 63.45 -0.68
N LEU D 96 -13.46 64.23 -1.74
CA LEU D 96 -12.72 65.46 -2.03
C LEU D 96 -13.77 66.40 -2.55
N SER D 97 -13.83 67.62 -2.03
CA SER D 97 -14.85 68.58 -2.48
C SER D 97 -14.67 68.91 -3.96
N ALA D 98 -15.79 69.15 -4.65
CA ALA D 98 -15.78 69.53 -6.08
C ALA D 98 -14.96 70.79 -6.41
N GLN D 99 -14.86 71.72 -5.44
CA GLN D 99 -14.00 72.90 -5.54
C GLN D 99 -12.53 72.49 -5.61
N GLU D 100 -12.11 71.61 -4.69
CA GLU D 100 -10.70 71.19 -4.61
C GLU D 100 -10.30 70.29 -5.80
N ARG D 101 -11.30 69.59 -6.36
CA ARG D 101 -11.15 68.85 -7.62
C ARG D 101 -10.74 69.77 -8.79
N LYS D 102 -11.43 70.91 -8.91
CA LYS D 102 -11.21 71.88 -9.99
C LYS D 102 -9.82 72.52 -9.93
N GLU D 103 -9.36 72.87 -8.73
CA GLU D 103 -8.02 73.45 -8.56
C GLU D 103 -6.91 72.49 -8.99
N LEU D 104 -7.12 71.21 -8.75
CA LEU D 104 -6.20 70.17 -9.19
C LEU D 104 -6.21 70.02 -10.70
N LEU D 105 -7.41 69.94 -11.28
CA LEU D 105 -7.53 69.77 -12.75
C LEU D 105 -7.07 70.99 -13.54
N ALA D 106 -7.19 72.18 -12.93
CA ALA D 106 -6.68 73.42 -13.52
C ALA D 106 -5.15 73.46 -13.43
N ASP D 107 -4.61 72.99 -12.31
CA ASP D 107 -3.16 72.83 -12.19
C ASP D 107 -2.59 71.88 -13.25
N LEU D 108 -3.25 70.75 -13.49
CA LEU D 108 -2.76 69.78 -14.46
C LEU D 108 -2.96 70.23 -15.91
N GLU D 109 -3.92 71.15 -16.14
CA GLU D 109 -4.13 71.79 -17.46
C GLU D 109 -3.21 73.01 -17.70
N ARG D 110 -2.43 73.36 -16.70
CA ARG D 110 -1.42 74.40 -16.81
C ARG D 110 -0.22 73.86 -17.60
N GLU D 111 0.43 74.73 -18.37
CA GLU D 111 1.74 74.44 -18.96
C GLU D 111 2.74 74.52 -17.80
N LYS D 112 3.51 73.45 -17.60
CA LYS D 112 4.26 73.22 -16.35
C LYS D 112 3.35 73.26 -15.12
N PRO D 113 2.62 72.14 -14.85
CA PRO D 113 1.87 72.00 -13.60
C PRO D 113 2.79 72.00 -12.38
N GLN D 114 2.30 72.56 -11.28
CA GLN D 114 3.04 72.62 -10.01
C GLN D 114 3.06 71.30 -9.26
N THR D 115 1.92 70.59 -9.27
CA THR D 115 1.81 69.24 -8.71
C THR D 115 2.90 68.30 -9.28
N LYS D 116 3.53 67.54 -8.38
CA LYS D 116 4.67 66.67 -8.73
C LYS D 116 4.36 65.18 -8.53
N ILE D 117 3.72 64.85 -7.38
CA ILE D 117 3.25 63.50 -7.10
C ILE D 117 1.71 63.52 -6.87
N LEU D 118 0.96 62.77 -7.66
CA LEU D 118 -0.48 62.68 -7.49
C LEU D 118 -0.90 61.29 -7.06
N TYR D 119 -1.29 61.15 -5.79
CA TYR D 119 -1.85 59.92 -5.26
C TYR D 119 -3.33 59.87 -5.58
N ILE D 120 -3.81 58.69 -6.01
CA ILE D 120 -5.16 58.56 -6.54
C ILE D 120 -5.69 57.14 -6.29
N THR D 121 -7.00 56.98 -6.17
CA THR D 121 -7.61 55.65 -6.02
C THR D 121 -7.97 55.06 -7.39
N PRO D 122 -8.03 53.72 -7.51
CA PRO D 122 -8.26 53.11 -8.82
C PRO D 122 -9.63 53.42 -9.43
N GLU D 123 -10.62 53.74 -8.59
CA GLU D 123 -11.94 54.13 -9.09
C GLU D 123 -11.93 55.52 -9.73
N MET D 124 -11.10 56.43 -9.21
CA MET D 124 -10.92 57.76 -9.81
C MET D 124 -9.95 57.74 -10.98
N ALA D 125 -8.95 56.86 -10.94
CA ALA D 125 -7.98 56.73 -12.03
C ALA D 125 -8.57 56.13 -13.32
N ALA D 126 -9.47 55.15 -13.18
CA ALA D 126 -10.16 54.53 -14.31
C ALA D 126 -11.50 55.18 -14.71
N SER D 127 -11.88 56.27 -14.03
CA SER D 127 -13.13 57.00 -14.32
C SER D 127 -13.11 57.61 -15.72
N SER D 128 -14.25 57.59 -16.40
CA SER D 128 -14.37 58.35 -17.65
C SER D 128 -14.07 59.85 -17.44
N SER D 129 -14.39 60.39 -16.28
CA SER D 129 -14.15 61.82 -16.00
C SER D 129 -12.68 62.24 -15.91
N PHE D 130 -11.76 61.32 -15.69
CA PHE D 130 -10.32 61.62 -15.59
C PHE D 130 -9.58 61.50 -16.92
N GLN D 131 -10.16 60.83 -17.92
CA GLN D 131 -9.42 60.49 -19.15
C GLN D 131 -9.07 61.67 -20.06
N PRO D 132 -9.89 62.75 -20.09
CA PRO D 132 -9.45 63.94 -20.84
C PRO D 132 -8.15 64.56 -20.27
N THR D 133 -8.10 64.71 -18.95
CA THR D 133 -6.89 65.16 -18.24
C THR D 133 -5.70 64.28 -18.55
N LEU D 134 -5.88 62.97 -18.43
CA LEU D 134 -4.80 62.00 -18.66
C LEU D 134 -4.26 62.08 -20.09
N ASN D 135 -5.15 62.25 -21.07
CA ASN D 135 -4.74 62.38 -22.49
C ASN D 135 -3.99 63.70 -22.73
N SER D 136 -4.48 64.78 -22.09
CA SER D 136 -3.79 66.09 -22.04
C SER D 136 -2.32 66.00 -21.57
N LEU D 137 -2.09 65.33 -20.44
CA LEU D 137 -0.75 65.09 -19.90
C LEU D 137 0.16 64.36 -20.90
N VAL D 138 -0.42 63.38 -21.60
CA VAL D 138 0.34 62.52 -22.53
C VAL D 138 0.69 63.25 -23.84
N SER D 139 -0.25 64.06 -24.36
CA SER D 139 -0.03 64.84 -25.60
C SER D 139 1.10 65.83 -25.46
N ARG D 140 1.20 66.45 -24.28
CA ARG D 140 2.26 67.41 -23.97
C ARG D 140 3.56 66.79 -23.39
N HIS D 141 3.59 65.46 -23.22
CA HIS D 141 4.77 64.73 -22.68
C HIS D 141 5.10 65.18 -21.24
N LEU D 142 4.07 65.26 -20.41
CA LEU D 142 4.19 65.59 -18.99
C LEU D 142 3.98 64.39 -18.05
N LEU D 143 3.75 63.19 -18.57
CA LEU D 143 3.63 62.00 -17.72
C LEU D 143 4.99 61.34 -17.62
N SER D 144 5.53 61.33 -16.41
CA SER D 144 6.83 60.72 -16.17
C SER D 144 6.72 59.23 -15.84
N TYR D 145 5.80 58.88 -14.93
CA TYR D 145 5.64 57.51 -14.42
C TYR D 145 4.20 57.19 -14.08
N LEU D 146 3.78 55.95 -14.34
CA LEU D 146 2.59 55.36 -13.72
C LEU D 146 2.99 54.33 -12.66
N VAL D 147 2.69 54.61 -11.38
CA VAL D 147 3.02 53.70 -10.27
C VAL D 147 1.78 53.05 -9.69
N VAL D 148 1.85 51.73 -9.48
CA VAL D 148 0.78 50.97 -8.81
C VAL D 148 1.32 50.25 -7.56
N ASP D 149 0.98 50.80 -6.40
CA ASP D 149 1.38 50.26 -5.09
C ASP D 149 0.40 49.18 -4.66
N GLU D 150 0.87 48.26 -3.83
CA GLU D 150 0.08 47.10 -3.42
C GLU D 150 -0.47 46.31 -4.64
N ALA D 151 0.41 46.04 -5.61
CA ALA D 151 0.02 45.42 -6.89
C ALA D 151 -0.64 44.04 -6.75
N HIS D 152 -0.33 43.31 -5.68
CA HIS D 152 -1.02 42.07 -5.32
C HIS D 152 -2.56 42.16 -5.28
N CYS D 153 -3.12 43.35 -5.10
CA CYS D 153 -4.57 43.54 -5.14
C CYS D 153 -5.27 43.13 -6.46
N VAL D 154 -4.50 42.98 -7.53
CA VAL D 154 -5.03 42.48 -8.80
C VAL D 154 -5.44 41.02 -8.71
N SER D 155 -4.77 40.25 -7.84
CA SER D 155 -4.80 38.78 -7.89
C SER D 155 -5.79 38.19 -6.91
N GLN D 156 -6.71 37.38 -7.40
CA GLN D 156 -7.59 36.57 -6.54
C GLN D 156 -6.81 35.51 -5.70
N TRP D 157 -5.57 35.20 -6.11
CA TRP D 157 -4.66 34.30 -5.35
C TRP D 157 -3.86 34.98 -4.23
N GLY D 158 -4.01 36.30 -4.09
CA GLY D 158 -3.37 37.04 -3.02
C GLY D 158 -4.28 37.21 -1.82
N HIS D 159 -3.83 38.00 -0.86
CA HIS D 159 -4.47 38.08 0.44
C HIS D 159 -5.61 39.14 0.49
N ASP D 160 -5.62 40.05 -0.49
CA ASP D 160 -6.53 41.22 -0.52
C ASP D 160 -6.95 41.53 -1.96
N PHE D 161 -7.81 40.69 -2.51
CA PHE D 161 -8.29 40.88 -3.87
C PHE D 161 -9.24 42.10 -3.96
N ARG D 162 -8.95 43.01 -4.87
CA ARG D 162 -9.82 44.18 -5.16
C ARG D 162 -10.15 44.25 -6.66
N PRO D 163 -11.42 44.12 -7.03
CA PRO D 163 -11.77 44.11 -8.47
C PRO D 163 -11.53 45.44 -9.23
N ASP D 164 -11.54 46.56 -8.50
CA ASP D 164 -11.06 47.87 -8.98
C ASP D 164 -9.72 47.82 -9.72
N TYR D 165 -8.79 47.04 -9.18
CA TYR D 165 -7.43 46.92 -9.72
C TYR D 165 -7.36 46.30 -11.11
N LEU D 166 -8.37 45.51 -11.49
CA LEU D 166 -8.44 44.95 -12.83
C LEU D 166 -8.67 45.99 -13.93
N ARG D 167 -9.26 47.13 -13.55
CA ARG D 167 -9.48 48.22 -14.50
C ARG D 167 -8.18 48.86 -14.98
N LEU D 168 -7.11 48.74 -14.19
CA LEU D 168 -5.88 49.49 -14.39
C LEU D 168 -5.13 49.16 -15.69
N GLY D 169 -5.37 47.96 -16.24
CA GLY D 169 -4.63 47.46 -17.39
C GLY D 169 -4.88 48.29 -18.63
N ALA D 170 -6.14 48.36 -19.08
CA ALA D 170 -6.50 49.15 -20.27
C ALA D 170 -6.04 50.61 -20.13
N LEU D 171 -6.06 51.09 -18.89
CA LEU D 171 -5.54 52.40 -18.57
C LEU D 171 -4.08 52.46 -18.93
N ARG D 172 -3.31 51.50 -18.42
CA ARG D 172 -1.85 51.48 -18.66
C ARG D 172 -1.47 51.33 -20.13
N SER D 173 -2.34 50.69 -20.90
CA SER D 173 -2.12 50.52 -22.34
C SER D 173 -2.21 51.83 -23.15
N ARG D 174 -2.86 52.85 -22.61
CA ARG D 174 -2.92 54.17 -23.27
C ARG D 174 -1.81 55.15 -22.85
N LEU D 175 -0.88 54.67 -22.03
CA LEU D 175 0.26 55.44 -21.53
C LEU D 175 1.59 54.76 -21.90
N GLY D 176 1.65 54.11 -23.08
CA GLY D 176 2.79 53.28 -23.50
C GLY D 176 4.16 53.97 -23.50
N HIS D 177 4.19 55.24 -23.87
CA HIS D 177 5.42 56.07 -23.82
C HIS D 177 6.10 56.17 -22.43
N ALA D 178 5.31 56.13 -21.35
CA ALA D 178 5.79 56.30 -19.97
C ALA D 178 5.78 54.94 -19.29
N PRO D 179 6.73 54.71 -18.40
CA PRO D 179 6.89 53.40 -17.78
C PRO D 179 5.97 53.19 -16.58
N CYS D 180 5.59 51.93 -16.35
CA CYS D 180 4.81 51.57 -15.18
C CYS D 180 5.69 50.87 -14.13
N VAL D 181 5.49 51.21 -12.84
CA VAL D 181 6.20 50.60 -11.70
C VAL D 181 5.19 49.93 -10.76
N ALA D 182 5.37 48.63 -10.51
CA ALA D 182 4.48 47.86 -9.63
C ALA D 182 5.27 47.40 -8.41
N LEU D 183 4.65 47.44 -7.23
CA LEU D 183 5.36 47.15 -5.98
C LEU D 183 4.52 46.30 -5.05
N THR D 184 5.14 45.29 -4.45
CA THR D 184 4.44 44.40 -3.51
C THR D 184 5.40 43.70 -2.51
N ALA D 185 4.82 43.08 -1.47
CA ALA D 185 5.50 42.12 -0.57
C ALA D 185 5.20 40.62 -0.89
N THR D 186 4.10 40.34 -1.57
CA THR D 186 3.70 38.96 -1.84
C THR D 186 4.59 38.35 -2.90
N ALA D 187 5.22 37.23 -2.58
CA ALA D 187 6.38 36.74 -3.34
C ALA D 187 6.17 35.42 -4.10
N THR D 188 4.96 34.89 -4.08
CA THR D 188 4.61 33.70 -4.84
C THR D 188 4.59 33.99 -6.37
N PRO D 189 4.84 32.95 -7.22
CA PRO D 189 4.89 33.17 -8.69
C PRO D 189 3.53 33.44 -9.37
N GLN D 190 2.45 32.89 -8.84
CA GLN D 190 1.12 33.11 -9.40
C GLN D 190 0.67 34.55 -9.28
N VAL D 191 1.07 35.25 -8.21
CA VAL D 191 0.74 36.68 -8.05
C VAL D 191 1.61 37.49 -8.99
N GLN D 192 2.89 37.15 -9.10
CA GLN D 192 3.77 37.77 -10.08
C GLN D 192 3.18 37.68 -11.52
N GLU D 193 2.59 36.53 -11.86
CA GLU D 193 2.02 36.32 -13.19
C GLU D 193 0.80 37.22 -13.36
N ASP D 194 -0.06 37.18 -12.35
CA ASP D 194 -1.24 38.04 -12.29
C ASP D 194 -0.89 39.51 -12.43
N VAL D 195 0.13 39.99 -11.71
CA VAL D 195 0.54 41.39 -11.78
C VAL D 195 1.01 41.77 -13.19
N PHE D 196 1.82 40.92 -13.82
CA PHE D 196 2.35 41.21 -15.18
C PHE D 196 1.18 41.35 -16.17
N ALA D 197 0.23 40.42 -16.10
CA ALA D 197 -0.86 40.34 -17.06
C ALA D 197 -1.92 41.40 -16.81
N ALA D 198 -2.37 41.53 -15.57
CA ALA D 198 -3.40 42.51 -15.21
C ALA D 198 -3.00 43.94 -15.52
N LEU D 199 -1.74 44.28 -15.26
CA LEU D 199 -1.18 45.62 -15.59
C LEU D 199 -0.60 45.80 -17.02
N HIS D 200 -0.69 44.80 -17.89
CA HIS D 200 -0.22 44.91 -19.28
C HIS D 200 1.24 45.35 -19.33
N LEU D 201 2.08 44.85 -18.41
CA LEU D 201 3.47 45.30 -18.33
C LEU D 201 4.24 44.92 -19.57
N LYS D 202 5.11 45.83 -20.01
CA LYS D 202 5.84 45.67 -21.28
C LYS D 202 7.14 44.91 -21.06
N LYS D 203 7.45 44.00 -21.98
CA LYS D 203 8.54 43.05 -21.78
C LYS D 203 9.94 43.65 -21.88
N PRO D 204 10.94 42.77 -21.88
CA PRO D 204 11.50 42.50 -20.53
C PRO D 204 11.17 43.48 -19.40
N VAL D 205 10.44 42.98 -18.41
CA VAL D 205 10.26 43.68 -17.14
C VAL D 205 11.59 43.57 -16.40
N ALA D 206 11.96 44.61 -15.64
CA ALA D 206 13.15 44.60 -14.80
C ALA D 206 12.66 44.24 -13.44
N ILE D 207 13.17 43.14 -12.88
CA ILE D 207 12.69 42.60 -11.64
C ILE D 207 13.71 42.75 -10.54
N PHE D 208 13.23 43.16 -9.36
CA PHE D 208 14.06 43.37 -8.18
C PHE D 208 13.36 42.68 -7.03
N LYS D 209 13.89 41.52 -6.64
CA LYS D 209 13.21 40.61 -5.73
C LYS D 209 14.15 40.22 -4.60
N THR D 210 13.65 40.28 -3.37
CA THR D 210 14.45 39.87 -2.23
C THR D 210 14.60 38.33 -2.26
N PRO D 211 15.86 37.85 -2.26
CA PRO D 211 16.12 36.39 -2.25
C PRO D 211 15.73 35.75 -0.91
N CYS D 212 15.24 34.51 -0.93
CA CYS D 212 14.95 33.78 0.32
C CYS D 212 16.07 32.83 0.81
N PHE D 213 17.06 32.52 -0.02
CA PHE D 213 18.07 31.57 0.39
C PHE D 213 19.04 32.11 1.45
N ARG D 214 19.22 31.34 2.52
CA ARG D 214 20.08 31.72 3.66
C ARG D 214 20.87 30.46 4.01
N ALA D 215 22.10 30.40 3.51
CA ALA D 215 22.99 29.22 3.66
C ALA D 215 23.29 28.77 5.10
N ASN D 216 23.23 29.67 6.10
CA ASN D 216 23.54 29.29 7.50
C ASN D 216 22.45 28.51 8.25
N LEU D 217 21.38 28.09 7.56
CA LEU D 217 20.30 27.31 8.16
C LEU D 217 20.29 25.92 7.55
N PHE D 218 20.37 24.91 8.42
CA PHE D 218 20.38 23.53 7.99
C PHE D 218 18.99 22.90 8.18
N TYR D 219 18.39 22.45 7.08
CA TYR D 219 17.04 21.91 7.05
C TYR D 219 17.08 20.38 6.89
N ASP D 220 16.31 19.67 7.72
CA ASP D 220 16.07 18.22 7.52
C ASP D 220 14.67 17.80 7.94
N VAL D 221 14.25 16.61 7.52
CA VAL D 221 12.92 16.11 7.84
C VAL D 221 12.99 14.69 8.40
N GLN D 222 12.48 14.47 9.60
CA GLN D 222 12.53 13.17 10.25
C GLN D 222 11.16 12.61 10.39
N PHE D 223 11.02 11.33 10.07
CA PHE D 223 9.73 10.66 10.18
C PHE D 223 9.48 10.02 11.54
N LYS D 224 8.44 10.50 12.24
CA LYS D 224 7.99 9.93 13.56
C LYS D 224 7.61 8.44 13.56
N GLU D 225 7.28 7.91 12.39
CA GLU D 225 6.98 6.52 12.21
C GLU D 225 8.21 5.64 12.34
N LEU D 226 9.40 6.21 12.20
CA LEU D 226 10.66 5.49 12.32
C LEU D 226 11.41 5.79 13.65
N ILE D 227 10.76 6.44 14.62
CA ILE D 227 11.49 6.85 15.80
C ILE D 227 10.91 6.22 17.05
N SER D 228 11.59 5.22 17.58
CA SER D 228 11.16 4.49 18.79
C SER D 228 11.34 5.30 20.09
N ASP D 229 12.19 6.33 20.04
CA ASP D 229 12.48 7.21 21.21
C ASP D 229 12.40 8.69 20.78
N PRO D 230 11.17 9.21 20.62
CA PRO D 230 10.95 10.60 20.18
C PRO D 230 11.60 11.67 21.08
N TYR D 231 11.28 11.64 22.38
CA TYR D 231 11.79 12.66 23.32
C TYR D 231 13.30 12.63 23.41
N GLY D 232 13.87 11.44 23.25
CA GLY D 232 15.29 11.34 23.14
C GLY D 232 15.87 11.98 21.91
N ASN D 233 15.28 11.70 20.76
CA ASN D 233 15.65 12.34 19.47
C ASN D 233 15.58 13.88 19.53
N LEU D 234 14.46 14.40 20.01
CA LEU D 234 14.32 15.84 20.30
C LEU D 234 15.41 16.39 21.25
N LYS D 235 15.61 15.73 22.38
CA LYS D 235 16.64 16.10 23.33
C LYS D 235 18.02 16.18 22.66
N ASP D 236 18.41 15.16 21.88
CA ASP D 236 19.72 15.20 21.20
C ASP D 236 19.86 16.41 20.28
N PHE D 237 18.84 16.60 19.44
CA PHE D 237 18.77 17.69 18.48
C PHE D 237 18.95 19.07 19.13
N CYS D 238 18.24 19.36 20.23
CA CYS D 238 18.35 20.67 20.93
C CYS D 238 19.76 20.91 21.56
N LEU D 239 20.28 19.88 22.25
CA LEU D 239 21.58 19.99 22.93
C LEU D 239 22.76 20.13 21.97
N LYS D 240 22.73 19.41 20.86
CA LYS D 240 23.76 19.58 19.81
C LYS D 240 23.75 21.03 19.28
N ALA D 241 22.56 21.57 19.01
CA ALA D 241 22.44 22.93 18.48
C ALA D 241 22.83 24.00 19.50
N LEU D 242 22.62 23.71 20.78
CA LEU D 242 23.08 24.56 21.86
C LEU D 242 24.57 24.35 22.24
N GLY D 243 25.33 23.56 21.47
CA GLY D 243 26.78 23.41 21.64
C GLY D 243 27.55 24.63 21.12
N LEU D 250 26.35 25.62 27.51
CA LEU D 250 25.42 25.84 26.42
C LEU D 250 25.57 27.28 25.88
N SER D 251 24.86 27.62 24.80
CA SER D 251 24.94 28.95 24.19
C SER D 251 23.84 29.20 23.15
N GLY D 252 23.09 30.30 23.32
CA GLY D 252 21.97 30.64 22.43
C GLY D 252 20.65 30.10 22.94
N CYS D 253 19.64 30.07 22.07
CA CYS D 253 18.28 29.63 22.41
C CYS D 253 17.63 28.84 21.27
N GLY D 254 16.45 28.29 21.53
CA GLY D 254 15.68 27.60 20.49
C GLY D 254 14.18 27.58 20.72
N ILE D 255 13.42 27.23 19.67
CA ILE D 255 11.97 27.15 19.71
C ILE D 255 11.51 25.78 19.24
N VAL D 256 10.49 25.24 19.88
CA VAL D 256 9.83 24.05 19.44
C VAL D 256 8.36 24.40 19.16
N TYR D 257 7.87 24.13 17.95
CA TYR D 257 6.51 24.51 17.57
C TYR D 257 5.56 23.29 17.51
N CYS D 258 4.36 23.43 18.08
CA CYS D 258 3.36 22.38 18.03
C CYS D 258 1.94 22.91 17.87
N ARG D 259 1.02 21.98 17.61
CA ARG D 259 -0.35 22.32 17.30
C ARG D 259 -1.20 22.55 18.54
N THR D 260 -1.37 21.53 19.39
CA THR D 260 -2.26 21.62 20.56
C THR D 260 -1.54 22.04 21.85
N ARG D 261 -2.35 22.55 22.78
CA ARG D 261 -1.92 22.93 24.14
C ARG D 261 -1.40 21.73 24.91
N GLU D 262 -2.09 20.59 24.75
CA GLU D 262 -1.77 19.37 25.49
C GLU D 262 -0.34 18.91 25.16
N ALA D 263 -0.05 18.81 23.85
CA ALA D 263 1.30 18.54 23.32
C ALA D 263 2.30 19.57 23.85
N CYS D 264 1.92 20.85 23.80
CA CYS D 264 2.79 21.91 24.24
C CYS D 264 3.22 21.72 25.68
N GLU D 265 2.30 21.29 26.53
CA GLU D 265 2.62 21.19 27.96
C GLU D 265 3.47 19.95 28.19
N GLN D 266 3.03 18.84 27.60
CA GLN D 266 3.75 17.56 27.67
C GLN D 266 5.21 17.67 27.19
N LEU D 267 5.41 18.32 26.04
CA LEU D 267 6.75 18.52 25.46
C LEU D 267 7.65 19.34 26.33
N ALA D 268 7.12 20.39 26.92
CA ALA D 268 7.85 21.12 27.93
C ALA D 268 8.38 20.16 29.01
N ILE D 269 7.49 19.37 29.62
CA ILE D 269 7.86 18.48 30.72
C ILE D 269 8.94 17.48 30.26
N GLU D 270 8.65 16.75 29.18
CA GLU D 270 9.52 15.65 28.73
C GLU D 270 10.89 16.15 28.30
N LEU D 271 10.99 17.42 27.90
CA LEU D 271 12.31 18.04 27.68
C LEU D 271 13.02 18.37 28.99
N SER D 272 12.33 19.08 29.89
CA SER D 272 12.93 19.55 31.15
C SER D 272 13.53 18.38 31.92
N CYS D 273 12.75 17.32 32.10
CA CYS D 273 13.17 16.20 32.92
C CYS D 273 14.33 15.39 32.33
N ARG D 274 14.69 15.64 31.08
CA ARG D 274 15.95 15.11 30.55
C ARG D 274 16.91 16.20 30.08
N GLY D 275 17.02 17.25 30.89
CA GLY D 275 18.17 18.14 30.84
C GLY D 275 18.18 19.25 29.79
N VAL D 276 17.02 19.69 29.35
CA VAL D 276 16.92 20.91 28.54
C VAL D 276 15.77 21.69 29.12
N ASN D 277 16.10 22.73 29.89
CA ASN D 277 15.08 23.52 30.57
C ASN D 277 14.24 24.23 29.52
N ALA D 278 12.93 24.00 29.57
CA ALA D 278 11.98 24.42 28.55
C ALA D 278 10.62 24.75 29.16
N LYS D 279 10.01 25.85 28.73
CA LYS D 279 8.69 26.27 29.26
C LYS D 279 7.61 26.36 28.14
N ALA D 280 6.37 26.01 28.51
CA ALA D 280 5.21 26.10 27.63
C ALA D 280 4.75 27.55 27.31
N TYR D 281 3.91 27.69 26.28
CA TYR D 281 3.49 29.01 25.79
C TYR D 281 2.35 28.84 24.80
N HIS D 282 1.11 29.00 25.25
CA HIS D 282 -0.06 28.85 24.40
C HIS D 282 -1.15 29.86 24.74
N ALA D 283 -2.18 29.94 23.90
CA ALA D 283 -3.31 30.84 24.15
C ALA D 283 -4.10 30.46 25.43
N GLY D 284 -4.10 29.18 25.79
CA GLY D 284 -4.76 28.71 27.02
C GLY D 284 -4.13 29.11 28.36
N LEU D 285 -2.95 29.74 28.34
CA LEU D 285 -2.29 30.22 29.56
C LEU D 285 -2.85 31.57 29.91
N LYS D 286 -3.00 31.85 31.21
CA LYS D 286 -3.38 33.20 31.69
C LYS D 286 -2.44 34.28 31.16
N ALA D 287 -3.01 35.45 30.83
CA ALA D 287 -2.30 36.56 30.15
C ALA D 287 -1.09 37.18 30.89
N SER D 288 -1.13 37.19 32.22
CA SER D 288 0.01 37.60 33.05
C SER D 288 1.16 36.59 32.94
N GLU D 289 0.80 35.31 33.01
CA GLU D 289 1.74 34.18 32.83
C GLU D 289 2.37 34.07 31.44
N ARG D 290 1.65 34.52 30.42
CA ARG D 290 2.12 34.44 29.05
C ARG D 290 3.33 35.33 28.87
N THR D 291 3.20 36.60 29.28
CA THR D 291 4.32 37.55 29.16
C THR D 291 5.54 37.10 29.99
N LEU D 292 5.26 36.63 31.20
CA LEU D 292 6.27 36.06 32.10
C LEU D 292 7.18 35.02 31.39
N VAL D 293 6.58 34.12 30.60
CA VAL D 293 7.36 33.12 29.85
C VAL D 293 8.12 33.75 28.68
N GLN D 294 7.53 34.78 28.06
CA GLN D 294 8.21 35.55 27.01
C GLN D 294 9.48 36.22 27.51
N ASN D 295 9.36 36.93 28.63
CA ASN D 295 10.52 37.59 29.28
C ASN D 295 11.54 36.58 29.81
N ASP D 296 11.06 35.48 30.38
CA ASP D 296 11.93 34.36 30.75
C ASP D 296 12.82 33.88 29.58
N TRP D 297 12.25 33.78 28.37
CA TRP D 297 13.00 33.35 27.16
C TRP D 297 13.83 34.47 26.55
N MET D 298 13.36 35.71 26.68
CA MET D 298 14.03 36.87 26.05
C MET D 298 15.36 37.21 26.73
N GLU D 299 15.35 37.37 28.06
CA GLU D 299 16.61 37.63 28.82
C GLU D 299 17.35 36.33 29.25
N GLU D 300 17.01 35.20 28.62
CA GLU D 300 17.79 33.95 28.61
C GLU D 300 17.77 33.21 29.96
N LYS D 301 16.70 33.29 30.73
CA LYS D 301 16.56 32.47 31.93
C LYS D 301 16.37 30.98 31.54
N VAL D 302 15.32 30.72 30.75
CA VAL D 302 14.98 29.40 30.23
C VAL D 302 15.35 29.41 28.73
N PRO D 303 16.29 28.54 28.29
CA PRO D 303 16.81 28.62 26.90
C PRO D 303 15.86 28.14 25.76
N VAL D 304 14.86 27.31 26.08
CA VAL D 304 14.00 26.73 25.07
C VAL D 304 12.51 26.98 25.37
N ILE D 305 11.79 27.46 24.35
CA ILE D 305 10.36 27.77 24.48
C ILE D 305 9.54 26.84 23.57
N VAL D 306 8.41 26.33 24.07
CA VAL D 306 7.54 25.41 23.37
C VAL D 306 6.17 26.08 23.15
N ALA D 307 5.80 26.25 21.89
CA ALA D 307 4.86 27.29 21.45
C ALA D 307 3.80 26.82 20.45
N THR D 308 2.56 27.21 20.73
CA THR D 308 1.41 27.05 19.81
C THR D 308 1.27 28.21 18.82
N ILE D 309 1.66 29.41 19.24
CA ILE D 309 1.44 30.66 18.50
C ILE D 309 2.66 31.57 18.71
N SER D 310 2.77 32.62 17.90
CA SER D 310 3.93 33.52 17.92
C SER D 310 3.83 34.65 18.94
N PHE D 311 4.94 35.33 19.14
CA PHE D 311 4.93 36.55 19.92
C PHE D 311 4.08 37.56 19.16
N GLY D 312 3.45 38.48 19.90
CA GLY D 312 2.66 39.58 19.34
C GLY D 312 3.48 40.55 18.48
N MET D 313 4.38 41.29 19.13
CA MET D 313 5.31 42.20 18.42
C MET D 313 6.45 42.62 19.36
N GLY D 314 7.65 42.09 19.09
CA GLY D 314 8.88 42.51 19.74
C GLY D 314 10.04 42.65 18.75
N VAL D 315 11.21 42.94 19.30
CA VAL D 315 12.46 42.71 18.56
C VAL D 315 12.60 41.19 18.43
N ASP D 316 12.97 40.77 17.24
CA ASP D 316 13.16 39.37 16.95
C ASP D 316 14.56 39.00 17.42
N LYS D 317 14.62 38.04 18.34
CA LYS D 317 15.85 37.51 18.92
C LYS D 317 16.86 37.03 17.86
N ALA D 318 18.15 37.31 18.08
CA ALA D 318 19.18 37.14 17.03
C ALA D 318 19.98 35.85 17.08
N ASN D 319 19.81 35.05 18.14
CA ASN D 319 20.64 33.86 18.38
C ASN D 319 19.78 32.61 18.65
N VAL D 320 18.76 32.41 17.82
CA VAL D 320 17.98 31.17 17.85
C VAL D 320 18.77 30.09 17.09
N ARG D 321 19.43 29.21 17.84
CA ARG D 321 20.26 28.18 17.25
C ARG D 321 19.42 27.08 16.58
N PHE D 322 18.19 26.82 17.04
CA PHE D 322 17.34 25.85 16.36
C PHE D 322 15.86 26.21 16.34
N VAL D 323 15.17 25.65 15.37
CA VAL D 323 13.72 25.63 15.31
C VAL D 323 13.30 24.22 14.93
N ALA D 324 12.56 23.57 15.82
CA ALA D 324 11.99 22.25 15.52
C ALA D 324 10.49 22.38 15.42
N HIS D 325 9.89 21.69 14.45
CA HIS D 325 8.44 21.58 14.41
C HIS D 325 8.05 20.17 14.83
N TRP D 326 7.42 20.05 15.99
CA TRP D 326 6.92 18.76 16.44
C TRP D 326 5.76 18.32 15.58
N ASN D 327 5.02 19.28 14.99
CA ASN D 327 3.96 18.97 14.02
C ASN D 327 4.08 19.81 12.77
N ILE D 328 3.84 19.22 11.61
CA ILE D 328 3.77 19.98 10.37
C ILE D 328 2.84 21.20 10.54
N ALA D 329 3.29 22.35 10.03
CA ALA D 329 2.55 23.60 10.03
C ALA D 329 1.41 23.60 9.01
N LYS D 330 0.58 24.65 9.07
CA LYS D 330 -0.64 24.78 8.23
C LYS D 330 -0.37 25.19 6.77
N SER D 331 0.81 25.74 6.51
CA SER D 331 1.17 26.15 5.18
C SER D 331 2.68 26.35 5.06
N MET D 332 3.17 26.34 3.81
CA MET D 332 4.57 26.59 3.44
C MET D 332 5.06 27.98 3.88
N ALA D 333 4.23 28.98 3.68
CA ALA D 333 4.53 30.32 4.13
C ALA D 333 4.62 30.34 5.64
N GLY D 334 3.78 29.54 6.31
CA GLY D 334 3.81 29.46 7.76
C GLY D 334 5.14 28.88 8.21
N TYR D 335 5.59 27.83 7.51
CA TYR D 335 6.83 27.13 7.82
C TYR D 335 8.06 27.96 7.56
N TYR D 336 8.06 28.64 6.44
CA TYR D 336 9.13 29.57 6.07
C TYR D 336 9.32 30.63 7.15
N GLN D 337 8.24 31.29 7.52
CA GLN D 337 8.31 32.33 8.54
C GLN D 337 8.69 31.77 9.92
N GLU D 338 8.08 30.64 10.31
CA GLU D 338 8.35 30.04 11.62
C GLU D 338 9.81 29.54 11.73
N SER D 339 10.25 28.72 10.76
CA SER D 339 11.67 28.24 10.70
C SER D 339 12.71 29.34 10.50
N GLY D 340 12.32 30.38 9.77
CA GLY D 340 13.18 31.52 9.48
C GLY D 340 13.48 32.47 10.63
N ARG D 341 12.86 32.26 11.80
CA ARG D 341 13.26 32.95 13.06
C ARG D 341 14.64 32.46 13.57
N ALA D 342 15.08 31.31 13.09
CA ALA D 342 16.42 30.82 13.37
C ALA D 342 17.53 31.64 12.70
N GLY D 343 18.54 31.97 13.50
CA GLY D 343 19.84 32.35 13.03
C GLY D 343 19.96 33.69 12.33
N ARG D 344 19.29 34.72 12.84
CA ARG D 344 19.39 36.05 12.24
C ARG D 344 20.82 36.64 12.31
N ASP D 345 21.56 36.29 13.35
CA ASP D 345 23.00 36.64 13.42
C ASP D 345 23.89 36.05 12.30
N GLY D 346 23.37 35.15 11.47
CA GLY D 346 24.14 34.57 10.37
C GLY D 346 25.05 33.45 10.82
N LYS D 347 24.87 32.96 12.05
CA LYS D 347 25.65 31.82 12.59
C LYS D 347 24.92 30.51 12.29
N PRO D 348 25.67 29.39 12.21
CA PRO D 348 25.02 28.13 11.88
C PRO D 348 23.84 27.83 12.79
N SER D 349 22.68 27.48 12.18
CA SER D 349 21.48 27.07 12.93
C SER D 349 20.90 25.83 12.31
N TRP D 350 19.91 25.23 12.98
CA TRP D 350 19.30 23.99 12.51
C TRP D 350 17.80 24.12 12.52
N CYS D 351 17.15 23.77 11.40
CA CYS D 351 15.68 23.75 11.32
C CYS D 351 15.24 22.32 10.97
N ARG D 352 14.44 21.68 11.83
CA ARG D 352 13.98 20.32 11.57
C ARG D 352 12.48 20.25 11.73
N LEU D 353 11.86 19.49 10.86
CA LEU D 353 10.43 19.27 10.92
C LEU D 353 10.19 17.79 11.18
N TYR D 354 9.38 17.48 12.16
CA TYR D 354 9.06 16.12 12.49
C TYR D 354 7.72 15.80 11.81
N TYR D 355 7.72 14.89 10.84
CA TYR D 355 6.53 14.64 10.01
C TYR D 355 5.93 13.29 10.23
N SER D 356 4.63 13.24 10.25
CA SER D 356 3.95 11.97 10.25
C SER D 356 2.72 12.05 9.41
N ARG D 357 2.30 10.91 8.89
CA ARG D 357 1.10 10.85 8.13
C ARG D 357 -0.18 11.03 8.99
N ASN D 358 -0.12 10.78 10.31
CA ASN D 358 -1.27 11.07 11.19
C ASN D 358 -1.41 12.59 11.38
N ASP D 359 -0.27 13.23 11.63
CA ASP D 359 -0.25 14.69 11.66
C ASP D 359 -0.76 15.29 10.32
N ARG D 360 -0.29 14.80 9.18
CA ARG D 360 -0.84 15.27 7.87
C ARG D 360 -2.37 15.19 7.84
N ASP D 361 -2.91 14.00 8.09
CA ASP D 361 -4.37 13.75 8.14
C ASP D 361 -5.13 14.71 9.09
N GLN D 362 -4.63 14.88 10.31
CA GLN D 362 -5.26 15.79 11.30
C GLN D 362 -5.36 17.25 10.86
N VAL D 363 -4.28 17.78 10.29
CA VAL D 363 -4.20 19.19 9.94
C VAL D 363 -4.99 19.49 8.68
N SER D 364 -4.79 18.69 7.64
CA SER D 364 -5.67 18.72 6.46
C SER D 364 -7.17 18.75 6.84
N PHE D 365 -7.58 17.92 7.80
CA PHE D 365 -8.97 17.86 8.32
C PHE D 365 -9.37 19.21 8.97
N LEU D 366 -8.56 19.72 9.89
CA LEU D 366 -8.85 21.05 10.47
C LEU D 366 -8.94 22.15 9.40
N ILE D 367 -8.10 22.12 8.38
CA ILE D 367 -8.11 23.19 7.41
C ILE D 367 -9.43 23.14 6.64
N ARG D 368 -9.86 21.96 6.21
CA ARG D 368 -11.06 21.85 5.38
C ARG D 368 -12.33 22.23 6.19
N LYS D 369 -12.43 21.74 7.43
CA LYS D 369 -13.42 22.26 8.36
C LYS D 369 -13.48 23.81 8.40
N GLU D 370 -12.33 24.47 8.65
CA GLU D 370 -12.26 25.95 8.68
C GLU D 370 -12.75 26.61 7.38
N VAL D 371 -12.44 26.02 6.23
CA VAL D 371 -12.82 26.58 4.93
C VAL D 371 -14.32 26.40 4.71
N ALA D 372 -14.86 25.27 5.15
CA ALA D 372 -16.31 25.03 5.12
C ALA D 372 -17.15 26.07 5.94
N LYS D 373 -16.68 26.52 7.10
CA LYS D 373 -17.30 27.67 7.79
C LYS D 373 -17.25 28.97 6.97
N LEU D 374 -16.11 29.26 6.33
CA LEU D 374 -15.99 30.46 5.52
C LEU D 374 -16.99 30.40 4.37
N GLN D 375 -17.07 29.24 3.71
CA GLN D 375 -18.01 29.07 2.59
C GLN D 375 -19.48 29.11 3.02
N GLU D 376 -19.75 28.74 4.27
CA GLU D 376 -21.07 28.89 4.88
C GLU D 376 -21.43 30.36 5.12
N LYS D 377 -20.42 31.19 5.40
CA LYS D 377 -20.62 32.62 5.58
C LYS D 377 -20.79 33.32 4.22
N ARG D 378 -19.70 33.57 3.47
CA ARG D 378 -19.75 34.41 2.23
C ARG D 378 -19.72 33.63 0.90
N GLY D 379 -19.88 32.31 0.97
CA GLY D 379 -19.91 31.47 -0.24
C GLY D 379 -18.54 31.08 -0.75
N ASN D 380 -18.51 30.56 -1.95
CA ASN D 380 -17.26 30.19 -2.59
C ASN D 380 -16.41 31.39 -2.96
N LYS D 381 -15.09 31.26 -2.77
CA LYS D 381 -14.08 32.15 -3.34
C LYS D 381 -12.96 31.29 -3.93
N ALA D 382 -12.14 31.89 -4.80
CA ALA D 382 -10.94 31.24 -5.35
C ALA D 382 -9.87 31.01 -4.27
N SER D 383 -9.76 31.90 -3.27
CA SER D 383 -8.82 31.70 -2.17
C SER D 383 -9.03 30.41 -1.35
N ASP D 384 -10.22 29.83 -1.38
CA ASP D 384 -10.47 28.51 -0.73
C ASP D 384 -9.51 27.45 -1.21
N LYS D 385 -9.39 27.35 -2.53
CA LYS D 385 -8.47 26.40 -3.15
C LYS D 385 -7.01 26.73 -2.92
N ALA D 386 -6.71 27.96 -2.54
CA ALA D 386 -5.33 28.37 -2.25
C ALA D 386 -4.85 27.89 -0.84
N THR D 387 -5.76 27.90 0.13
CA THR D 387 -5.53 27.36 1.46
C THR D 387 -5.17 25.85 1.48
N ILE D 388 -5.73 25.07 0.55
CA ILE D 388 -5.56 23.62 0.48
C ILE D 388 -4.25 23.36 -0.21
N MET D 389 -3.99 24.07 -1.31
CA MET D 389 -2.70 23.93 -2.01
C MET D 389 -1.43 24.30 -1.19
N ALA D 390 -1.58 25.30 -0.33
CA ALA D 390 -0.52 25.87 0.49
C ALA D 390 -0.08 24.93 1.60
N PHE D 391 -1.02 24.11 2.12
CA PHE D 391 -0.73 23.01 3.01
C PHE D 391 -0.11 21.86 2.22
N ASP D 392 -0.75 21.47 1.13
CA ASP D 392 -0.25 20.38 0.30
C ASP D 392 1.18 20.62 -0.23
N ALA D 393 1.62 21.86 -0.44
CA ALA D 393 3.02 22.10 -0.85
C ALA D 393 4.04 21.72 0.25
N LEU D 394 3.67 21.91 1.51
CA LEU D 394 4.54 21.56 2.64
C LEU D 394 4.59 20.05 2.86
N VAL D 395 3.49 19.37 2.57
CA VAL D 395 3.37 17.90 2.58
C VAL D 395 4.23 17.33 1.45
N THR D 396 4.15 17.93 0.27
CA THR D 396 5.08 17.59 -0.79
C THR D 396 6.53 17.86 -0.39
N PHE D 397 6.80 18.96 0.32
CA PHE D 397 8.14 19.30 0.83
C PHE D 397 8.68 18.22 1.76
N CYS D 398 7.82 17.63 2.62
CA CYS D 398 8.18 16.50 3.49
C CYS D 398 8.40 15.10 2.83
N GLU D 399 7.66 14.78 1.78
CA GLU D 399 7.70 13.43 1.15
C GLU D 399 8.53 13.34 -0.13
N GLU D 400 9.18 14.43 -0.50
CA GLU D 400 9.94 14.62 -1.75
C GLU D 400 11.39 14.19 -1.60
N LEU D 401 11.94 13.69 -2.69
CA LEU D 401 13.35 13.58 -2.84
C LEU D 401 13.82 14.88 -3.55
N GLY D 402 14.47 15.74 -2.78
CA GLY D 402 15.11 16.93 -3.32
C GLY D 402 15.65 17.86 -2.23
N CYS D 403 16.33 18.91 -2.65
CA CYS D 403 16.95 19.88 -1.74
C CYS D 403 15.88 20.74 -1.07
N ARG D 404 15.97 20.87 0.24
CA ARG D 404 14.95 21.56 1.02
C ARG D 404 14.90 23.04 0.70
N HIS D 405 16.07 23.62 0.56
CA HIS D 405 16.20 25.02 0.23
C HIS D 405 15.58 25.36 -1.16
N ALA D 406 15.86 24.53 -2.15
CA ALA D 406 15.33 24.72 -3.49
C ALA D 406 13.82 24.64 -3.46
N ALA D 407 13.29 23.61 -2.79
CA ALA D 407 11.85 23.48 -2.68
C ALA D 407 11.23 24.76 -2.06
N ILE D 408 11.81 25.29 -0.98
CA ILE D 408 11.29 26.52 -0.37
C ILE D 408 11.38 27.73 -1.34
N ALA D 409 12.48 27.80 -2.09
CA ALA D 409 12.69 28.85 -3.06
C ALA D 409 11.75 28.77 -4.28
N LYS D 410 11.46 27.55 -4.73
CA LYS D 410 10.65 27.33 -5.93
C LYS D 410 9.23 27.68 -5.70
N TYR D 411 8.81 27.52 -4.45
CA TYR D 411 7.51 28.03 -4.00
C TYR D 411 7.41 29.57 -4.03
N PHE D 412 8.51 30.28 -3.78
CA PHE D 412 8.53 31.73 -3.97
C PHE D 412 9.15 32.14 -5.34
N GLY D 413 8.84 31.36 -6.38
CA GLY D 413 9.15 31.70 -7.78
C GLY D 413 10.59 31.78 -8.23
N ASP D 414 11.50 31.17 -7.46
CA ASP D 414 12.93 31.32 -7.63
C ASP D 414 13.57 29.97 -8.01
N ALA D 415 14.35 29.96 -9.09
CA ALA D 415 14.98 28.75 -9.64
C ALA D 415 16.32 28.57 -8.94
N LEU D 416 16.28 28.08 -7.71
CA LEU D 416 17.48 28.03 -6.87
C LEU D 416 18.30 26.80 -7.22
N PRO D 417 19.63 26.95 -7.20
CA PRO D 417 20.54 25.79 -7.30
C PRO D 417 20.67 25.02 -6.00
N ALA D 418 21.10 23.76 -6.11
CA ALA D 418 21.25 22.84 -4.97
C ALA D 418 22.23 23.38 -3.97
N CYS D 419 21.82 23.44 -2.70
CA CYS D 419 22.60 24.11 -1.64
C CYS D 419 23.89 23.36 -1.29
N ALA D 420 23.90 22.04 -1.57
CA ALA D 420 25.05 21.11 -1.43
C ALA D 420 25.45 20.70 0.03
N LYS D 421 25.57 21.69 0.91
CA LYS D 421 25.95 21.52 2.30
C LYS D 421 24.85 21.87 3.31
N GLY D 422 23.75 22.48 2.88
CA GLY D 422 22.77 23.13 3.81
C GLY D 422 21.51 22.34 4.17
N CYS D 423 21.41 21.07 3.78
CA CYS D 423 20.21 20.28 4.04
C CYS D 423 20.54 18.84 3.90
N ASP D 424 19.63 17.98 4.39
CA ASP D 424 19.81 16.51 4.42
C ASP D 424 19.87 15.81 3.07
N HIS D 425 19.00 16.16 2.12
CA HIS D 425 19.04 15.49 0.83
C HIS D 425 20.34 15.81 0.06
N CYS D 426 20.75 17.08 0.07
CA CYS D 426 22.06 17.45 -0.53
C CYS D 426 23.28 16.76 0.12
N GLN D 427 23.27 16.62 1.45
CA GLN D 427 24.35 15.99 2.18
C GLN D 427 24.44 14.49 1.89
N ASN D 428 23.30 13.78 1.77
CA ASN D 428 23.33 12.34 1.57
C ASN D 428 22.04 11.86 0.94
N PRO D 429 21.94 12.03 -0.39
CA PRO D 429 20.72 11.71 -1.14
C PRO D 429 20.21 10.28 -0.93
N THR D 430 21.13 9.31 -0.83
CA THR D 430 20.72 7.91 -0.65
C THR D 430 20.12 7.63 0.74
N ALA D 431 20.63 8.28 1.78
CA ALA D 431 20.05 8.13 3.09
C ALA D 431 18.56 8.53 3.06
N VAL D 432 18.29 9.67 2.41
CA VAL D 432 16.94 10.28 2.39
C VAL D 432 15.98 9.37 1.65
N ARG D 433 16.44 8.84 0.50
CA ARG D 433 15.67 7.79 -0.20
C ARG D 433 15.38 6.59 0.72
N ARG D 434 16.36 6.07 1.46
CA ARG D 434 16.13 4.89 2.31
C ARG D 434 15.08 5.16 3.41
N ARG D 435 15.20 6.32 4.06
N ARG D 435 15.18 6.33 4.04
CA ARG D 435 14.25 6.78 5.08
CA ARG D 435 14.25 6.73 5.10
C ARG D 435 12.83 6.83 4.53
C ARG D 435 12.82 6.87 4.56
N LEU D 436 12.69 7.33 3.30
CA LEU D 436 11.38 7.37 2.63
C LEU D 436 10.85 5.95 2.35
N GLU D 437 11.68 5.01 1.87
CA GLU D 437 11.25 3.58 1.73
C GLU D 437 10.87 2.95 3.10
N ALA D 438 11.55 3.34 4.16
CA ALA D 438 11.15 2.83 5.46
C ALA D 438 9.75 3.37 5.83
N LEU D 439 9.46 4.63 5.48
CA LEU D 439 8.15 5.25 5.80
C LEU D 439 6.99 4.53 5.14
N GLU D 440 7.13 4.21 3.86
CA GLU D 440 6.19 3.33 3.14
C GLU D 440 6.06 1.93 3.79
N ARG D 441 7.18 1.29 4.07
CA ARG D 441 7.20 -0.02 4.75
C ARG D 441 6.54 -0.02 6.15
N SER D 442 6.50 1.11 6.84
CA SER D 442 5.91 1.15 8.20
C SER D 442 4.40 0.90 8.27
N SER D 443 3.70 1.09 7.14
CA SER D 443 2.27 0.79 7.04
C SER D 443 1.91 -0.35 6.09
N SER D 444 2.82 -1.33 5.92
CA SER D 444 2.58 -2.48 5.02
C SER D 444 2.02 -3.66 5.81
N TRP D 445 1.77 -4.79 5.12
CA TRP D 445 1.25 -6.03 5.73
C TRP D 445 2.37 -6.89 6.28
MG MG E . 24.05 -21.46 15.02
ZN ZN F . 2.07 0.81 24.06
PB ADP G . 20.51 -21.37 14.77
O1B ADP G . 19.80 -20.21 14.10
O2B ADP G . 20.26 -21.28 16.25
O3B ADP G . 21.95 -21.64 14.39
PA ADP G . 20.32 -24.09 13.64
O1A ADP G . 20.89 -23.94 12.26
O2A ADP G . 21.17 -24.80 14.64
O3A ADP G . 19.70 -22.71 14.28
O5' ADP G . 18.91 -24.82 13.39
C5' ADP G . 18.05 -25.27 14.43
C4' ADP G . 17.35 -26.56 13.97
O4' ADP G . 16.38 -26.27 12.94
C3' ADP G . 18.29 -27.61 13.37
O3' ADP G . 18.04 -28.91 13.93
C2' ADP G . 17.96 -27.66 11.88
O2' ADP G . 18.06 -28.95 11.29
C1' ADP G . 16.53 -27.19 11.84
N9 ADP G . 16.15 -26.61 10.51
C8 ADP G . 16.87 -25.81 9.72
N7 ADP G . 16.22 -25.51 8.57
C5 ADP G . 15.04 -26.12 8.60
C6 ADP G . 13.86 -26.21 7.70
N6 ADP G . 13.82 -25.57 6.53
N1 ADP G . 12.81 -26.95 8.10
C2 ADP G . 12.81 -27.60 9.29
N3 ADP G . 13.85 -27.58 10.14
C4 ADP G . 14.99 -26.86 9.87
S DMS H . 10.04 -22.28 33.49
O DMS H . 10.33 -23.38 34.44
C1 DMS H . 10.78 -22.52 31.94
C2 DMS H . 8.39 -22.43 33.07
C1 6SV I . 19.71 -9.93 22.07
C2 6SV I . 19.64 -11.28 22.76
C3 6SV I . 19.37 -12.43 21.78
C4 6SV I . 18.09 -12.26 20.97
C5 6SV I . 17.68 -10.82 20.88
C6 6SV I . 18.94 -9.98 20.76
N1 6SV I . 17.01 -13.09 21.51
C7 6SV I . 15.76 -13.19 20.97
O1 6SV I . 15.28 -12.29 20.27
N2 6SV I . 15.02 -14.30 21.18
C8 6SV I . 14.68 -14.74 22.53
C9 6SV I . 14.78 -16.25 22.71
C10 6SV I . 16.16 -16.79 23.06
C11 6SV I . 15.89 -18.04 23.86
C12 6SV I . 14.50 -17.92 24.40
O2 6SV I . 13.96 -16.75 23.77
MG MG J . 3.34 -22.75 -41.16
PB ADP K . 6.34 -22.92 -39.01
O1B ADP K . 5.42 -22.18 -39.95
O2B ADP K . 5.60 -23.86 -38.09
O3B ADP K . 7.52 -23.60 -39.67
PA ADP K . 6.53 -20.28 -37.95
O1A ADP K . 5.14 -20.35 -37.35
O2A ADP K . 6.70 -19.49 -39.22
O3A ADP K . 7.11 -21.79 -38.13
O5' ADP K . 7.60 -19.70 -36.88
C5' ADP K . 7.50 -19.79 -35.46
C4' ADP K . 8.32 -18.67 -34.79
O4' ADP K . 9.69 -18.69 -35.24
C3' ADP K . 7.75 -17.29 -35.13
O3' ADP K . 7.09 -16.72 -33.99
C2' ADP K . 8.93 -16.48 -35.62
O2' ADP K . 9.02 -15.18 -35.02
C1' ADP K . 10.16 -17.34 -35.30
N9 ADP K . 11.28 -17.07 -36.27
C8 ADP K . 11.24 -17.11 -37.61
N7 ADP K . 12.45 -16.79 -38.15
C5 ADP K . 13.30 -16.55 -37.15
C6 ADP K . 14.73 -16.14 -36.99
N6 ADP K . 15.55 -15.95 -38.05
N1 ADP K . 15.22 -15.99 -35.74
C2 ADP K . 14.45 -16.18 -34.65
N3 ADP K . 13.15 -16.54 -34.72
C4 ADP K . 12.52 -16.73 -35.91
ZN ZN L . 21.33 -48.08 -36.62
S DMS M . 6.57 -35.07 -40.21
O DMS M . 5.61 -34.40 -39.29
C1 DMS M . 7.73 -35.81 -39.18
C2 DMS M . 5.68 -36.36 -40.85
MG MG N . -25.72 0.21 6.77
ZN ZN O . -44.24 25.71 16.24
PB ADP P . -29.43 0.51 6.82
O1B ADP P . -30.11 1.80 6.46
O2B ADP P . -28.13 0.26 6.09
O3B ADP P . -29.36 0.31 8.31
PA ADP P . -30.07 -1.97 5.51
O1A ADP P . -29.36 -1.85 4.18
O2A ADP P . -29.45 -2.69 6.69
O3A ADP P . -30.51 -0.55 6.18
O5' ADP P . -31.50 -2.62 5.16
C5' ADP P . -32.34 -3.24 6.15
C4' ADP P . -33.33 -4.12 5.41
O4' ADP P . -34.06 -3.33 4.47
C3' ADP P . -32.65 -5.21 4.59
O3' ADP P . -32.84 -6.48 5.20
C2' ADP P . -33.28 -5.14 3.21
O2' ADP P . -33.78 -6.40 2.77
C1' ADP P . -34.44 -4.14 3.36
N9 ADP P . -34.70 -3.40 2.10
C8 ADP P . -33.80 -2.66 1.40
N7 ADP P . -34.36 -2.13 0.28
C5 ADP P . -35.65 -2.52 0.26
C6 ADP P . -36.80 -2.31 -0.63
N6 ADP P . -36.67 -1.55 -1.75
N1 ADP P . -37.97 -2.89 -0.31
C2 ADP P . -38.13 -3.65 0.80
N3 ADP P . -37.12 -3.88 1.66
C4 ADP P . -35.87 -3.36 1.44
MG MG Q . 4.19 50.03 0.63
ZN ZN R . 20.07 21.19 -0.09
PB ADP S . 7.59 49.24 2.35
O1B ADP S . 6.88 50.08 1.32
O2B ADP S . 8.47 48.20 1.72
O3B ADP S . 6.73 48.70 3.48
PA ADP S . 8.24 51.81 3.35
O1A ADP S . 6.93 51.79 4.12
O2A ADP S . 8.38 52.61 2.08
O3A ADP S . 8.63 50.26 3.06
O5' ADP S . 9.40 52.36 4.32
C5' ADP S . 9.16 52.54 5.72
C4' ADP S . 10.41 53.10 6.38
O4' ADP S . 11.58 52.80 5.63
C3' ADP S . 10.36 54.62 6.52
O3' ADP S . 10.15 54.92 7.90
C2' ADP S . 11.68 55.12 5.92
O2' ADP S . 12.42 56.03 6.74
C1' ADP S . 12.50 53.89 5.81
N9 ADP S . 13.49 54.05 4.71
C8 ADP S . 13.24 53.95 3.40
N7 ADP S . 14.39 54.14 2.68
C5 ADP S . 15.40 54.34 3.56
C6 ADP S . 16.87 54.61 3.48
N6 ADP S . 17.51 54.68 2.30
N1 ADP S . 17.56 54.77 4.64
C2 ADP S . 16.97 54.69 5.84
N3 ADP S . 15.64 54.46 5.98
C4 ADP S . 14.80 54.28 4.90
S DMS T . 7.93 32.25 18.96
O DMS T . 7.55 33.50 18.23
C1 DMS T . 9.30 32.62 19.92
C2 DMS T . 6.87 31.87 20.25
#